data_7BEL
#
_entry.id   7BEL
#
_cell.length_a   180.081
_cell.length_b   140.721
_cell.length_c   130.976
_cell.angle_alpha   90.000
_cell.angle_beta   124.557
_cell.angle_gamma   90.000
#
_symmetry.space_group_name_H-M   'C 1 2 1'
#
loop_
_entity.id
_entity.type
_entity.pdbx_description
1 polymer 'Spike glycoprotein'
2 polymer 'COVOX-45 heavy chain'
3 polymer 'COVOX-88 heavy chain'
4 polymer 'COVOX-88 light chain'
5 polymer 'COVOX-45 light chain'
6 branched alpha-D-mannopyranose-(1-3)-alpha-D-mannopyranose-(1-6)-[alpha-D-mannopyranose-(1-3)]beta-D-mannopyranose-(1-4)-2-acetamido-2-deoxy-beta-D-glucopyranose-(1-4)-2-acetamido-2-deoxy-beta-D-glucopyranose
7 non-polymer 'ACETATE ION'
8 non-polymer GLYCEROL
9 non-polymer 2-acetamido-2-deoxy-beta-D-glucopyranose
10 water water
#
loop_
_entity_poly.entity_id
_entity_poly.type
_entity_poly.pdbx_seq_one_letter_code
_entity_poly.pdbx_strand_id
1 'polypeptide(L)'
;ETGHHHHHHTNLCPFGEVFNATRFASVYAWNRKRISNCVADYSVLYNSASFSTFKCYGVSPTKLNDLCFTNVYADSFVIR
GDEVRQIAPGQTGKIADYNYKLPDDFTGCVIAWNSNNLDSKVGGNYNYLYRLFRKSNLKPFERDISTEIYQAGSTPCNGV
EGFNCYFPLQSYGFQPTNGVGYQPYRVVVLSFELLHAPATVCGKK
;
R,X
2 'polypeptide(L)'
;QVQLVESGGGVVQPGRSLRLSCAASGFTFSTYAMHWVRQAPGKGLEWVAVLSYDGSNKYYADSVKGRFTISRDNSKNTLY
LQMNSLRAEDTAVYYCAKGGSYAYYYYMDVWGKGTTVTVSSASTKGPSVFPLAPSSKSTSGGTAALGCLVKDYFPEPVTV
SWNSGALTSGVHTFPAVLQSSGLYSLSSVVTVPSSSLGTQTYICNVNHKPSNTKVDKKVEPKSCDK
;
A,C
3 'polypeptide(L)'
;ILFLVATATGVHSQLQLQESGPGLVKPSQTLSLTCTVSGGSISSGSYNWTWIRQPAGKGLEWIGRIYNSGSTNYNPSLKS
RVTISVDTSKNQLSLKVRSVTAADTAVYYCARHCSGGTCYPKYYYGMDVWGQGTTVTVSSASTKGPSVFPLAPSSKSTSG
GTAALGCLVKDYFPEPVTVSWNSGALTSGVHTFPAVLQSSGLYSLSSVVTVPSSSLGTQTYICNVNHKPSNTKVDKKVEP
KSCDK
;
H,E
4 'polypeptide(L)'
;ILFLVATATGSWAQSALTQPPSVSEAPRQRVTISCSGSSSNIGNNAVNWYQQFPGKAPKLLIYYDDLLPSGVSDRFSGSK
SGTSASLAISGVQSEDEADYYCAAWDDSLNVVVFGGGTKLTVLGQPKANPTVTLFPPSSEELQANKATLVCLISDFYPGA
VTVAWKADSSPVKAGVETTTPSKQSNNKYAASSYLSLTPEQWKSHRSYSCQVTHEGSTVEKTVAPTECS
;
L,F
5 'polypeptide(L)'
;ILFLVATATGVHSDIQLTQSPSSLSASVGDRVTITCQASQDISNYLNWYQQKPGKAPKLLIYDASNLETGVPSRFSGGGS
GTDFTFTITSLQPEDIATYYCQQYDNLPLTFGGGTKVDIKRTVAAPSVFIFPPSDEQLKSGTASVVCLLNNFYPREAKVQ
WKVDNALQSGNSQESVTEQDSKDSTYSLSSTLTLSKADYEKHKVYACEVTHQGLSSPVTKSFNRGEC
;
B,D
#
loop_
_chem_comp.id
_chem_comp.type
_chem_comp.name
_chem_comp.formula
ACT non-polymer 'ACETATE ION' 'C2 H3 O2 -1'
BMA D-saccharide, beta linking beta-D-mannopyranose 'C6 H12 O6'
GOL non-polymer GLYCEROL 'C3 H8 O3'
MAN D-saccharide, alpha linking alpha-D-mannopyranose 'C6 H12 O6'
NAG D-saccharide, beta linking 2-acetamido-2-deoxy-beta-D-glucopyranose 'C8 H15 N O6'
#
# COMPACT_ATOMS: atom_id res chain seq x y z
N ASN A 11 -5.56 1.63 -21.10
CA ASN A 11 -4.40 1.50 -21.97
C ASN A 11 -3.48 0.37 -21.52
N LEU A 12 -2.97 0.48 -20.30
CA LEU A 12 -2.09 -0.53 -19.71
C LEU A 12 -2.93 -1.45 -18.83
N CYS A 13 -2.70 -2.75 -18.95
CA CYS A 13 -3.59 -3.72 -18.33
C CYS A 13 -3.49 -3.66 -16.81
N PRO A 14 -4.62 -3.74 -16.10
CA PRO A 14 -4.65 -3.58 -14.64
C PRO A 14 -4.29 -4.87 -13.90
N PHE A 15 -3.08 -5.38 -14.18
CA PHE A 15 -2.64 -6.58 -13.50
C PHE A 15 -2.34 -6.34 -12.02
N GLY A 16 -2.05 -5.10 -11.63
CA GLY A 16 -1.82 -4.80 -10.24
C GLY A 16 -3.03 -5.09 -9.37
N GLU A 17 -4.22 -4.77 -9.87
CA GLU A 17 -5.43 -4.96 -9.08
C GLU A 17 -5.75 -6.43 -8.81
N VAL A 18 -5.19 -7.35 -9.60
CA VAL A 18 -5.41 -8.78 -9.38
C VAL A 18 -4.38 -9.35 -8.42
N PHE A 19 -3.10 -9.14 -8.72
CA PHE A 19 -2.05 -9.77 -7.91
C PHE A 19 -1.91 -9.09 -6.56
N ASN A 20 -1.92 -7.76 -6.54
CA ASN A 20 -1.70 -6.98 -5.33
C ASN A 20 -2.99 -6.65 -4.59
N ALA A 21 -4.11 -7.29 -4.95
CA ALA A 21 -5.37 -7.06 -4.26
C ALA A 21 -5.22 -7.28 -2.78
N THR A 22 -5.97 -6.50 -1.99
CA THR A 22 -5.84 -6.59 -0.54
C THR A 22 -6.48 -7.86 0.00
N ARG A 23 -7.62 -8.26 -0.53
CA ARG A 23 -8.34 -9.45 -0.07
C ARG A 23 -8.53 -10.42 -1.23
N PHE A 24 -8.24 -11.68 -1.00
CA PHE A 24 -8.54 -12.74 -1.95
C PHE A 24 -9.78 -13.52 -1.51
N ALA A 25 -10.29 -14.33 -2.43
CA ALA A 25 -11.52 -15.08 -2.23
C ALA A 25 -11.23 -16.53 -1.88
N SER A 26 -12.22 -17.18 -1.27
CA SER A 26 -12.15 -18.62 -1.03
C SER A 26 -12.28 -19.38 -2.34
N VAL A 27 -11.67 -20.56 -2.38
CA VAL A 27 -11.58 -21.30 -3.64
C VAL A 27 -12.96 -21.78 -4.10
N TYR A 28 -13.88 -22.06 -3.17
CA TYR A 28 -15.22 -22.47 -3.56
C TYR A 28 -15.99 -21.33 -4.22
N ALA A 29 -15.60 -20.08 -3.94
CA ALA A 29 -16.20 -18.93 -4.59
C ALA A 29 -15.11 -18.11 -5.27
N TRP A 30 -14.31 -18.78 -6.11
CA TRP A 30 -13.18 -18.12 -6.76
C TRP A 30 -13.67 -16.95 -7.60
N ASN A 31 -12.81 -15.94 -7.75
CA ASN A 31 -13.17 -14.68 -8.38
C ASN A 31 -12.56 -14.60 -9.76
N ARG A 32 -13.36 -14.20 -10.74
CA ARG A 32 -12.90 -13.97 -12.10
C ARG A 32 -12.91 -12.48 -12.41
N LYS A 33 -11.80 -11.99 -12.93
CA LYS A 33 -11.71 -10.64 -13.47
C LYS A 33 -11.48 -10.72 -14.98
N ARG A 34 -12.14 -9.84 -15.71
CA ARG A 34 -12.07 -9.79 -17.16
C ARG A 34 -11.06 -8.73 -17.58
N ILE A 35 -10.04 -9.15 -18.33
CA ILE A 35 -8.99 -8.26 -18.80
C ILE A 35 -9.23 -8.03 -20.29
N SER A 36 -9.59 -6.80 -20.65
CA SER A 36 -9.90 -6.47 -22.03
C SER A 36 -9.43 -5.06 -22.34
N ASN A 37 -9.05 -4.85 -23.61
CA ASN A 37 -8.76 -3.52 -24.16
C ASN A 37 -7.60 -2.85 -23.43
N CYS A 38 -6.44 -3.51 -23.45
CA CYS A 38 -5.27 -2.94 -22.80
C CYS A 38 -4.01 -3.64 -23.28
N VAL A 39 -2.89 -2.91 -23.21
CA VAL A 39 -1.58 -3.48 -23.46
C VAL A 39 -1.17 -4.30 -22.26
N ALA A 40 -0.96 -5.60 -22.45
CA ALA A 40 -0.66 -6.53 -21.38
C ALA A 40 0.85 -6.70 -21.25
N ASP A 41 1.42 -6.11 -20.21
CA ASP A 41 2.86 -6.23 -19.93
C ASP A 41 3.07 -7.44 -19.03
N TYR A 42 3.53 -8.54 -19.63
CA TYR A 42 3.83 -9.77 -18.91
C TYR A 42 5.28 -9.86 -18.47
N SER A 43 6.11 -8.87 -18.79
CA SER A 43 7.54 -8.95 -18.49
C SER A 43 7.81 -8.97 -16.99
N VAL A 44 7.04 -8.20 -16.21
CA VAL A 44 7.23 -8.16 -14.76
C VAL A 44 7.12 -9.57 -14.18
N LEU A 45 5.98 -10.23 -14.43
CA LEU A 45 5.77 -11.59 -13.94
C LEU A 45 6.93 -12.52 -14.33
N TYR A 46 7.47 -12.36 -15.54
CA TYR A 46 8.59 -13.18 -15.98
C TYR A 46 9.79 -13.03 -15.05
N ASN A 47 10.21 -11.79 -14.80
CA ASN A 47 11.39 -11.55 -13.96
C ASN A 47 11.09 -11.73 -12.48
N SER A 48 9.86 -11.44 -12.05
CA SER A 48 9.51 -11.46 -10.63
C SER A 48 9.86 -12.79 -9.98
N ALA A 49 10.67 -12.73 -8.92
CA ALA A 49 11.06 -13.89 -8.15
C ALA A 49 10.16 -14.14 -6.96
N SER A 50 8.98 -13.51 -6.95
CA SER A 50 8.02 -13.66 -5.86
C SER A 50 6.99 -14.75 -6.13
N PHE A 51 7.15 -15.52 -7.21
CA PHE A 51 6.19 -16.53 -7.60
C PHE A 51 6.79 -17.91 -7.35
N SER A 52 6.00 -18.78 -6.71
CA SER A 52 6.42 -20.17 -6.49
C SER A 52 6.02 -21.08 -7.63
N THR A 53 4.95 -20.74 -8.33
CA THR A 53 4.45 -21.51 -9.46
C THR A 53 4.15 -20.54 -10.60
N PHE A 54 4.73 -20.81 -11.77
CA PHE A 54 4.48 -20.03 -12.98
C PHE A 54 4.45 -21.00 -14.15
N LYS A 55 3.46 -21.88 -14.15
CA LYS A 55 3.32 -22.91 -15.17
C LYS A 55 2.27 -22.49 -16.17
N CYS A 56 2.66 -22.41 -17.44
CA CYS A 56 1.77 -22.05 -18.52
C CYS A 56 1.48 -23.28 -19.37
N TYR A 57 0.24 -23.42 -19.81
CA TYR A 57 -0.18 -24.55 -20.63
C TYR A 57 -0.66 -24.04 -21.98
N GLY A 58 -0.11 -24.59 -23.06
CA GLY A 58 -0.45 -24.17 -24.40
C GLY A 58 0.26 -22.92 -24.87
N VAL A 59 0.97 -22.22 -24.00
CA VAL A 59 1.62 -20.96 -24.36
C VAL A 59 2.90 -20.85 -23.55
N SER A 60 3.88 -20.13 -24.11
CA SER A 60 5.13 -19.92 -23.39
C SER A 60 5.16 -18.54 -22.75
N PRO A 61 5.72 -18.41 -21.54
CA PRO A 61 5.78 -17.09 -20.91
C PRO A 61 6.75 -16.15 -21.61
N THR A 62 7.85 -16.69 -22.15
CA THR A 62 8.81 -15.86 -22.87
C THR A 62 8.18 -15.23 -24.10
N LYS A 63 7.59 -16.04 -24.97
CA LYS A 63 7.03 -15.53 -26.23
C LYS A 63 5.58 -15.09 -26.05
N LEU A 64 5.36 -14.25 -25.04
CA LEU A 64 4.04 -13.76 -24.73
C LEU A 64 3.89 -12.27 -25.05
N ASN A 65 5.00 -11.57 -25.24
CA ASN A 65 4.99 -10.16 -25.57
C ASN A 65 4.93 -9.91 -27.07
N ASP A 66 4.33 -10.84 -27.81
CA ASP A 66 4.10 -10.68 -29.25
C ASP A 66 2.91 -11.54 -29.66
N LEU A 67 1.98 -11.73 -28.73
CA LEU A 67 0.80 -12.57 -28.97
C LEU A 67 -0.43 -11.79 -28.52
N CYS A 68 -1.31 -11.47 -29.47
CA CYS A 68 -2.55 -10.76 -29.19
C CYS A 68 -3.67 -11.74 -28.89
N PHE A 69 -4.56 -11.35 -27.98
CA PHE A 69 -5.72 -12.16 -27.60
C PHE A 69 -6.97 -11.30 -27.60
N THR A 70 -8.10 -11.93 -27.88
CA THR A 70 -9.37 -11.21 -27.89
C THR A 70 -9.83 -10.87 -26.47
N ASN A 71 -9.56 -11.73 -25.50
CA ASN A 71 -9.93 -11.49 -24.11
C ASN A 71 -9.03 -12.32 -23.21
N VAL A 72 -8.73 -11.76 -22.03
CA VAL A 72 -7.96 -12.45 -21.00
C VAL A 72 -8.77 -12.43 -19.72
N TYR A 73 -8.76 -13.55 -18.99
CA TYR A 73 -9.48 -13.68 -17.74
C TYR A 73 -8.52 -14.11 -16.63
N ALA A 74 -8.74 -13.57 -15.43
CA ALA A 74 -7.88 -13.82 -14.28
C ALA A 74 -8.72 -14.40 -13.16
N ASP A 75 -8.46 -15.66 -12.81
CA ASP A 75 -9.13 -16.32 -11.70
C ASP A 75 -8.20 -16.33 -10.49
N SER A 76 -8.73 -15.93 -9.34
CA SER A 76 -7.93 -15.80 -8.14
C SER A 76 -8.66 -16.39 -6.94
N PHE A 77 -7.91 -17.06 -6.08
CA PHE A 77 -8.44 -17.68 -4.88
C PHE A 77 -7.27 -17.98 -3.96
N VAL A 78 -7.55 -18.66 -2.85
CA VAL A 78 -6.52 -19.03 -1.88
C VAL A 78 -6.72 -20.50 -1.50
N ILE A 79 -5.64 -21.27 -1.59
CA ILE A 79 -5.59 -22.66 -1.17
C ILE A 79 -4.25 -22.89 -0.47
N ARG A 80 -4.05 -24.12 0.03
CA ARG A 80 -2.81 -24.47 0.69
C ARG A 80 -1.84 -25.14 -0.28
N GLY A 81 -0.55 -25.09 0.09
CA GLY A 81 0.52 -25.52 -0.80
C GLY A 81 0.28 -26.84 -1.49
N ASP A 82 -0.08 -27.87 -0.72
CA ASP A 82 -0.27 -29.23 -1.22
C ASP A 82 -1.37 -29.32 -2.25
N GLU A 83 -2.06 -28.21 -2.49
CA GLU A 83 -3.15 -28.17 -3.44
C GLU A 83 -2.83 -27.37 -4.69
N VAL A 84 -1.71 -26.64 -4.72
CA VAL A 84 -1.35 -25.86 -5.91
C VAL A 84 -1.14 -26.78 -7.11
N ARG A 85 -0.68 -28.02 -6.86
CA ARG A 85 -0.49 -28.98 -7.93
C ARG A 85 -1.80 -29.38 -8.60
N GLN A 86 -2.95 -29.18 -7.95
CA GLN A 86 -4.22 -29.55 -8.54
C GLN A 86 -4.75 -28.51 -9.51
N ILE A 87 -4.23 -27.29 -9.48
CA ILE A 87 -4.65 -26.24 -10.41
C ILE A 87 -3.90 -26.45 -11.72
N ALA A 88 -4.30 -27.48 -12.45
CA ALA A 88 -3.71 -27.84 -13.73
C ALA A 88 -4.67 -28.78 -14.44
N PRO A 89 -4.63 -28.84 -15.77
CA PRO A 89 -5.50 -29.78 -16.48
C PRO A 89 -5.15 -31.22 -16.14
N GLY A 90 -6.19 -32.07 -16.08
CA GLY A 90 -6.00 -33.47 -15.83
C GLY A 90 -5.67 -33.84 -14.40
N GLN A 91 -6.00 -32.98 -13.44
CA GLN A 91 -5.74 -33.25 -12.03
C GLN A 91 -7.02 -33.64 -11.31
N THR A 92 -6.86 -34.34 -10.19
CA THR A 92 -7.96 -34.70 -9.32
C THR A 92 -7.61 -34.34 -7.89
N GLY A 93 -8.62 -34.31 -7.04
CA GLY A 93 -8.48 -33.94 -5.65
C GLY A 93 -9.67 -33.12 -5.21
N LYS A 94 -9.62 -32.62 -3.97
CA LYS A 94 -10.75 -31.87 -3.45
C LYS A 94 -10.91 -30.53 -4.17
N ILE A 95 -9.79 -29.85 -4.46
CA ILE A 95 -9.88 -28.57 -5.15
C ILE A 95 -10.26 -28.76 -6.61
N ALA A 96 -9.66 -29.75 -7.27
CA ALA A 96 -9.92 -29.97 -8.69
C ALA A 96 -11.32 -30.53 -8.93
N ASP A 97 -11.82 -31.36 -8.02
CA ASP A 97 -13.12 -32.00 -8.21
C ASP A 97 -14.30 -31.15 -7.74
N TYR A 98 -14.11 -30.34 -6.69
CA TYR A 98 -15.23 -29.65 -6.06
C TYR A 98 -15.13 -28.13 -6.04
N ASN A 99 -13.98 -27.55 -6.40
CA ASN A 99 -13.78 -26.11 -6.23
C ASN A 99 -13.41 -25.41 -7.54
N TYR A 100 -12.35 -25.84 -8.22
CA TYR A 100 -11.87 -25.14 -9.41
C TYR A 100 -11.28 -26.16 -10.36
N LYS A 101 -11.93 -26.35 -11.52
CA LYS A 101 -11.50 -27.33 -12.51
C LYS A 101 -11.08 -26.62 -13.79
N LEU A 102 -9.89 -26.94 -14.28
CA LEU A 102 -9.37 -26.51 -15.56
C LEU A 102 -9.59 -27.59 -16.61
N PRO A 103 -10.00 -27.21 -17.82
CA PRO A 103 -10.20 -28.21 -18.88
C PRO A 103 -8.88 -28.72 -19.42
N ASP A 104 -8.95 -29.86 -20.10
CA ASP A 104 -7.75 -30.48 -20.67
C ASP A 104 -7.11 -29.57 -21.72
N ASP A 105 -7.92 -28.79 -22.43
CA ASP A 105 -7.41 -27.88 -23.45
C ASP A 105 -7.19 -26.48 -22.91
N PHE A 106 -6.90 -26.34 -21.62
CA PHE A 106 -6.66 -25.04 -21.03
C PHE A 106 -5.44 -24.39 -21.67
N THR A 107 -5.58 -23.12 -22.04
CA THR A 107 -4.49 -22.32 -22.60
C THR A 107 -4.31 -21.09 -21.72
N GLY A 108 -3.24 -21.08 -20.95
CA GLY A 108 -2.97 -19.96 -20.06
C GLY A 108 -1.91 -20.36 -19.05
N CYS A 109 -1.77 -19.52 -18.03
CA CYS A 109 -0.76 -19.70 -17.00
C CYS A 109 -1.41 -19.78 -15.63
N VAL A 110 -0.80 -20.60 -14.77
CA VAL A 110 -1.18 -20.73 -13.36
C VAL A 110 -0.04 -20.17 -12.53
N ILE A 111 -0.34 -19.14 -11.73
CA ILE A 111 0.67 -18.42 -10.95
C ILE A 111 0.29 -18.51 -9.48
N ALA A 112 1.29 -18.77 -8.63
CA ALA A 112 1.05 -18.96 -7.21
C ALA A 112 2.24 -18.47 -6.40
N TRP A 113 1.97 -18.05 -5.17
CA TRP A 113 3.01 -17.61 -4.26
C TRP A 113 2.55 -17.82 -2.83
N ASN A 114 3.51 -18.03 -1.93
CA ASN A 114 3.21 -18.27 -0.52
C ASN A 114 2.75 -16.97 0.13
N SER A 115 1.57 -17.00 0.76
CA SER A 115 1.03 -15.84 1.44
C SER A 115 0.84 -16.13 2.93
N ASN A 116 1.86 -16.72 3.56
CA ASN A 116 1.73 -17.08 4.97
C ASN A 116 1.74 -15.86 5.88
N ASN A 117 2.45 -14.80 5.50
CA ASN A 117 2.51 -13.60 6.32
C ASN A 117 1.20 -12.81 6.31
N LEU A 118 0.36 -13.02 5.31
CA LEU A 118 -0.87 -12.25 5.14
C LEU A 118 -2.13 -13.03 5.49
N ASP A 119 -2.20 -14.30 5.12
CA ASP A 119 -3.43 -15.08 5.29
C ASP A 119 -3.35 -16.03 6.48
N SER A 120 -2.54 -15.70 7.48
CA SER A 120 -2.42 -16.51 8.68
C SER A 120 -2.50 -15.61 9.91
N LYS A 121 -3.37 -15.97 10.84
CA LYS A 121 -3.39 -15.41 12.19
C LYS A 121 -2.86 -16.46 13.16
N VAL A 122 -2.36 -15.99 14.30
CA VAL A 122 -1.77 -16.90 15.28
C VAL A 122 -2.80 -17.88 15.81
N GLY A 123 -4.06 -17.45 15.90
CA GLY A 123 -5.15 -18.34 16.25
C GLY A 123 -5.75 -19.09 15.09
N GLY A 124 -5.15 -18.99 13.90
CA GLY A 124 -5.69 -19.65 12.73
C GLY A 124 -6.65 -18.78 11.94
N ASN A 125 -6.40 -18.61 10.65
CA ASN A 125 -7.31 -17.88 9.78
C ASN A 125 -8.38 -18.84 9.28
N TYR A 126 -9.64 -18.54 9.62
CA TYR A 126 -10.77 -19.39 9.26
C TYR A 126 -11.69 -18.73 8.25
N ASN A 127 -11.30 -17.59 7.67
CA ASN A 127 -12.16 -16.89 6.73
C ASN A 127 -12.22 -17.59 5.38
N TYR A 128 -11.15 -18.29 5.01
CA TYR A 128 -11.09 -19.00 3.73
C TYR A 128 -11.72 -20.38 3.86
N LEU A 129 -12.62 -20.70 2.94
CA LEU A 129 -13.32 -21.98 2.91
C LEU A 129 -12.93 -22.78 1.68
N TYR A 130 -13.33 -24.05 1.68
CA TYR A 130 -13.19 -24.90 0.51
C TYR A 130 -14.26 -25.99 0.56
N ARG A 131 -14.67 -26.45 -0.61
CA ARG A 131 -15.74 -27.42 -0.70
C ARG A 131 -15.21 -28.84 -0.45
N LEU A 132 -15.93 -29.59 0.37
CA LEU A 132 -15.51 -30.91 0.83
C LEU A 132 -16.32 -32.05 0.23
N PHE A 133 -17.63 -31.86 0.04
CA PHE A 133 -18.50 -32.89 -0.49
C PHE A 133 -19.30 -32.36 -1.68
N ARG A 134 -19.53 -33.22 -2.67
CA ARG A 134 -20.36 -32.87 -3.81
C ARG A 134 -20.83 -34.15 -4.50
N LYS A 135 -22.06 -34.12 -5.01
CA LYS A 135 -22.62 -35.29 -5.69
C LYS A 135 -21.84 -35.65 -6.96
N SER A 136 -21.12 -34.70 -7.55
CA SER A 136 -20.43 -34.94 -8.80
C SER A 136 -19.22 -34.01 -8.89
N ASN A 137 -18.33 -34.30 -9.83
CA ASN A 137 -17.20 -33.43 -10.09
C ASN A 137 -17.66 -32.16 -10.77
N LEU A 138 -16.88 -31.09 -10.58
CA LEU A 138 -17.14 -29.84 -11.29
C LEU A 138 -16.72 -29.95 -12.75
N LYS A 139 -17.54 -29.39 -13.63
CA LYS A 139 -17.13 -29.19 -15.01
C LYS A 139 -16.08 -28.08 -15.07
N PRO A 140 -15.32 -28.01 -16.16
CA PRO A 140 -14.31 -26.95 -16.26
C PRO A 140 -14.93 -25.57 -16.10
N PHE A 141 -14.27 -24.73 -15.30
CA PHE A 141 -14.67 -23.33 -15.10
C PHE A 141 -16.10 -23.23 -14.57
N GLU A 142 -16.47 -24.16 -13.69
CA GLU A 142 -17.74 -24.13 -13.00
C GLU A 142 -17.53 -23.58 -11.60
N ARG A 143 -18.49 -22.78 -11.13
CA ARG A 143 -18.48 -22.25 -9.76
C ARG A 143 -19.70 -22.78 -9.03
N ASP A 144 -19.47 -23.37 -7.86
CA ASP A 144 -20.51 -23.82 -6.96
C ASP A 144 -20.36 -23.04 -5.66
N ILE A 145 -21.37 -22.26 -5.30
CA ILE A 145 -21.38 -21.51 -4.04
C ILE A 145 -22.55 -21.91 -3.15
N SER A 146 -23.29 -22.94 -3.51
CA SER A 146 -24.41 -23.38 -2.69
C SER A 146 -23.91 -24.04 -1.40
N THR A 147 -24.67 -23.85 -0.33
CA THR A 147 -24.35 -24.43 0.97
C THR A 147 -25.41 -25.43 1.41
N GLU A 148 -25.97 -26.17 0.45
CA GLU A 148 -26.98 -27.18 0.77
C GLU A 148 -26.32 -28.36 1.48
N ILE A 149 -27.07 -28.95 2.41
CA ILE A 149 -26.56 -30.08 3.19
C ILE A 149 -26.35 -31.27 2.28
N TYR A 150 -25.11 -31.73 2.19
CA TYR A 150 -24.77 -32.86 1.33
C TYR A 150 -25.35 -34.14 1.90
N GLN A 151 -26.26 -34.76 1.15
CA GLN A 151 -26.85 -36.04 1.52
C GLN A 151 -26.00 -37.16 0.93
N ALA A 152 -25.37 -37.94 1.81
CA ALA A 152 -24.49 -39.03 1.38
C ALA A 152 -25.14 -40.40 1.42
N GLY A 153 -26.38 -40.49 1.89
CA GLY A 153 -26.98 -41.80 2.09
C GLY A 153 -28.46 -41.90 1.77
N SER A 154 -29.09 -42.94 2.28
CA SER A 154 -30.50 -43.23 2.00
C SER A 154 -31.42 -42.14 2.52
N THR A 155 -31.60 -42.09 3.84
CA THR A 155 -32.53 -41.13 4.44
C THR A 155 -32.11 -39.70 4.11
N PRO A 156 -33.04 -38.82 3.77
CA PRO A 156 -32.68 -37.46 3.36
C PRO A 156 -32.27 -36.61 4.55
N CYS A 157 -31.72 -35.45 4.23
CA CYS A 157 -31.39 -34.42 5.21
C CYS A 157 -32.37 -33.27 5.07
N ASN A 158 -32.75 -32.66 6.20
CA ASN A 158 -33.75 -31.60 6.24
C ASN A 158 -33.12 -30.25 6.58
N GLY A 159 -31.96 -29.96 5.99
CA GLY A 159 -31.26 -28.73 6.29
C GLY A 159 -30.39 -28.79 7.53
N VAL A 160 -30.41 -29.90 8.25
CA VAL A 160 -29.61 -30.07 9.46
C VAL A 160 -28.61 -31.20 9.21
N GLU A 161 -27.42 -31.05 9.77
CA GLU A 161 -26.43 -32.12 9.67
C GLU A 161 -26.83 -33.29 10.56
N GLY A 162 -26.32 -34.47 10.20
CA GLY A 162 -26.67 -35.68 10.93
C GLY A 162 -26.02 -36.91 10.36
N PHE A 163 -26.69 -38.05 10.47
CA PHE A 163 -26.15 -39.29 9.93
C PHE A 163 -26.17 -39.24 8.41
N ASN A 164 -24.99 -39.43 7.79
CA ASN A 164 -24.82 -39.31 6.34
C ASN A 164 -25.33 -37.97 5.82
N CYS A 165 -25.20 -36.94 6.65
CA CYS A 165 -25.64 -35.58 6.31
C CYS A 165 -24.53 -34.62 6.75
N TYR A 166 -23.77 -34.13 5.78
CA TYR A 166 -22.59 -33.32 6.03
C TYR A 166 -22.85 -31.87 5.64
N PHE A 167 -21.90 -31.00 5.99
CA PHE A 167 -21.90 -29.62 5.51
C PHE A 167 -20.82 -29.45 4.47
N PRO A 168 -21.16 -28.96 3.28
CA PRO A 168 -20.22 -29.06 2.14
C PRO A 168 -18.97 -28.22 2.30
N LEU A 169 -19.03 -27.11 3.03
CA LEU A 169 -17.90 -26.20 3.13
C LEU A 169 -17.10 -26.45 4.39
N GLN A 170 -15.78 -26.40 4.26
CA GLN A 170 -14.84 -26.52 5.37
C GLN A 170 -13.81 -25.40 5.28
N SER A 171 -13.26 -25.04 6.42
CA SER A 171 -12.29 -23.96 6.51
C SER A 171 -10.88 -24.52 6.66
N TYR A 172 -9.91 -23.75 6.19
CA TYR A 172 -8.51 -24.08 6.39
C TYR A 172 -8.06 -23.65 7.79
N GLY A 173 -6.95 -24.23 8.24
CA GLY A 173 -6.37 -23.82 9.51
C GLY A 173 -5.62 -22.51 9.37
N PHE A 174 -4.53 -22.55 8.61
CA PHE A 174 -3.68 -21.38 8.34
C PHE A 174 -3.19 -20.75 9.65
N GLN A 175 -2.26 -21.46 10.28
CA GLN A 175 -1.50 -21.00 11.43
C GLN A 175 -0.04 -20.77 11.01
N PRO A 176 0.59 -19.70 11.47
CA PRO A 176 1.96 -19.39 11.01
C PRO A 176 2.95 -20.52 11.20
N THR A 177 2.76 -21.39 12.20
CA THR A 177 3.69 -22.47 12.49
C THR A 177 3.54 -23.67 11.56
N ASN A 178 2.47 -23.73 10.75
CA ASN A 178 2.27 -24.87 9.86
C ASN A 178 3.46 -25.04 8.91
N GLY A 179 3.63 -26.26 8.42
CA GLY A 179 4.62 -26.51 7.40
C GLY A 179 4.22 -25.91 6.07
N VAL A 180 5.21 -25.81 5.18
CA VAL A 180 5.01 -25.17 3.88
C VAL A 180 3.82 -25.78 3.15
N GLY A 181 3.69 -27.11 3.21
CA GLY A 181 2.62 -27.79 2.50
C GLY A 181 1.22 -27.49 3.03
N TYR A 182 1.12 -26.95 4.23
CA TYR A 182 -0.16 -26.58 4.83
C TYR A 182 -0.35 -25.07 4.95
N GLN A 183 0.62 -24.27 4.49
CA GLN A 183 0.53 -22.82 4.56
C GLN A 183 -0.30 -22.27 3.40
N PRO A 184 -0.94 -21.11 3.58
CA PRO A 184 -1.80 -20.57 2.53
C PRO A 184 -1.01 -20.10 1.32
N TYR A 185 -1.63 -20.26 0.15
CA TYR A 185 -1.06 -19.83 -1.12
C TYR A 185 -2.12 -19.08 -1.92
N ARG A 186 -1.70 -17.99 -2.56
CA ARG A 186 -2.58 -17.19 -3.42
C ARG A 186 -2.34 -17.55 -4.88
N VAL A 187 -3.41 -17.85 -5.60
CA VAL A 187 -3.34 -18.36 -6.96
C VAL A 187 -3.97 -17.35 -7.91
N VAL A 188 -3.32 -17.11 -9.04
CA VAL A 188 -3.86 -16.33 -10.13
C VAL A 188 -3.77 -17.17 -11.40
N VAL A 189 -4.93 -17.50 -11.98
CA VAL A 189 -4.99 -18.33 -13.17
C VAL A 189 -5.37 -17.44 -14.35
N LEU A 190 -4.40 -17.10 -15.18
CA LEU A 190 -4.64 -16.32 -16.39
C LEU A 190 -4.96 -17.27 -17.54
N SER A 191 -6.17 -17.18 -18.07
CA SER A 191 -6.59 -17.96 -19.22
C SER A 191 -6.86 -17.02 -20.40
N PHE A 192 -6.42 -17.41 -21.58
CA PHE A 192 -6.51 -16.59 -22.78
C PHE A 192 -7.49 -17.24 -23.76
N GLU A 193 -8.40 -16.43 -24.30
CA GLU A 193 -9.32 -16.91 -25.32
C GLU A 193 -9.05 -16.19 -26.64
N LEU A 194 -9.12 -16.94 -27.73
CA LEU A 194 -8.86 -16.42 -29.06
C LEU A 194 -10.02 -16.84 -29.96
N LEU A 195 -10.87 -15.88 -30.30
CA LEU A 195 -11.97 -16.11 -31.22
C LEU A 195 -11.57 -15.62 -32.60
N HIS A 196 -12.46 -15.80 -33.58
CA HIS A 196 -12.28 -15.18 -34.89
C HIS A 196 -12.75 -13.72 -34.83
N ALA A 197 -12.07 -12.97 -33.99
CA ALA A 197 -12.49 -11.62 -33.61
C ALA A 197 -11.28 -10.72 -33.49
N PRO A 198 -11.48 -9.40 -33.58
CA PRO A 198 -10.37 -8.46 -33.33
C PRO A 198 -9.81 -8.63 -31.92
N ALA A 199 -8.49 -8.52 -31.83
CA ALA A 199 -7.78 -8.73 -30.56
C ALA A 199 -7.64 -7.41 -29.82
N THR A 200 -8.21 -7.34 -28.62
CA THR A 200 -8.16 -6.15 -27.78
C THR A 200 -7.07 -6.19 -26.73
N VAL A 201 -6.57 -7.37 -26.38
CA VAL A 201 -5.53 -7.54 -25.38
C VAL A 201 -4.27 -8.02 -26.11
N CYS A 202 -3.28 -7.15 -26.22
CA CYS A 202 -2.01 -7.47 -26.84
C CYS A 202 -0.90 -7.30 -25.82
N GLY A 203 0.21 -8.01 -26.05
CA GLY A 203 1.35 -7.95 -25.16
C GLY A 203 2.42 -6.97 -25.63
N LYS A 204 3.12 -6.38 -24.67
CA LYS A 204 4.21 -5.45 -24.95
C LYS A 204 4.98 -5.12 -23.67
N GLN B 1 -15.28 -11.69 -35.05
CA GLN B 1 -16.62 -11.53 -35.57
C GLN B 1 -17.47 -12.77 -35.28
N VAL B 2 -17.82 -12.94 -34.01
CA VAL B 2 -18.76 -13.99 -33.63
C VAL B 2 -20.12 -13.67 -34.21
N GLN B 3 -20.73 -14.67 -34.86
CA GLN B 3 -22.00 -14.49 -35.54
C GLN B 3 -23.04 -15.38 -34.88
N LEU B 4 -24.20 -14.81 -34.59
CA LEU B 4 -25.33 -15.52 -33.99
C LEU B 4 -26.56 -15.18 -34.81
N VAL B 5 -27.07 -16.16 -35.54
CA VAL B 5 -28.19 -15.96 -36.46
C VAL B 5 -29.38 -16.73 -35.91
N GLU B 6 -30.38 -16.00 -35.44
CA GLU B 6 -31.61 -16.60 -34.95
C GLU B 6 -32.58 -16.87 -36.08
N SER B 7 -33.47 -17.83 -35.86
CA SER B 7 -34.51 -18.17 -36.82
C SER B 7 -35.59 -18.96 -36.09
N GLY B 8 -36.66 -19.26 -36.81
CA GLY B 8 -37.79 -19.94 -36.24
C GLY B 8 -38.80 -19.04 -35.57
N GLY B 9 -38.64 -17.71 -35.69
CA GLY B 9 -39.57 -16.78 -35.06
C GLY B 9 -40.71 -16.42 -35.99
N GLY B 10 -41.92 -16.34 -35.43
CA GLY B 10 -43.08 -15.97 -36.20
C GLY B 10 -44.35 -15.94 -35.37
N VAL B 11 -45.48 -16.22 -35.99
CA VAL B 11 -46.76 -16.27 -35.32
C VAL B 11 -46.96 -17.67 -34.73
N VAL B 12 -47.71 -17.73 -33.63
CA VAL B 12 -48.07 -18.99 -33.00
C VAL B 12 -49.27 -18.73 -32.10
N GLN B 13 -50.27 -19.61 -32.16
CA GLN B 13 -51.45 -19.43 -31.35
C GLN B 13 -51.20 -19.92 -29.93
N PRO B 14 -51.97 -19.42 -28.96
CA PRO B 14 -51.77 -19.85 -27.56
C PRO B 14 -51.98 -21.36 -27.43
N GLY B 15 -51.18 -21.97 -26.56
CA GLY B 15 -51.21 -23.40 -26.36
C GLY B 15 -50.37 -24.21 -27.33
N ARG B 16 -49.97 -23.61 -28.45
CA ARG B 16 -49.15 -24.31 -29.43
C ARG B 16 -47.67 -24.26 -29.02
N SER B 17 -46.81 -24.80 -29.88
CA SER B 17 -45.40 -24.90 -29.61
C SER B 17 -44.59 -24.25 -30.72
N LEU B 18 -43.34 -23.89 -30.39
CA LEU B 18 -42.44 -23.29 -31.35
C LEU B 18 -41.01 -23.69 -31.00
N ARG B 19 -40.16 -23.74 -32.02
CA ARG B 19 -38.77 -24.15 -31.87
C ARG B 19 -37.88 -23.10 -32.51
N LEU B 20 -37.12 -22.37 -31.70
CA LEU B 20 -36.16 -21.40 -32.21
C LEU B 20 -34.82 -22.09 -32.46
N SER B 21 -33.99 -21.43 -33.27
CA SER B 21 -32.67 -21.98 -33.59
C SER B 21 -31.67 -20.84 -33.71
N CYS B 22 -30.48 -21.05 -33.15
CA CYS B 22 -29.38 -20.11 -33.20
C CYS B 22 -28.18 -20.78 -33.84
N ALA B 23 -27.62 -20.14 -34.87
CA ALA B 23 -26.54 -20.73 -35.68
C ALA B 23 -25.26 -19.94 -35.41
N ALA B 24 -24.40 -20.49 -34.55
CA ALA B 24 -23.19 -19.81 -34.11
C ALA B 24 -22.03 -20.03 -35.07
N SER B 25 -21.19 -19.01 -35.21
CA SER B 25 -20.05 -19.08 -36.11
C SER B 25 -18.95 -18.16 -35.60
N GLY B 26 -17.71 -18.50 -35.97
CA GLY B 26 -16.56 -17.71 -35.58
C GLY B 26 -16.01 -17.99 -34.20
N PHE B 27 -16.29 -19.16 -33.64
CA PHE B 27 -15.69 -19.62 -32.39
C PHE B 27 -16.07 -21.07 -32.16
N THR B 28 -15.24 -21.78 -31.40
CA THR B 28 -15.50 -23.18 -31.09
C THR B 28 -16.77 -23.31 -30.26
N PHE B 29 -17.92 -23.42 -30.93
CA PHE B 29 -19.22 -23.46 -30.26
C PHE B 29 -19.30 -24.60 -29.26
N SER B 30 -18.58 -25.69 -29.50
CA SER B 30 -18.68 -26.87 -28.65
C SER B 30 -18.16 -26.61 -27.23
N THR B 31 -17.17 -25.74 -27.08
CA THR B 31 -16.61 -25.50 -25.75
C THR B 31 -17.45 -24.53 -24.94
N TYR B 32 -18.00 -23.50 -25.58
CA TYR B 32 -18.66 -22.45 -24.82
C TYR B 32 -20.09 -22.84 -24.42
N ALA B 33 -20.62 -22.08 -23.46
CA ALA B 33 -21.98 -22.22 -22.96
C ALA B 33 -22.88 -21.22 -23.68
N MET B 34 -24.18 -21.54 -23.73
CA MET B 34 -25.11 -20.78 -24.55
C MET B 34 -26.31 -20.31 -23.74
N HIS B 35 -26.78 -19.11 -24.10
CA HIS B 35 -27.84 -18.42 -23.38
C HIS B 35 -29.03 -18.16 -24.31
N TRP B 36 -30.20 -17.95 -23.68
CA TRP B 36 -31.38 -17.43 -24.35
C TRP B 36 -31.93 -16.28 -23.52
N VAL B 37 -32.15 -15.13 -24.15
CA VAL B 37 -32.69 -13.94 -23.49
C VAL B 37 -33.84 -13.40 -24.32
N ARG B 38 -34.89 -12.93 -23.66
CA ARG B 38 -36.03 -12.34 -24.36
C ARG B 38 -36.31 -10.95 -23.79
N GLN B 39 -37.12 -10.20 -24.54
CA GLN B 39 -37.56 -8.87 -24.11
C GLN B 39 -38.93 -8.62 -24.71
N ALA B 40 -39.95 -8.58 -23.85
CA ALA B 40 -41.31 -8.36 -24.30
C ALA B 40 -41.51 -6.89 -24.69
N PRO B 41 -42.51 -6.59 -25.51
CA PRO B 41 -42.71 -5.20 -25.95
C PRO B 41 -42.97 -4.26 -24.79
N GLY B 42 -42.20 -3.18 -24.72
CA GLY B 42 -42.29 -2.19 -23.66
C GLY B 42 -41.72 -2.61 -22.33
N LYS B 43 -41.12 -3.79 -22.24
CA LYS B 43 -40.61 -4.33 -20.98
C LYS B 43 -39.09 -4.36 -21.00
N GLY B 44 -38.51 -4.78 -19.87
CA GLY B 44 -37.08 -4.89 -19.74
C GLY B 44 -36.57 -6.29 -20.04
N LEU B 45 -35.26 -6.45 -19.92
CA LEU B 45 -34.61 -7.68 -20.31
C LEU B 45 -34.90 -8.79 -19.31
N GLU B 46 -35.02 -10.02 -19.83
CA GLU B 46 -35.34 -11.19 -19.01
C GLU B 46 -34.55 -12.39 -19.49
N TRP B 47 -33.71 -12.92 -18.61
CA TRP B 47 -32.92 -14.11 -18.92
C TRP B 47 -33.80 -15.36 -18.92
N VAL B 48 -33.66 -16.18 -19.95
CA VAL B 48 -34.55 -17.34 -20.13
C VAL B 48 -33.89 -18.63 -19.67
N ALA B 49 -32.75 -18.99 -20.27
CA ALA B 49 -32.13 -20.28 -19.99
C ALA B 49 -30.65 -20.24 -20.36
N VAL B 50 -29.92 -21.25 -19.89
CA VAL B 50 -28.51 -21.41 -20.21
C VAL B 50 -28.20 -22.90 -20.29
N LEU B 51 -27.18 -23.24 -21.09
CA LEU B 51 -26.73 -24.61 -21.24
C LEU B 51 -25.21 -24.67 -21.15
N SER B 52 -24.69 -25.81 -20.69
CA SER B 52 -23.26 -26.01 -20.53
C SER B 52 -22.64 -26.42 -21.86
N TYR B 53 -21.33 -26.70 -21.83
CA TYR B 53 -20.59 -27.00 -23.06
C TYR B 53 -21.06 -28.28 -23.74
N ASP B 54 -21.49 -29.28 -22.96
CA ASP B 54 -21.85 -30.57 -23.50
C ASP B 54 -23.35 -30.81 -23.58
N GLY B 55 -24.15 -29.86 -23.11
CA GLY B 55 -25.58 -30.04 -23.07
C GLY B 55 -26.11 -30.78 -21.86
N SER B 56 -25.24 -31.12 -20.91
CA SER B 56 -25.65 -31.96 -19.78
C SER B 56 -26.42 -31.18 -18.73
N ASN B 57 -26.02 -29.95 -18.45
CA ASN B 57 -26.63 -29.13 -17.41
C ASN B 57 -27.38 -27.95 -18.02
N LYS B 58 -28.65 -27.81 -17.68
CA LYS B 58 -29.50 -26.73 -18.15
C LYS B 58 -30.14 -26.05 -16.95
N TYR B 59 -30.27 -24.72 -17.02
CA TYR B 59 -30.89 -23.92 -15.97
C TYR B 59 -31.85 -22.93 -16.61
N TYR B 60 -33.03 -22.81 -16.05
CA TYR B 60 -34.10 -21.99 -16.60
C TYR B 60 -34.49 -20.89 -15.63
N ALA B 61 -35.55 -20.16 -15.98
CA ALA B 61 -36.17 -19.18 -15.12
C ALA B 61 -37.58 -19.63 -14.75
N ASP B 62 -38.02 -19.26 -13.54
CA ASP B 62 -39.32 -19.70 -13.05
C ASP B 62 -40.45 -19.32 -14.00
N SER B 63 -40.29 -18.26 -14.78
CA SER B 63 -41.33 -17.87 -15.72
C SER B 63 -41.47 -18.86 -16.87
N VAL B 64 -40.46 -19.70 -17.12
CA VAL B 64 -40.47 -20.63 -18.23
C VAL B 64 -40.24 -22.08 -17.81
N LYS B 65 -40.08 -22.34 -16.52
CA LYS B 65 -39.74 -23.68 -16.06
C LYS B 65 -40.85 -24.68 -16.39
N GLY B 66 -40.44 -25.86 -16.85
CA GLY B 66 -41.38 -26.89 -17.22
C GLY B 66 -42.20 -26.61 -18.45
N ARG B 67 -41.90 -25.52 -19.16
CA ARG B 67 -42.67 -25.13 -20.33
C ARG B 67 -41.72 -24.89 -21.50
N PHE B 68 -40.49 -24.50 -21.20
CA PHE B 68 -39.43 -24.40 -22.20
C PHE B 68 -38.40 -25.49 -21.97
N THR B 69 -37.67 -25.81 -23.04
CA THR B 69 -36.59 -26.78 -22.99
C THR B 69 -35.48 -26.28 -23.89
N ILE B 70 -34.25 -26.28 -23.39
CA ILE B 70 -33.09 -25.83 -24.14
C ILE B 70 -32.21 -27.03 -24.45
N SER B 71 -31.72 -27.09 -25.69
CA SER B 71 -30.87 -28.17 -26.14
C SER B 71 -29.88 -27.61 -27.16
N ARG B 72 -28.95 -28.46 -27.59
CA ARG B 72 -27.94 -28.03 -28.55
C ARG B 72 -27.46 -29.23 -29.35
N ASP B 73 -26.91 -28.94 -30.53
CA ASP B 73 -26.35 -29.95 -31.42
C ASP B 73 -24.98 -29.42 -31.87
N ASN B 74 -23.94 -29.80 -31.15
CA ASN B 74 -22.60 -29.28 -31.41
C ASN B 74 -22.07 -29.69 -32.78
N SER B 75 -22.60 -30.76 -33.38
CA SER B 75 -22.20 -31.11 -34.74
C SER B 75 -22.67 -30.06 -35.74
N LYS B 76 -23.93 -29.63 -35.61
CA LYS B 76 -24.50 -28.61 -36.48
C LYS B 76 -24.21 -27.18 -36.00
N ASN B 77 -23.54 -27.03 -34.85
CA ASN B 77 -23.21 -25.71 -34.29
C ASN B 77 -24.46 -24.85 -34.15
N THR B 78 -25.54 -25.45 -33.64
CA THR B 78 -26.79 -24.74 -33.49
C THR B 78 -27.37 -24.97 -32.10
N LEU B 79 -28.03 -23.93 -31.58
CA LEU B 79 -28.65 -23.93 -30.27
C LEU B 79 -30.16 -23.87 -30.42
N TYR B 80 -30.87 -24.66 -29.62
CA TYR B 80 -32.32 -24.80 -29.74
C TYR B 80 -33.01 -24.32 -28.47
N LEU B 81 -34.28 -23.94 -28.62
CA LEU B 81 -35.15 -23.57 -27.51
C LEU B 81 -36.55 -24.04 -27.86
N GLN B 82 -36.93 -25.21 -27.35
CA GLN B 82 -38.28 -25.73 -27.56
C GLN B 82 -39.24 -25.01 -26.63
N MET B 83 -40.17 -24.26 -27.21
CA MET B 83 -41.13 -23.48 -26.43
C MET B 83 -42.49 -24.17 -26.57
N ASN B 84 -42.90 -24.87 -25.52
CA ASN B 84 -44.18 -25.56 -25.49
C ASN B 84 -45.20 -24.73 -24.72
N SER B 85 -46.46 -24.81 -25.15
CA SER B 85 -47.59 -24.15 -24.50
C SER B 85 -47.28 -22.66 -24.28
N LEU B 86 -47.17 -21.94 -25.40
CA LEU B 86 -46.79 -20.54 -25.36
C LEU B 86 -47.99 -19.68 -24.98
N ARG B 87 -47.78 -18.75 -24.05
CA ARG B 87 -48.78 -17.77 -23.67
C ARG B 87 -48.44 -16.42 -24.29
N ALA B 88 -49.34 -15.45 -24.09
CA ALA B 88 -49.12 -14.12 -24.65
C ALA B 88 -47.95 -13.42 -23.98
N GLU B 89 -47.64 -13.78 -22.72
CA GLU B 89 -46.47 -13.21 -22.06
C GLU B 89 -45.17 -13.59 -22.74
N ASP B 90 -45.16 -14.66 -23.54
CA ASP B 90 -43.95 -15.09 -24.23
C ASP B 90 -43.67 -14.28 -25.49
N THR B 91 -44.62 -13.46 -25.95
CA THR B 91 -44.39 -12.61 -27.12
C THR B 91 -43.24 -11.65 -26.85
N ALA B 92 -42.10 -11.84 -27.51
CA ALA B 92 -40.91 -11.06 -27.22
C ALA B 92 -39.92 -11.22 -28.37
N VAL B 93 -38.83 -10.48 -28.28
CA VAL B 93 -37.70 -10.61 -29.18
C VAL B 93 -36.66 -11.47 -28.47
N TYR B 94 -36.45 -12.69 -28.97
CA TYR B 94 -35.56 -13.64 -28.32
C TYR B 94 -34.16 -13.54 -28.91
N TYR B 95 -33.16 -13.40 -28.05
CA TYR B 95 -31.76 -13.40 -28.44
C TYR B 95 -31.08 -14.66 -27.90
N CYS B 96 -30.14 -15.19 -28.68
CA CYS B 96 -29.19 -16.15 -28.16
C CYS B 96 -27.89 -15.43 -27.83
N ALA B 97 -27.14 -15.98 -26.89
CA ALA B 97 -25.95 -15.30 -26.41
C ALA B 97 -24.86 -16.31 -26.09
N LYS B 98 -23.63 -15.98 -26.49
CA LYS B 98 -22.47 -16.78 -26.10
C LYS B 98 -22.20 -16.59 -24.62
N GLY B 99 -21.99 -17.69 -23.92
CA GLY B 99 -21.71 -17.68 -22.50
C GLY B 99 -20.23 -17.72 -22.21
N GLY B 100 -19.87 -18.36 -21.09
CA GLY B 100 -18.50 -18.45 -20.66
C GLY B 100 -17.78 -19.65 -21.25
N SER B 101 -16.56 -19.87 -20.76
CA SER B 101 -15.65 -20.86 -21.34
C SER B 101 -16.30 -22.23 -21.48
N TYR B 102 -16.78 -22.80 -20.38
CA TYR B 102 -17.35 -24.15 -20.40
C TYR B 102 -18.65 -24.22 -19.63
N ALA B 103 -18.56 -24.30 -18.29
CA ALA B 103 -19.72 -24.24 -17.42
C ALA B 103 -19.83 -22.90 -16.71
N TYR B 104 -19.17 -21.87 -17.25
CA TYR B 104 -19.18 -20.53 -16.66
C TYR B 104 -20.37 -19.77 -17.24
N TYR B 105 -21.54 -20.04 -16.68
CA TYR B 105 -22.77 -19.46 -17.22
C TYR B 105 -23.00 -18.03 -16.77
N TYR B 106 -21.93 -17.29 -16.46
CA TYR B 106 -22.05 -15.96 -15.90
C TYR B 106 -21.69 -14.86 -16.89
N TYR B 107 -21.37 -15.21 -18.13
CA TYR B 107 -21.07 -14.24 -19.16
C TYR B 107 -22.13 -14.27 -20.26
N MET B 108 -22.29 -13.13 -20.93
CA MET B 108 -23.16 -13.00 -22.09
C MET B 108 -22.39 -12.14 -23.10
N ASP B 109 -21.23 -12.66 -23.50
CA ASP B 109 -20.23 -11.86 -24.21
C ASP B 109 -20.80 -11.24 -25.50
N VAL B 110 -21.58 -12.01 -26.26
CA VAL B 110 -22.05 -11.57 -27.57
C VAL B 110 -23.52 -11.93 -27.72
N TRP B 111 -24.30 -11.01 -28.28
CA TRP B 111 -25.72 -11.19 -28.52
C TRP B 111 -26.01 -11.28 -30.01
N GLY B 112 -27.00 -12.10 -30.36
CA GLY B 112 -27.52 -12.12 -31.70
C GLY B 112 -28.44 -10.96 -31.99
N LYS B 113 -28.79 -10.81 -33.26
CA LYS B 113 -29.71 -9.75 -33.66
C LYS B 113 -31.12 -9.99 -33.16
N GLY B 114 -31.49 -11.24 -32.89
CA GLY B 114 -32.76 -11.57 -32.28
C GLY B 114 -33.87 -11.83 -33.26
N THR B 115 -34.66 -12.87 -33.01
CA THR B 115 -35.88 -13.14 -33.75
C THR B 115 -37.07 -12.84 -32.86
N THR B 116 -38.20 -12.51 -33.49
CA THR B 116 -39.40 -12.11 -32.77
C THR B 116 -40.44 -13.22 -32.84
N VAL B 117 -41.02 -13.54 -31.69
CA VAL B 117 -42.06 -14.55 -31.58
C VAL B 117 -43.34 -13.85 -31.13
N THR B 118 -44.42 -14.04 -31.89
CA THR B 118 -45.70 -13.37 -31.63
C THR B 118 -46.74 -14.43 -31.31
N VAL B 119 -47.24 -14.42 -30.08
CA VAL B 119 -48.22 -15.40 -29.61
C VAL B 119 -49.59 -14.74 -29.72
N SER B 120 -50.30 -15.04 -30.81
CA SER B 120 -51.62 -14.46 -31.05
C SER B 120 -52.45 -15.43 -31.86
N SER B 121 -53.77 -15.30 -31.73
CA SER B 121 -54.72 -16.10 -32.50
C SER B 121 -55.05 -15.48 -33.85
N ALA B 122 -54.44 -14.36 -34.19
CA ALA B 122 -54.67 -13.71 -35.48
C ALA B 122 -53.91 -14.43 -36.59
N SER B 123 -54.12 -13.97 -37.82
CA SER B 123 -53.49 -14.52 -39.01
C SER B 123 -52.73 -13.41 -39.72
N THR B 124 -51.69 -13.80 -40.45
CA THR B 124 -50.84 -12.82 -41.13
C THR B 124 -51.65 -12.06 -42.17
N LYS B 125 -51.71 -10.73 -42.02
CA LYS B 125 -52.46 -9.86 -42.89
C LYS B 125 -51.61 -8.67 -43.30
N GLY B 126 -51.80 -8.21 -44.54
CA GLY B 126 -51.20 -6.98 -44.99
C GLY B 126 -51.95 -5.78 -44.44
N PRO B 127 -51.31 -4.61 -44.47
CA PRO B 127 -51.94 -3.41 -43.91
C PRO B 127 -52.76 -2.63 -44.93
N SER B 128 -53.87 -2.06 -44.44
CA SER B 128 -54.60 -1.06 -45.20
C SER B 128 -53.95 0.30 -45.00
N VAL B 129 -53.70 1.00 -46.11
CA VAL B 129 -52.97 2.26 -46.09
C VAL B 129 -53.92 3.37 -46.53
N PHE B 130 -54.27 4.26 -45.60
CA PHE B 130 -55.16 5.38 -45.84
C PHE B 130 -54.42 6.71 -45.71
N PRO B 131 -54.81 7.72 -46.49
CA PRO B 131 -54.11 9.00 -46.44
C PRO B 131 -54.61 9.87 -45.30
N LEU B 132 -53.67 10.49 -44.59
CA LEU B 132 -53.99 11.57 -43.67
C LEU B 132 -53.80 12.87 -44.43
N ALA B 133 -54.91 13.42 -44.93
CA ALA B 133 -54.83 14.53 -45.86
C ALA B 133 -54.70 15.86 -45.14
N PRO B 134 -53.90 16.79 -45.68
CA PRO B 134 -53.77 18.16 -45.15
C PRO B 134 -54.96 19.03 -45.54
N GLY B 141 -52.72 28.12 -41.06
CA GLY B 141 -51.38 27.88 -40.58
C GLY B 141 -50.30 28.20 -41.59
N GLY B 142 -49.06 28.31 -41.13
CA GLY B 142 -47.95 28.59 -42.01
C GLY B 142 -47.34 27.32 -42.56
N THR B 143 -47.44 26.24 -41.79
CA THR B 143 -46.97 24.92 -42.20
C THR B 143 -48.11 23.92 -42.00
N ALA B 144 -48.12 22.89 -42.84
CA ALA B 144 -49.18 21.89 -42.82
C ALA B 144 -48.61 20.52 -42.45
N ALA B 145 -49.50 19.64 -41.99
CA ALA B 145 -49.13 18.28 -41.64
C ALA B 145 -49.98 17.30 -42.45
N LEU B 146 -49.33 16.25 -42.94
CA LEU B 146 -50.00 15.15 -43.63
C LEU B 146 -49.35 13.85 -43.22
N GLY B 147 -50.02 12.74 -43.51
CA GLY B 147 -49.49 11.46 -43.09
C GLY B 147 -50.21 10.30 -43.75
N CYS B 148 -49.91 9.10 -43.24
CA CYS B 148 -50.51 7.86 -43.71
C CYS B 148 -50.93 7.02 -42.52
N LEU B 149 -52.16 6.53 -42.55
CA LEU B 149 -52.66 5.60 -41.53
C LEU B 149 -52.46 4.18 -42.04
N VAL B 150 -51.59 3.44 -41.36
CA VAL B 150 -51.25 2.06 -41.72
C VAL B 150 -51.97 1.16 -40.72
N LYS B 151 -53.12 0.62 -41.12
CA LYS B 151 -54.07 0.01 -40.20
C LYS B 151 -54.27 -1.47 -40.51
N ASP B 152 -54.44 -2.25 -39.43
CA ASP B 152 -54.91 -3.63 -39.51
C ASP B 152 -53.93 -4.55 -40.22
N TYR B 153 -52.73 -4.70 -39.66
CA TYR B 153 -51.75 -5.66 -40.14
C TYR B 153 -51.29 -6.54 -38.99
N PHE B 154 -50.65 -7.65 -39.35
CA PHE B 154 -50.13 -8.60 -38.37
C PHE B 154 -49.18 -9.60 -39.05
N PRO B 155 -48.02 -9.91 -38.45
CA PRO B 155 -47.52 -9.30 -37.22
C PRO B 155 -46.65 -8.08 -37.50
N GLU B 156 -45.93 -7.62 -36.48
CA GLU B 156 -44.95 -6.58 -36.65
C GLU B 156 -43.76 -7.10 -37.46
N PRO B 157 -42.97 -6.22 -38.10
CA PRO B 157 -43.13 -4.77 -38.19
C PRO B 157 -43.44 -4.27 -39.61
N VAL B 158 -43.84 -3.01 -39.73
CA VAL B 158 -43.90 -2.32 -41.00
C VAL B 158 -42.82 -1.25 -41.02
N THR B 159 -42.43 -0.85 -42.24
CA THR B 159 -41.49 0.24 -42.45
C THR B 159 -42.11 1.25 -43.39
N VAL B 160 -42.10 2.52 -42.99
CA VAL B 160 -42.68 3.61 -43.76
C VAL B 160 -41.57 4.58 -44.13
N SER B 161 -41.54 4.98 -45.40
CA SER B 161 -40.67 6.05 -45.89
C SER B 161 -41.53 7.00 -46.73
N TRP B 162 -40.98 8.18 -47.00
CA TRP B 162 -41.69 9.20 -47.76
C TRP B 162 -40.90 9.58 -49.01
N ASN B 163 -41.59 9.59 -50.15
CA ASN B 163 -41.00 9.91 -51.46
C ASN B 163 -39.79 9.03 -51.74
N SER B 164 -39.92 7.74 -51.42
CA SER B 164 -38.87 6.74 -51.66
C SER B 164 -37.55 7.14 -51.01
N GLY B 165 -37.62 7.88 -49.90
CA GLY B 165 -36.44 8.28 -49.17
C GLY B 165 -35.98 9.71 -49.37
N ALA B 166 -36.63 10.46 -50.26
CA ALA B 166 -36.22 11.85 -50.50
C ALA B 166 -36.67 12.76 -49.37
N LEU B 167 -37.90 12.58 -48.88
CA LEU B 167 -38.45 13.40 -47.80
C LEU B 167 -38.12 12.73 -46.47
N THR B 168 -37.22 13.35 -45.70
CA THR B 168 -36.81 12.80 -44.41
C THR B 168 -37.00 13.83 -43.30
N SER B 169 -36.86 15.10 -43.62
CA SER B 169 -36.97 16.15 -42.61
C SER B 169 -38.42 16.27 -42.15
N GLY B 170 -38.62 16.25 -40.84
CA GLY B 170 -39.95 16.40 -40.28
C GLY B 170 -40.80 15.15 -40.29
N VAL B 171 -40.23 13.98 -40.55
CA VAL B 171 -41.00 12.73 -40.59
C VAL B 171 -41.04 12.14 -39.19
N HIS B 172 -42.24 11.75 -38.75
CA HIS B 172 -42.44 11.10 -37.46
C HIS B 172 -43.34 9.89 -37.68
N THR B 173 -42.73 8.69 -37.71
CA THR B 173 -43.47 7.44 -37.80
C THR B 173 -43.65 6.89 -36.39
N PHE B 174 -44.89 6.85 -35.92
CA PHE B 174 -45.17 6.48 -34.55
C PHE B 174 -45.08 4.96 -34.34
N PRO B 175 -44.65 4.52 -33.16
CA PRO B 175 -44.73 3.09 -32.84
C PRO B 175 -46.17 2.61 -32.89
N ALA B 176 -46.32 1.31 -33.16
CA ALA B 176 -47.63 0.72 -33.37
C ALA B 176 -48.32 0.46 -32.04
N VAL B 177 -49.65 0.58 -32.07
CA VAL B 177 -50.51 0.18 -30.97
C VAL B 177 -51.22 -1.11 -31.35
N LEU B 178 -51.43 -1.99 -30.38
CA LEU B 178 -52.12 -3.26 -30.60
C LEU B 178 -53.60 -3.08 -30.29
N GLN B 179 -54.45 -3.17 -31.31
CA GLN B 179 -55.88 -3.01 -31.13
C GLN B 179 -56.49 -4.25 -30.50
N SER B 180 -57.71 -4.09 -29.98
CA SER B 180 -58.41 -5.19 -29.32
C SER B 180 -58.71 -6.34 -30.27
N SER B 181 -58.75 -6.08 -31.57
CA SER B 181 -58.99 -7.14 -32.55
C SER B 181 -57.78 -8.05 -32.74
N GLY B 182 -56.62 -7.68 -32.21
CA GLY B 182 -55.40 -8.43 -32.38
C GLY B 182 -54.50 -7.93 -33.49
N LEU B 183 -54.96 -6.96 -34.27
CA LEU B 183 -54.16 -6.37 -35.33
C LEU B 183 -53.54 -5.05 -34.88
N TYR B 184 -52.49 -4.66 -35.57
CA TYR B 184 -51.73 -3.45 -35.23
C TYR B 184 -52.18 -2.28 -36.09
N SER B 185 -52.05 -1.08 -35.52
CA SER B 185 -52.31 0.17 -36.22
C SER B 185 -51.15 1.12 -36.02
N LEU B 186 -50.84 1.90 -37.04
CA LEU B 186 -49.67 2.78 -37.03
C LEU B 186 -49.94 3.97 -37.93
N SER B 187 -49.24 5.06 -37.65
CA SER B 187 -49.35 6.28 -38.45
C SER B 187 -47.97 6.91 -38.61
N SER B 188 -47.71 7.45 -39.80
CA SER B 188 -46.49 8.18 -40.08
C SER B 188 -46.85 9.51 -40.69
N VAL B 189 -46.39 10.60 -40.08
CA VAL B 189 -46.76 11.95 -40.50
C VAL B 189 -45.50 12.73 -40.84
N VAL B 190 -45.69 13.77 -41.65
CA VAL B 190 -44.62 14.70 -41.99
C VAL B 190 -45.23 16.10 -42.11
N THR B 191 -44.51 17.09 -41.57
CA THR B 191 -44.91 18.48 -41.68
C THR B 191 -44.21 19.12 -42.88
N VAL B 192 -44.97 19.85 -43.68
CA VAL B 192 -44.43 20.46 -44.90
C VAL B 192 -44.88 21.92 -44.97
N PRO B 193 -44.15 22.79 -45.66
CA PRO B 193 -44.64 24.15 -45.87
C PRO B 193 -45.88 24.16 -46.76
N SER B 194 -46.81 25.05 -46.44
CA SER B 194 -48.08 25.10 -47.17
C SER B 194 -47.88 25.46 -48.63
N SER B 195 -46.83 26.23 -48.94
CA SER B 195 -46.66 26.73 -50.30
C SER B 195 -46.41 25.60 -51.30
N SER B 196 -45.72 24.55 -50.88
CA SER B 196 -45.36 23.46 -51.78
C SER B 196 -46.45 22.42 -51.94
N LEU B 197 -47.62 22.61 -51.30
CA LEU B 197 -48.65 21.57 -51.31
C LEU B 197 -49.20 21.31 -52.70
N GLY B 198 -49.21 22.33 -53.56
CA GLY B 198 -49.78 22.21 -54.88
C GLY B 198 -48.78 21.94 -55.99
N THR B 199 -47.49 21.90 -55.69
CA THR B 199 -46.46 21.65 -56.70
C THR B 199 -45.43 20.64 -56.20
N GLN B 200 -45.83 19.74 -55.30
CA GLN B 200 -44.95 18.70 -54.79
C GLN B 200 -45.81 17.56 -54.26
N THR B 201 -45.71 16.40 -54.87
CA THR B 201 -46.52 15.25 -54.49
C THR B 201 -45.80 14.46 -53.40
N TYR B 202 -46.58 13.93 -52.46
CA TYR B 202 -46.06 13.17 -51.32
C TYR B 202 -46.65 11.76 -51.33
N ILE B 203 -45.79 10.76 -51.30
CA ILE B 203 -46.20 9.36 -51.29
C ILE B 203 -45.46 8.66 -50.16
N CYS B 204 -46.20 7.93 -49.33
CA CYS B 204 -45.62 7.14 -48.26
C CYS B 204 -45.45 5.71 -48.75
N ASN B 205 -44.27 5.14 -48.49
CA ASN B 205 -43.91 3.80 -48.95
C ASN B 205 -43.98 2.85 -47.77
N VAL B 206 -45.11 2.14 -47.66
CA VAL B 206 -45.33 1.17 -46.60
C VAL B 206 -44.86 -0.19 -47.08
N ASN B 207 -43.98 -0.82 -46.31
CA ASN B 207 -43.45 -2.14 -46.62
C ASN B 207 -43.72 -3.06 -45.44
N HIS B 208 -44.37 -4.19 -45.71
CA HIS B 208 -44.73 -5.17 -44.68
C HIS B 208 -44.23 -6.53 -45.15
N LYS B 209 -42.99 -6.85 -44.78
CA LYS B 209 -42.39 -8.11 -45.21
C LYS B 209 -43.17 -9.35 -44.81
N PRO B 210 -43.69 -9.49 -43.57
CA PRO B 210 -44.37 -10.75 -43.20
C PRO B 210 -45.47 -11.20 -44.15
N SER B 211 -46.20 -10.27 -44.77
CA SER B 211 -47.20 -10.61 -45.78
C SER B 211 -46.77 -10.25 -47.19
N ASN B 212 -45.56 -9.74 -47.37
CA ASN B 212 -45.02 -9.39 -48.69
C ASN B 212 -45.84 -8.30 -49.35
N THR B 213 -46.16 -7.26 -48.58
CA THR B 213 -46.98 -6.15 -49.08
C THR B 213 -46.10 -4.91 -49.26
N LYS B 214 -46.25 -4.26 -50.40
CA LYS B 214 -45.61 -2.99 -50.68
C LYS B 214 -46.65 -2.04 -51.25
N VAL B 215 -46.97 -0.99 -50.50
CA VAL B 215 -47.99 -0.03 -50.88
C VAL B 215 -47.36 1.36 -50.92
N ASP B 216 -47.57 2.06 -52.03
CA ASP B 216 -47.20 3.47 -52.17
C ASP B 216 -48.51 4.24 -52.25
N LYS B 217 -48.77 5.08 -51.26
CA LYS B 217 -50.03 5.79 -51.15
C LYS B 217 -49.78 7.28 -51.36
N LYS B 218 -50.57 7.89 -52.25
CA LYS B 218 -50.43 9.31 -52.56
C LYS B 218 -51.39 10.12 -51.69
N VAL B 219 -50.84 11.03 -50.89
CA VAL B 219 -51.64 11.88 -50.00
C VAL B 219 -51.84 13.23 -50.70
N GLU B 220 -53.10 13.61 -50.86
CA GLU B 220 -53.50 14.81 -51.59
C GLU B 220 -54.38 15.67 -50.68
N PRO B 221 -54.52 16.96 -50.99
CA PRO B 221 -55.48 17.77 -50.25
C PRO B 221 -56.89 17.60 -50.79
N LYS B 222 -57.85 18.05 -49.99
CA LYS B 222 -59.26 17.89 -50.34
C LYS B 222 -59.96 19.24 -50.46
N GLN C 14 -12.27 -36.21 26.45
CA GLN C 14 -12.27 -37.36 27.35
C GLN C 14 -13.24 -38.44 26.82
N LEU C 15 -13.16 -38.71 25.53
CA LEU C 15 -13.93 -39.78 24.90
C LEU C 15 -13.07 -41.03 24.90
N GLN C 16 -13.41 -41.99 25.77
CA GLN C 16 -12.58 -43.17 25.97
C GLN C 16 -13.43 -44.43 25.90
N LEU C 17 -12.85 -45.49 25.32
CA LEU C 17 -13.51 -46.77 25.16
C LEU C 17 -12.75 -47.83 25.96
N GLN C 18 -13.49 -48.65 26.70
CA GLN C 18 -12.92 -49.63 27.62
C GLN C 18 -13.38 -51.02 27.20
N GLU C 19 -12.46 -51.87 26.80
CA GLU C 19 -12.76 -53.22 26.35
C GLU C 19 -12.56 -54.24 27.47
N SER C 20 -13.46 -55.23 27.52
CA SER C 20 -13.38 -56.30 28.49
C SER C 20 -13.81 -57.61 27.84
N GLY C 21 -13.14 -58.69 28.19
CA GLY C 21 -13.51 -60.00 27.69
C GLY C 21 -12.61 -61.10 28.21
N PRO C 22 -13.03 -62.35 28.04
CA PRO C 22 -12.20 -63.48 28.47
C PRO C 22 -11.01 -63.66 27.53
N GLY C 23 -9.82 -63.81 28.11
CA GLY C 23 -8.61 -63.94 27.31
C GLY C 23 -8.54 -65.24 26.54
N LEU C 24 -9.15 -66.30 27.07
CA LEU C 24 -9.14 -67.62 26.46
C LEU C 24 -10.57 -68.02 26.17
N VAL C 25 -10.83 -68.48 24.96
CA VAL C 25 -12.14 -69.03 24.59
C VAL C 25 -11.94 -70.43 24.04
N LYS C 26 -12.88 -71.31 24.35
CA LYS C 26 -12.85 -72.71 23.96
C LYS C 26 -13.44 -72.89 22.56
N PRO C 27 -12.81 -73.70 21.73
CA PRO C 27 -13.28 -73.86 20.34
C PRO C 27 -14.73 -74.30 20.25
N SER C 28 -15.38 -73.86 19.18
CA SER C 28 -16.77 -74.17 18.83
C SER C 28 -17.78 -73.44 19.71
N GLN C 29 -17.33 -72.86 20.82
CA GLN C 29 -18.22 -72.09 21.68
C GLN C 29 -18.17 -70.62 21.27
N THR C 30 -18.99 -69.81 21.93
CA THR C 30 -19.19 -68.41 21.54
C THR C 30 -18.22 -67.51 22.30
N LEU C 31 -17.58 -66.61 21.56
CA LEU C 31 -16.74 -65.57 22.16
C LEU C 31 -17.57 -64.31 22.36
N SER C 32 -17.37 -63.65 23.51
CA SER C 32 -18.15 -62.49 23.87
C SER C 32 -17.24 -61.42 24.47
N LEU C 33 -17.28 -60.22 23.89
CA LEU C 33 -16.51 -59.08 24.37
C LEU C 33 -17.44 -57.92 24.68
N THR C 34 -16.89 -56.92 25.36
CA THR C 34 -17.63 -55.70 25.68
C THR C 34 -16.73 -54.50 25.42
N CYS C 35 -17.35 -53.38 25.07
CA CYS C 35 -16.65 -52.12 24.80
C CYS C 35 -17.48 -51.02 25.44
N THR C 36 -17.17 -50.70 26.69
CA THR C 36 -17.93 -49.71 27.44
C THR C 36 -17.38 -48.31 27.17
N VAL C 37 -18.30 -47.37 26.89
CA VAL C 37 -17.92 -46.01 26.56
C VAL C 37 -17.96 -45.15 27.81
N SER C 38 -16.89 -44.41 28.06
CA SER C 38 -16.84 -43.46 29.15
C SER C 38 -16.59 -42.07 28.60
N GLY C 39 -16.94 -41.07 29.40
CA GLY C 39 -16.76 -39.68 29.01
C GLY C 39 -17.59 -39.30 27.80
N GLY C 40 -18.92 -39.37 27.93
CA GLY C 40 -19.83 -39.08 26.86
C GLY C 40 -20.90 -40.14 26.76
N SER C 41 -21.68 -40.08 25.67
CA SER C 41 -22.74 -41.04 25.40
C SER C 41 -22.44 -41.79 24.12
N ILE C 42 -22.84 -43.06 24.09
CA ILE C 42 -22.55 -43.90 22.92
C ILE C 42 -23.46 -43.55 21.75
N SER C 43 -24.68 -43.09 22.02
CA SER C 43 -25.65 -42.77 20.98
C SER C 43 -25.77 -41.25 20.83
N SER C 44 -24.72 -40.66 20.25
CA SER C 44 -24.70 -39.20 20.16
C SER C 44 -24.45 -38.67 18.75
N GLY C 45 -23.21 -38.78 18.28
CA GLY C 45 -22.83 -38.20 17.02
C GLY C 45 -23.26 -39.02 15.83
N SER C 46 -22.59 -38.77 14.70
CA SER C 46 -22.84 -39.50 13.47
C SER C 46 -21.74 -40.55 13.34
N TYR C 47 -21.86 -41.60 14.13
CA TYR C 47 -20.79 -42.58 14.25
C TYR C 47 -21.25 -43.98 13.89
N ASN C 48 -20.33 -44.73 13.27
CA ASN C 48 -20.48 -46.16 13.01
C ASN C 48 -19.57 -46.86 14.01
N TRP C 49 -20.15 -47.57 14.96
CA TRP C 49 -19.37 -48.27 15.98
C TRP C 49 -18.97 -49.63 15.42
N THR C 50 -17.68 -49.80 15.15
CA THR C 50 -17.16 -50.97 14.45
C THR C 50 -16.32 -51.84 15.37
N TRP C 51 -16.05 -53.05 14.91
CA TRP C 51 -15.15 -54.00 15.56
C TRP C 51 -14.05 -54.40 14.58
N ILE C 52 -12.83 -54.50 15.09
CA ILE C 52 -11.66 -54.84 14.27
C ILE C 52 -10.75 -55.76 15.08
N ARG C 53 -10.31 -56.86 14.45
CA ARG C 53 -9.39 -57.80 15.07
C ARG C 53 -8.10 -57.85 14.27
N GLN C 54 -7.01 -58.23 14.95
CA GLN C 54 -5.69 -58.25 14.33
C GLN C 54 -4.88 -59.43 14.84
N PRO C 55 -4.68 -60.48 14.02
CA PRO C 55 -3.79 -61.57 14.42
C PRO C 55 -2.37 -61.07 14.65
N ALA C 56 -1.76 -61.55 15.73
CA ALA C 56 -0.43 -61.12 16.12
C ALA C 56 0.57 -61.31 14.98
N GLY C 57 1.13 -60.20 14.49
CA GLY C 57 2.09 -60.22 13.41
C GLY C 57 1.50 -59.99 12.03
N LYS C 58 0.18 -60.07 11.89
CA LYS C 58 -0.49 -59.86 10.62
C LYS C 58 -1.28 -58.55 10.67
N GLY C 59 -2.14 -58.35 9.66
CA GLY C 59 -2.82 -57.07 9.48
C GLY C 59 -4.19 -57.03 10.13
N LEU C 60 -4.82 -55.85 9.99
CA LEU C 60 -6.13 -55.59 10.58
C LEU C 60 -7.24 -56.16 9.72
N GLU C 61 -8.30 -56.62 10.38
CA GLU C 61 -9.46 -57.21 9.70
C GLU C 61 -10.73 -56.59 10.25
N TRP C 62 -11.52 -55.97 9.36
CA TRP C 62 -12.76 -55.31 9.74
C TRP C 62 -13.88 -56.34 9.92
N ILE C 63 -14.45 -56.40 11.12
CA ILE C 63 -15.46 -57.40 11.44
C ILE C 63 -16.86 -56.94 11.08
N GLY C 64 -17.25 -55.74 11.53
CA GLY C 64 -18.59 -55.25 11.25
C GLY C 64 -18.77 -53.83 11.76
N ARG C 65 -20.04 -53.47 11.98
CA ARG C 65 -20.37 -52.14 12.48
C ARG C 65 -21.81 -52.15 12.98
N ILE C 66 -22.18 -51.07 13.68
CA ILE C 66 -23.54 -50.86 14.14
C ILE C 66 -23.80 -49.35 14.18
N TYR C 67 -25.00 -48.94 13.78
CA TYR C 67 -25.34 -47.54 13.67
C TYR C 67 -26.82 -47.34 13.98
N ASN C 68 -27.24 -46.07 13.96
CA ASN C 68 -28.62 -45.67 14.24
C ASN C 68 -29.13 -46.29 15.54
N SER C 69 -30.06 -47.24 15.44
CA SER C 69 -30.63 -47.87 16.63
C SER C 69 -30.69 -49.38 16.44
N GLY C 70 -29.60 -49.98 15.98
CA GLY C 70 -29.54 -51.42 15.86
C GLY C 70 -29.03 -51.99 14.56
N SER C 71 -29.34 -51.34 13.44
CA SER C 71 -28.95 -51.85 12.13
C SER C 71 -27.45 -52.14 12.07
N THR C 72 -27.10 -53.23 11.40
CA THR C 72 -25.72 -53.70 11.34
C THR C 72 -25.41 -54.22 9.93
N ASN C 73 -24.13 -54.19 9.59
CA ASN C 73 -23.60 -54.79 8.37
C ASN C 73 -22.25 -55.43 8.67
N TYR C 74 -22.11 -56.72 8.33
CA TYR C 74 -20.94 -57.49 8.71
C TYR C 74 -20.08 -57.85 7.51
N ASN C 75 -18.89 -58.35 7.81
CA ASN C 75 -18.01 -58.91 6.79
C ASN C 75 -18.61 -60.20 6.24
N PRO C 76 -18.76 -60.35 4.93
CA PRO C 76 -19.40 -61.57 4.39
C PRO C 76 -18.67 -62.85 4.76
N SER C 77 -17.34 -62.83 4.83
CA SER C 77 -16.61 -64.04 5.23
C SER C 77 -16.90 -64.44 6.67
N LEU C 78 -17.45 -63.53 7.48
CA LEU C 78 -17.76 -63.82 8.88
C LEU C 78 -19.18 -63.43 9.27
N LYS C 79 -20.06 -63.15 8.30
CA LYS C 79 -21.34 -62.51 8.63
C LYS C 79 -22.23 -63.41 9.48
N SER C 80 -22.21 -64.72 9.21
CA SER C 80 -23.15 -65.61 9.88
C SER C 80 -22.76 -65.91 11.33
N ARG C 81 -21.50 -65.72 11.70
CA ARG C 81 -21.01 -66.10 13.02
C ARG C 81 -20.88 -64.92 13.98
N VAL C 82 -21.08 -63.69 13.52
CA VAL C 82 -20.83 -62.50 14.32
C VAL C 82 -22.17 -61.85 14.70
N THR C 83 -22.20 -61.24 15.88
CA THR C 83 -23.33 -60.45 16.35
C THR C 83 -22.81 -59.22 17.08
N ILE C 84 -23.34 -58.06 16.73
CA ILE C 84 -22.90 -56.78 17.29
C ILE C 84 -24.12 -56.07 17.85
N SER C 85 -24.17 -55.90 19.17
CA SER C 85 -25.29 -55.27 19.84
C SER C 85 -24.82 -54.01 20.56
N VAL C 86 -25.80 -53.23 21.04
CA VAL C 86 -25.54 -52.03 21.82
C VAL C 86 -26.48 -52.02 23.01
N ASP C 87 -25.92 -51.89 24.21
CA ASP C 87 -26.71 -51.74 25.43
C ASP C 87 -26.57 -50.28 25.85
N THR C 88 -27.58 -49.46 25.51
CA THR C 88 -27.50 -48.04 25.77
C THR C 88 -27.54 -47.74 27.27
N SER C 89 -28.32 -48.50 28.02
CA SER C 89 -28.39 -48.29 29.46
C SER C 89 -27.04 -48.52 30.11
N LYS C 90 -26.38 -49.64 29.77
CA LYS C 90 -25.02 -49.89 30.22
C LYS C 90 -23.99 -49.11 29.43
N ASN C 91 -24.41 -48.41 28.37
CA ASN C 91 -23.55 -47.52 27.59
C ASN C 91 -22.35 -48.28 27.00
N GLN C 92 -22.64 -49.44 26.40
CA GLN C 92 -21.58 -50.29 25.87
C GLN C 92 -22.09 -51.05 24.66
N LEU C 93 -21.15 -51.43 23.80
CA LEU C 93 -21.41 -52.33 22.68
C LEU C 93 -20.64 -53.62 22.89
N SER C 94 -21.24 -54.72 22.47
CA SER C 94 -20.67 -56.05 22.67
C SER C 94 -20.45 -56.74 21.33
N LEU C 95 -19.57 -57.74 21.37
CA LEU C 95 -19.26 -58.56 20.20
C LEU C 95 -19.51 -60.02 20.56
N LYS C 96 -20.17 -60.74 19.66
CA LYS C 96 -20.42 -62.17 19.82
C LYS C 96 -19.87 -62.90 18.60
N VAL C 97 -18.94 -63.82 18.83
CA VAL C 97 -18.37 -64.65 17.78
C VAL C 97 -18.62 -66.10 18.15
N ARG C 98 -19.47 -66.78 17.39
CA ARG C 98 -19.90 -68.14 17.69
C ARG C 98 -19.07 -69.14 16.90
N SER C 99 -18.92 -70.34 17.49
CA SER C 99 -18.22 -71.46 16.85
C SER C 99 -16.81 -71.05 16.41
N VAL C 100 -16.01 -70.63 17.38
CA VAL C 100 -14.68 -70.10 17.10
C VAL C 100 -13.72 -71.23 16.76
N THR C 101 -12.65 -70.87 16.04
CA THR C 101 -11.55 -71.76 15.70
C THR C 101 -10.24 -71.07 16.02
N ALA C 102 -9.13 -71.77 15.79
CA ALA C 102 -7.81 -71.19 16.01
C ALA C 102 -7.57 -69.99 15.12
N ALA C 103 -8.24 -69.93 13.95
CA ALA C 103 -8.09 -68.80 13.05
C ALA C 103 -8.69 -67.52 13.60
N ASP C 104 -9.49 -67.59 14.66
CA ASP C 104 -10.09 -66.43 15.29
C ASP C 104 -9.22 -65.84 16.39
N THR C 105 -8.01 -66.35 16.56
CA THR C 105 -7.09 -65.81 17.56
C THR C 105 -6.52 -64.49 17.04
N ALA C 106 -6.83 -63.39 17.74
CA ALA C 106 -6.39 -62.08 17.31
C ALA C 106 -6.55 -61.10 18.46
N VAL C 107 -5.97 -59.92 18.28
CA VAL C 107 -6.19 -58.80 19.18
C VAL C 107 -7.39 -58.01 18.67
N TYR C 108 -8.44 -57.95 19.48
CA TYR C 108 -9.70 -57.34 19.07
C TYR C 108 -9.78 -55.91 19.59
N TYR C 109 -10.14 -54.98 18.70
CA TYR C 109 -10.33 -53.58 19.05
C TYR C 109 -11.79 -53.18 18.82
N CYS C 110 -12.20 -52.14 19.54
CA CYS C 110 -13.41 -51.39 19.21
C CYS C 110 -13.01 -49.95 18.91
N ALA C 111 -13.65 -49.36 17.91
CA ALA C 111 -13.40 -47.99 17.54
C ALA C 111 -14.70 -47.36 17.07
N ARG C 112 -14.68 -46.04 16.88
CA ARG C 112 -15.83 -45.33 16.37
C ARG C 112 -15.47 -44.69 15.04
N HIS C 113 -16.36 -44.85 14.06
CA HIS C 113 -16.17 -44.37 12.70
C HIS C 113 -17.17 -43.25 12.44
N CYS C 114 -16.67 -42.06 12.08
CA CYS C 114 -17.54 -40.92 11.86
C CYS C 114 -18.06 -40.89 10.44
N SER C 115 -19.37 -40.67 10.29
CA SER C 115 -20.03 -40.57 8.99
C SER C 115 -21.18 -39.56 9.07
N GLY C 116 -20.85 -38.29 9.25
CA GLY C 116 -21.86 -37.27 9.29
C GLY C 116 -21.29 -35.92 9.70
N GLY C 117 -22.19 -34.98 9.96
CA GLY C 117 -21.82 -33.63 10.31
C GLY C 117 -21.97 -33.31 11.79
N THR C 118 -22.55 -34.23 12.55
CA THR C 118 -22.68 -34.06 14.00
C THR C 118 -21.64 -34.88 14.75
N CYS C 119 -20.42 -34.95 14.21
CA CYS C 119 -19.30 -35.65 14.82
C CYS C 119 -18.40 -34.60 15.46
N TYR C 120 -17.98 -34.84 16.70
CA TYR C 120 -16.96 -33.96 17.26
C TYR C 120 -15.76 -34.78 17.71
N PRO C 121 -14.55 -34.47 17.22
CA PRO C 121 -14.33 -33.51 16.12
C PRO C 121 -14.78 -34.07 14.76
N LYS C 122 -14.94 -33.19 13.76
CA LYS C 122 -15.45 -33.59 12.45
C LYS C 122 -14.33 -34.24 11.63
N TYR C 123 -13.97 -35.45 12.03
CA TYR C 123 -13.00 -36.28 11.32
C TYR C 123 -13.79 -37.25 10.44
N TYR C 124 -14.15 -36.79 9.24
CA TYR C 124 -15.00 -37.56 8.36
C TYR C 124 -14.27 -38.82 7.88
N TYR C 125 -14.99 -39.95 7.90
CA TYR C 125 -14.54 -41.27 7.43
C TYR C 125 -13.42 -41.85 8.27
N GLY C 126 -12.98 -41.18 9.33
CA GLY C 126 -11.82 -41.62 10.11
C GLY C 126 -12.27 -42.38 11.35
N MET C 127 -11.48 -43.38 11.72
CA MET C 127 -11.72 -44.14 12.94
C MET C 127 -11.13 -43.35 14.11
N ASP C 128 -11.99 -42.58 14.77
CA ASP C 128 -11.61 -41.54 15.70
C ASP C 128 -10.90 -42.07 16.93
N VAL C 129 -11.65 -42.73 17.82
CA VAL C 129 -11.16 -43.17 19.11
C VAL C 129 -11.20 -44.69 19.14
N TRP C 130 -10.09 -45.31 19.55
CA TRP C 130 -9.94 -46.75 19.59
C TRP C 130 -9.99 -47.26 21.03
N GLY C 131 -10.23 -48.56 21.16
CA GLY C 131 -10.04 -49.23 22.43
C GLY C 131 -8.61 -49.72 22.59
N GLN C 132 -8.27 -50.09 23.83
CA GLN C 132 -6.91 -50.53 24.11
C GLN C 132 -6.60 -51.87 23.45
N GLY C 133 -7.61 -52.71 23.27
CA GLY C 133 -7.41 -54.00 22.65
C GLY C 133 -7.27 -55.13 23.63
N THR C 134 -8.18 -56.11 23.56
CA THR C 134 -8.10 -57.30 24.38
C THR C 134 -7.63 -58.47 23.52
N THR C 135 -6.73 -59.29 24.08
CA THR C 135 -6.14 -60.39 23.35
C THR C 135 -6.96 -61.66 23.58
N VAL C 136 -7.45 -62.24 22.49
CA VAL C 136 -8.23 -63.47 22.53
C VAL C 136 -7.39 -64.59 21.93
N THR C 137 -7.24 -65.69 22.69
CA THR C 137 -6.53 -66.87 22.25
C THR C 137 -7.51 -68.03 22.25
N VAL C 138 -7.85 -68.53 21.05
CA VAL C 138 -8.82 -69.60 20.91
C VAL C 138 -8.08 -70.93 20.97
N SER C 139 -8.16 -71.61 22.11
CA SER C 139 -7.56 -72.93 22.28
C SER C 139 -8.19 -73.58 23.51
N SER C 140 -8.30 -74.91 23.46
CA SER C 140 -8.96 -75.63 24.54
C SER C 140 -8.07 -75.79 25.77
N ALA C 141 -6.75 -75.82 25.58
CA ALA C 141 -5.82 -75.98 26.69
C ALA C 141 -5.81 -74.75 27.59
N GLN D 14 -9.75 -57.70 1.75
CA GLN D 14 -8.72 -58.53 2.34
C GLN D 14 -7.36 -57.89 2.08
N SER D 15 -6.62 -58.46 1.13
CA SER D 15 -5.34 -57.89 0.71
C SER D 15 -5.50 -56.99 -0.50
N ALA D 16 -6.66 -56.35 -0.64
CA ALA D 16 -6.92 -55.45 -1.76
C ALA D 16 -5.94 -54.29 -1.76
N LEU D 17 -5.77 -53.64 -0.62
CA LEU D 17 -4.80 -52.57 -0.50
C LEU D 17 -3.43 -53.20 -0.27
N THR D 18 -2.45 -52.81 -1.07
CA THR D 18 -1.10 -53.38 -0.97
C THR D 18 -0.10 -52.28 -0.66
N GLN D 19 0.66 -52.48 0.42
CA GLN D 19 1.72 -51.58 0.85
C GLN D 19 3.03 -52.36 0.90
N PRO D 20 4.16 -51.69 0.69
CA PRO D 20 5.45 -52.33 0.93
C PRO D 20 5.58 -52.72 2.39
N PRO D 21 6.16 -53.90 2.67
CA PRO D 21 6.24 -54.33 4.08
C PRO D 21 7.11 -53.43 4.94
N SER D 22 8.19 -52.88 4.39
CA SER D 22 9.06 -52.00 5.16
C SER D 22 9.67 -50.95 4.23
N VAL D 23 9.86 -49.75 4.78
CA VAL D 23 10.60 -48.68 4.11
C VAL D 23 11.47 -48.01 5.15
N SER D 24 12.74 -47.79 4.83
CA SER D 24 13.69 -47.20 5.76
C SER D 24 14.45 -46.06 5.10
N GLU D 25 14.64 -44.97 5.84
CA GLU D 25 15.41 -43.83 5.37
C GLU D 25 16.16 -43.21 6.55
N ALA D 26 17.11 -42.34 6.23
CA ALA D 26 17.93 -41.67 7.21
C ALA D 26 17.16 -40.55 7.91
N PRO D 27 17.60 -40.14 9.10
CA PRO D 27 16.92 -39.04 9.79
C PRO D 27 16.96 -37.75 8.98
N ARG D 28 15.90 -36.95 9.11
CA ARG D 28 15.73 -35.68 8.40
C ARG D 28 15.67 -35.89 6.89
N GLN D 29 15.22 -37.07 6.45
CA GLN D 29 14.97 -37.34 5.04
C GLN D 29 13.47 -37.41 4.80
N ARG D 30 13.08 -37.79 3.59
CA ARG D 30 11.67 -37.90 3.21
C ARG D 30 11.35 -39.33 2.80
N VAL D 31 10.22 -39.83 3.29
CA VAL D 31 9.80 -41.21 3.03
CA VAL D 31 9.80 -41.21 3.03
C VAL D 31 8.37 -41.18 2.50
N THR D 32 8.10 -42.03 1.51
CA THR D 32 6.77 -42.16 0.92
C THR D 32 6.30 -43.60 1.09
N ILE D 33 5.13 -43.77 1.69
CA ILE D 33 4.52 -45.09 1.86
C ILE D 33 3.32 -45.15 0.92
N SER D 34 3.43 -45.94 -0.13
CA SER D 34 2.39 -46.04 -1.15
C SER D 34 1.38 -47.12 -0.77
N CYS D 35 0.16 -46.96 -1.28
CA CYS D 35 -0.95 -47.86 -0.99
C CYS D 35 -1.71 -48.09 -2.30
N SER D 36 -1.56 -49.28 -2.87
CA SER D 36 -2.15 -49.61 -4.16
C SER D 36 -3.45 -50.38 -3.96
N GLY D 37 -4.50 -49.96 -4.65
CA GLY D 37 -5.78 -50.63 -4.61
C GLY D 37 -6.43 -50.68 -5.97
N SER D 38 -7.76 -50.78 -6.00
CA SER D 38 -8.52 -50.78 -7.25
C SER D 38 -9.59 -49.69 -7.19
N SER D 39 -10.37 -49.57 -8.26
CA SER D 39 -11.37 -48.51 -8.34
C SER D 39 -12.54 -48.74 -7.39
N SER D 40 -12.72 -49.96 -6.89
CA SER D 40 -13.83 -50.22 -5.96
C SER D 40 -13.51 -49.74 -4.55
N ASN D 41 -12.24 -49.56 -4.21
CA ASN D 41 -11.87 -49.01 -2.92
C ASN D 41 -11.26 -47.63 -3.15
N ILE D 42 -9.95 -47.51 -3.36
CA ILE D 42 -9.30 -46.21 -3.42
C ILE D 42 -9.86 -45.35 -4.55
N GLY D 43 -10.31 -45.99 -5.63
CA GLY D 43 -10.80 -45.23 -6.78
C GLY D 43 -12.05 -44.43 -6.50
N ASN D 44 -12.93 -44.93 -5.62
CA ASN D 44 -14.22 -44.30 -5.39
C ASN D 44 -14.55 -44.14 -3.91
N ASN D 45 -13.55 -44.22 -3.02
CA ASN D 45 -13.80 -44.08 -1.60
C ASN D 45 -12.62 -43.39 -0.93
N ALA D 46 -12.90 -42.74 0.19
CA ALA D 46 -11.88 -42.03 0.93
C ALA D 46 -10.86 -43.00 1.53
N VAL D 47 -9.62 -42.53 1.64
CA VAL D 47 -8.51 -43.32 2.16
C VAL D 47 -8.09 -42.74 3.51
N ASN D 48 -8.07 -43.57 4.53
CA ASN D 48 -7.62 -43.18 5.86
C ASN D 48 -6.30 -43.88 6.19
N TRP D 49 -5.43 -43.16 6.91
CA TRP D 49 -4.15 -43.69 7.35
C TRP D 49 -4.10 -43.78 8.86
N TYR D 50 -3.46 -44.83 9.38
CA TYR D 50 -3.34 -45.03 10.81
C TYR D 50 -1.90 -45.37 11.16
N GLN D 51 -1.47 -44.91 12.33
CA GLN D 51 -0.14 -45.19 12.87
C GLN D 51 -0.29 -46.09 14.09
N GLN D 52 0.50 -47.15 14.14
CA GLN D 52 0.41 -48.15 15.21
C GLN D 52 1.79 -48.39 15.77
N PHE D 53 1.99 -48.02 17.03
CA PHE D 53 3.23 -48.29 17.72
C PHE D 53 3.21 -49.69 18.33
N PRO D 54 4.37 -50.26 18.63
CA PRO D 54 4.39 -51.62 19.20
C PRO D 54 3.58 -51.69 20.49
N GLY D 55 2.68 -52.66 20.53
CA GLY D 55 1.90 -52.93 21.72
C GLY D 55 0.75 -51.98 21.99
N LYS D 56 0.33 -51.19 20.99
CA LYS D 56 -0.75 -50.25 21.19
C LYS D 56 -1.71 -50.30 20.00
N ALA D 57 -2.84 -49.64 20.16
CA ALA D 57 -3.87 -49.58 19.13
C ALA D 57 -3.48 -48.59 18.03
N PRO D 58 -4.02 -48.75 16.83
CA PRO D 58 -3.74 -47.79 15.76
C PRO D 58 -4.30 -46.42 16.07
N LYS D 59 -3.59 -45.39 15.60
CA LYS D 59 -3.96 -44.00 15.81
C LYS D 59 -4.24 -43.34 14.48
N LEU D 60 -5.38 -42.65 14.39
CA LEU D 60 -5.76 -41.95 13.16
C LEU D 60 -4.73 -40.89 12.81
N LEU D 61 -4.10 -41.05 11.65
CA LEU D 61 -3.04 -40.16 11.19
C LEU D 61 -3.50 -39.23 10.07
N ILE D 62 -4.15 -39.78 9.05
CA ILE D 62 -4.71 -38.99 7.96
C ILE D 62 -6.12 -39.48 7.69
N TYR D 63 -7.08 -38.54 7.66
CA TYR D 63 -8.47 -38.87 7.39
C TYR D 63 -8.94 -38.14 6.14
N TYR D 64 -9.78 -38.80 5.35
CA TYR D 64 -10.32 -38.26 4.10
C TYR D 64 -9.19 -37.80 3.18
N ASP D 65 -8.41 -38.78 2.74
CA ASP D 65 -7.36 -38.60 1.73
C ASP D 65 -6.18 -37.77 2.22
N ASP D 66 -6.43 -36.52 2.63
CA ASP D 66 -5.31 -35.62 2.89
C ASP D 66 -5.54 -34.68 4.08
N LEU D 67 -6.51 -34.94 4.94
CA LEU D 67 -6.78 -34.07 6.07
C LEU D 67 -6.02 -34.51 7.31
N LEU D 68 -5.56 -33.54 8.10
CA LEU D 68 -4.70 -33.79 9.26
C LEU D 68 -5.43 -33.47 10.55
N PRO D 69 -5.49 -34.41 11.49
CA PRO D 69 -6.10 -34.12 12.79
C PRO D 69 -5.19 -33.24 13.64
N SER D 70 -5.81 -32.57 14.61
CA SER D 70 -5.04 -31.78 15.57
C SER D 70 -4.25 -32.72 16.47
N GLY D 71 -2.99 -32.38 16.70
CA GLY D 71 -2.09 -33.18 17.50
C GLY D 71 -1.14 -34.05 16.71
N VAL D 72 -1.40 -34.25 15.42
CA VAL D 72 -0.50 -34.99 14.54
C VAL D 72 0.43 -33.98 13.87
N SER D 73 1.72 -34.31 13.84
CA SER D 73 2.71 -33.42 13.26
C SER D 73 2.42 -33.13 11.79
N ASP D 74 2.58 -31.86 11.40
CA ASP D 74 2.39 -31.48 10.01
C ASP D 74 3.49 -31.99 9.10
N ARG D 75 4.48 -32.73 9.64
CA ARG D 75 5.40 -33.46 8.80
C ARG D 75 4.70 -34.56 8.01
N PHE D 76 3.53 -34.99 8.45
CA PHE D 76 2.75 -35.99 7.74
C PHE D 76 1.79 -35.32 6.77
N SER D 77 1.58 -35.98 5.62
CA SER D 77 0.64 -35.49 4.62
C SER D 77 0.20 -36.68 3.77
N GLY D 78 -1.07 -36.67 3.37
CA GLY D 78 -1.59 -37.71 2.51
C GLY D 78 -1.94 -37.17 1.14
N SER D 79 -1.95 -38.05 0.14
CA SER D 79 -2.31 -37.68 -1.22
C SER D 79 -2.94 -38.88 -1.90
N LYS D 80 -3.70 -38.61 -2.95
CA LYS D 80 -4.46 -39.66 -3.62
C LYS D 80 -4.65 -39.30 -5.09
N SER D 81 -4.29 -40.21 -5.97
CA SER D 81 -4.51 -40.05 -7.41
C SER D 81 -4.87 -41.40 -8.00
N GLY D 82 -6.09 -41.51 -8.51
CA GLY D 82 -6.52 -42.75 -9.14
C GLY D 82 -6.86 -43.80 -8.11
N THR D 83 -6.30 -44.99 -8.29
CA THR D 83 -6.52 -46.11 -7.38
C THR D 83 -5.36 -46.32 -6.41
N SER D 84 -4.62 -45.26 -6.11
CA SER D 84 -3.46 -45.36 -5.22
C SER D 84 -3.42 -44.16 -4.31
N ALA D 85 -3.01 -44.38 -3.06
CA ALA D 85 -2.79 -43.33 -2.09
C ALA D 85 -1.37 -43.42 -1.55
N SER D 86 -0.88 -42.32 -0.98
CA SER D 86 0.46 -42.26 -0.45
C SER D 86 0.48 -41.44 0.83
N LEU D 87 1.34 -41.87 1.75
CA LEU D 87 1.59 -41.14 2.99
C LEU D 87 3.03 -40.65 2.99
N ALA D 88 3.22 -39.36 3.22
CA ALA D 88 4.53 -38.72 3.19
C ALA D 88 4.90 -38.24 4.58
N ILE D 89 6.11 -38.58 5.02
CA ILE D 89 6.62 -38.15 6.32
C ILE D 89 7.93 -37.41 6.04
N SER D 90 7.82 -36.10 5.80
CA SER D 90 8.98 -35.27 5.53
C SER D 90 9.71 -34.98 6.85
N GLY D 91 10.97 -35.39 6.94
CA GLY D 91 11.73 -35.19 8.15
C GLY D 91 11.61 -36.36 9.11
N VAL D 92 12.12 -37.52 8.69
CA VAL D 92 11.98 -38.74 9.48
C VAL D 92 12.69 -38.57 10.82
N GLN D 93 12.06 -39.05 11.88
CA GLN D 93 12.54 -38.90 13.24
C GLN D 93 12.43 -40.24 13.95
N SER D 94 13.16 -40.38 15.06
CA SER D 94 13.05 -41.59 15.87
C SER D 94 11.63 -41.80 16.38
N GLU D 95 10.89 -40.71 16.58
CA GLU D 95 9.51 -40.78 17.05
C GLU D 95 8.58 -41.46 16.06
N ASP D 96 9.00 -41.62 14.82
CA ASP D 96 8.11 -42.03 13.73
C ASP D 96 8.15 -43.52 13.42
N GLU D 97 8.99 -44.29 14.12
CA GLU D 97 9.09 -45.73 13.88
C GLU D 97 7.81 -46.42 14.35
N ALA D 98 7.03 -46.94 13.40
CA ALA D 98 5.76 -47.60 13.70
C ALA D 98 5.29 -48.34 12.46
N ASP D 99 4.12 -48.96 12.57
CA ASP D 99 3.43 -49.57 11.44
C ASP D 99 2.35 -48.61 10.94
N TYR D 100 2.29 -48.42 9.63
CA TYR D 100 1.33 -47.51 9.03
C TYR D 100 0.40 -48.30 8.10
N TYR D 101 -0.90 -48.19 8.35
CA TYR D 101 -1.91 -48.88 7.56
C TYR D 101 -2.75 -47.86 6.79
N CYS D 102 -3.05 -48.18 5.53
CA CYS D 102 -4.04 -47.44 4.77
C CYS D 102 -5.37 -48.18 4.83
N ALA D 103 -6.46 -47.42 4.87
CA ALA D 103 -7.80 -47.99 5.00
C ALA D 103 -8.74 -47.31 4.02
N ALA D 104 -9.74 -48.08 3.57
CA ALA D 104 -10.76 -47.61 2.64
C ALA D 104 -11.87 -48.63 2.60
N TRP D 105 -13.08 -48.17 2.28
CA TRP D 105 -14.24 -49.03 2.15
C TRP D 105 -14.31 -49.54 0.72
N ASP D 106 -14.30 -50.86 0.57
CA ASP D 106 -14.42 -51.48 -0.74
C ASP D 106 -15.89 -51.71 -1.07
N ASP D 107 -16.32 -51.19 -2.21
CA ASP D 107 -17.72 -51.34 -2.60
C ASP D 107 -18.04 -52.77 -3.02
N SER D 108 -17.05 -53.51 -3.54
CA SER D 108 -17.30 -54.89 -3.94
C SER D 108 -17.40 -55.81 -2.73
N LEU D 109 -16.44 -55.70 -1.81
CA LEU D 109 -16.39 -56.58 -0.65
C LEU D 109 -17.37 -56.17 0.44
N ASN D 110 -17.87 -54.94 0.41
CA ASN D 110 -18.67 -54.38 1.49
C ASN D 110 -17.95 -54.51 2.83
N VAL D 111 -16.79 -53.87 2.90
CA VAL D 111 -15.83 -54.12 3.97
C VAL D 111 -14.85 -52.95 4.01
N VAL D 112 -14.43 -52.58 5.22
CA VAL D 112 -13.34 -51.62 5.38
C VAL D 112 -12.04 -52.39 5.21
N VAL D 113 -11.29 -52.08 4.16
CA VAL D 113 -10.09 -52.83 3.80
C VAL D 113 -8.88 -52.12 4.37
N PHE D 114 -8.00 -52.87 5.02
CA PHE D 114 -6.74 -52.37 5.53
C PHE D 114 -5.58 -52.95 4.73
N GLY D 115 -4.54 -52.15 4.56
CA GLY D 115 -3.34 -52.66 3.93
C GLY D 115 -2.57 -53.58 4.85
N GLY D 116 -1.56 -54.24 4.28
CA GLY D 116 -0.71 -55.10 5.07
C GLY D 116 0.13 -54.38 6.11
N GLY D 117 0.26 -53.06 5.97
CA GLY D 117 1.08 -52.28 6.88
C GLY D 117 2.50 -52.11 6.39
N THR D 118 3.08 -50.96 6.71
CA THR D 118 4.44 -50.63 6.33
C THR D 118 5.20 -50.21 7.57
N LYS D 119 6.30 -50.90 7.86
CA LYS D 119 7.09 -50.63 9.06
C LYS D 119 8.21 -49.66 8.71
N LEU D 120 8.15 -48.47 9.28
CA LEU D 120 9.15 -47.42 9.07
C LEU D 120 10.23 -47.52 10.12
N THR D 121 11.47 -47.78 9.69
CA THR D 121 12.63 -47.83 10.56
C THR D 121 13.60 -46.71 10.16
N VAL D 122 13.71 -45.68 10.99
CA VAL D 122 14.69 -44.64 10.73
C VAL D 122 16.09 -45.23 10.87
N LEU D 123 16.97 -44.88 9.93
CA LEU D 123 18.21 -45.61 9.71
C LEU D 123 19.37 -45.11 10.57
N GLY D 124 19.42 -43.82 10.87
CA GLY D 124 20.54 -43.23 11.58
C GLY D 124 20.61 -43.55 13.07
N GLN D 125 19.85 -44.54 13.51
CA GLN D 125 19.85 -44.91 14.92
C GLN D 125 21.20 -45.48 15.33
N PRO D 126 21.68 -45.15 16.54
CA PRO D 126 22.95 -45.66 17.09
C PRO D 126 22.89 -47.14 17.41
N ASP E 14 -33.45 -15.27 -5.46
CA ASP E 14 -32.81 -14.58 -6.57
C ASP E 14 -32.23 -13.25 -6.11
N ILE E 15 -31.35 -12.68 -6.93
CA ILE E 15 -30.76 -11.38 -6.65
C ILE E 15 -31.59 -10.29 -7.33
N GLN E 16 -32.03 -9.31 -6.56
CA GLN E 16 -32.86 -8.22 -7.08
C GLN E 16 -32.04 -6.94 -7.16
N LEU E 17 -32.17 -6.24 -8.28
CA LEU E 17 -31.48 -4.98 -8.50
C LEU E 17 -32.51 -3.85 -8.57
N THR E 18 -32.19 -2.73 -7.92
CA THR E 18 -33.06 -1.56 -7.88
C THR E 18 -32.32 -0.37 -8.43
N GLN E 19 -32.84 0.23 -9.49
CA GLN E 19 -32.26 1.41 -10.10
C GLN E 19 -32.97 2.67 -9.65
N SER E 20 -32.21 3.76 -9.54
CA SER E 20 -32.73 5.01 -9.06
C SER E 20 -32.01 6.14 -9.79
N PRO E 21 -32.75 7.09 -10.37
CA PRO E 21 -34.22 7.11 -10.41
C PRO E 21 -34.79 6.32 -11.58
N SER E 22 -36.11 6.22 -11.66
CA SER E 22 -36.73 5.52 -12.78
C SER E 22 -36.50 6.26 -14.09
N SER E 23 -36.54 7.59 -14.06
CA SER E 23 -36.26 8.40 -15.23
C SER E 23 -35.77 9.77 -14.79
N LEU E 24 -34.99 10.42 -15.65
CA LEU E 24 -34.46 11.74 -15.33
C LEU E 24 -34.30 12.53 -16.62
N SER E 25 -34.31 13.85 -16.48
CA SER E 25 -34.07 14.78 -17.58
C SER E 25 -32.95 15.71 -17.19
N ALA E 26 -32.01 15.93 -18.11
CA ALA E 26 -30.84 16.74 -17.84
C ALA E 26 -30.44 17.52 -19.08
N SER E 27 -29.74 18.64 -18.84
CA SER E 27 -29.30 19.50 -19.92
C SER E 27 -28.03 18.95 -20.56
N VAL E 28 -27.79 19.37 -21.81
CA VAL E 28 -26.59 18.96 -22.51
C VAL E 28 -25.36 19.43 -21.75
N GLY E 29 -24.39 18.55 -21.57
CA GLY E 29 -23.19 18.84 -20.83
C GLY E 29 -23.27 18.56 -19.34
N ASP E 30 -24.47 18.40 -18.78
CA ASP E 30 -24.61 18.15 -17.37
C ASP E 30 -24.04 16.78 -17.00
N ARG E 31 -23.75 16.61 -15.71
CA ARG E 31 -23.27 15.34 -15.18
C ARG E 31 -24.46 14.53 -14.70
N VAL E 32 -24.61 13.32 -15.22
CA VAL E 32 -25.68 12.41 -14.84
C VAL E 32 -25.07 11.25 -14.06
N THR E 33 -25.66 10.92 -12.91
CA THR E 33 -25.20 9.81 -12.08
C THR E 33 -26.41 9.06 -11.55
N ILE E 34 -26.57 7.80 -11.97
CA ILE E 34 -27.65 6.95 -11.54
C ILE E 34 -27.07 5.78 -10.75
N THR E 35 -27.88 5.22 -9.86
CA THR E 35 -27.41 4.18 -8.94
C THR E 35 -28.14 2.87 -9.19
N CYS E 36 -27.46 1.79 -8.81
CA CYS E 36 -28.00 0.43 -8.88
C CYS E 36 -27.63 -0.26 -7.58
N GLN E 37 -28.64 -0.68 -6.82
CA GLN E 37 -28.42 -1.32 -5.53
C GLN E 37 -28.81 -2.79 -5.61
N ALA E 38 -27.96 -3.66 -5.08
CA ALA E 38 -28.18 -5.09 -5.11
C ALA E 38 -28.78 -5.55 -3.78
N SER E 39 -29.60 -6.62 -3.86
CA SER E 39 -30.18 -7.19 -2.65
C SER E 39 -29.16 -7.96 -1.83
N GLN E 40 -28.01 -8.31 -2.42
CA GLN E 40 -26.94 -8.97 -1.69
C GLN E 40 -25.63 -8.70 -2.41
N ASP E 41 -24.53 -9.09 -1.77
CA ASP E 41 -23.21 -8.82 -2.32
C ASP E 41 -23.04 -9.55 -3.66
N ILE E 42 -22.58 -8.81 -4.67
CA ILE E 42 -22.34 -9.40 -5.99
C ILE E 42 -20.93 -9.02 -6.44
N SER E 43 -20.03 -8.84 -5.47
CA SER E 43 -18.64 -8.46 -5.73
C SER E 43 -18.58 -7.23 -6.64
N ASN E 44 -18.11 -7.41 -7.86
CA ASN E 44 -18.12 -6.36 -8.88
C ASN E 44 -18.69 -6.88 -10.19
N TYR E 45 -19.57 -7.89 -10.10
CA TYR E 45 -20.18 -8.49 -11.28
C TYR E 45 -21.41 -7.67 -11.71
N LEU E 46 -21.16 -6.42 -12.08
CA LEU E 46 -22.21 -5.51 -12.50
C LEU E 46 -21.95 -5.08 -13.94
N ASN E 47 -22.99 -5.16 -14.78
CA ASN E 47 -22.93 -4.70 -16.16
C ASN E 47 -23.91 -3.54 -16.33
N TRP E 48 -23.54 -2.57 -17.17
CA TRP E 48 -24.40 -1.47 -17.55
C TRP E 48 -24.64 -1.51 -19.05
N TYR E 49 -25.91 -1.60 -19.45
CA TYR E 49 -26.30 -1.61 -20.84
C TYR E 49 -26.99 -0.31 -21.21
N GLN E 50 -26.77 0.13 -22.44
CA GLN E 50 -27.53 1.20 -23.06
C GLN E 50 -28.42 0.61 -24.14
N GLN E 51 -29.67 1.03 -24.17
CA GLN E 51 -30.63 0.51 -25.15
C GLN E 51 -31.43 1.67 -25.72
N LYS E 52 -31.16 2.00 -26.98
CA LYS E 52 -32.01 2.93 -27.70
C LYS E 52 -33.24 2.19 -28.23
N PRO E 53 -34.39 2.86 -28.29
CA PRO E 53 -35.63 2.16 -28.66
C PRO E 53 -35.55 1.58 -30.06
N GLY E 54 -36.01 0.33 -30.19
CA GLY E 54 -35.92 -0.36 -31.46
C GLY E 54 -34.69 -1.24 -31.53
N LYS E 55 -33.57 -0.72 -31.02
CA LYS E 55 -32.30 -1.44 -31.04
C LYS E 55 -32.23 -2.45 -29.90
N ALA E 56 -31.17 -3.26 -29.94
CA ALA E 56 -30.84 -4.24 -28.92
C ALA E 56 -29.91 -3.62 -27.90
N PRO E 57 -29.86 -4.16 -26.68
CA PRO E 57 -29.02 -3.56 -25.65
C PRO E 57 -27.55 -3.55 -26.05
N LYS E 58 -26.87 -2.46 -25.73
CA LYS E 58 -25.44 -2.31 -25.97
C LYS E 58 -24.73 -2.21 -24.63
N LEU E 59 -23.75 -3.09 -24.42
CA LEU E 59 -23.01 -3.10 -23.17
C LEU E 59 -21.95 -2.01 -23.18
N LEU E 60 -21.97 -1.16 -22.15
CA LEU E 60 -21.02 -0.07 -22.00
C LEU E 60 -20.02 -0.30 -20.88
N ILE E 61 -20.45 -0.87 -19.76
CA ILE E 61 -19.61 -1.03 -18.58
C ILE E 61 -19.62 -2.50 -18.16
N TYR E 62 -18.45 -3.10 -18.05
CA TYR E 62 -18.32 -4.46 -17.55
C TYR E 62 -17.46 -4.48 -16.29
N ASP E 63 -17.73 -5.45 -15.43
CA ASP E 63 -17.05 -5.59 -14.15
C ASP E 63 -17.07 -4.28 -13.37
N ALA E 64 -18.25 -3.68 -13.31
CA ALA E 64 -18.54 -2.50 -12.49
C ALA E 64 -17.83 -1.23 -12.95
N SER E 65 -16.58 -1.33 -13.38
CA SER E 65 -15.75 -0.16 -13.62
C SER E 65 -15.26 0.00 -15.05
N ASN E 66 -15.16 -1.06 -15.83
CA ASN E 66 -14.39 -1.05 -17.06
C ASN E 66 -15.24 -0.69 -18.28
N LEU E 67 -14.58 -0.08 -19.26
CA LEU E 67 -15.24 0.42 -20.46
C LEU E 67 -15.12 -0.59 -21.58
N GLU E 68 -16.25 -0.88 -22.24
CA GLU E 68 -16.24 -1.79 -23.37
C GLU E 68 -15.54 -1.15 -24.56
N THR E 69 -15.15 -1.99 -25.52
CA THR E 69 -14.43 -1.51 -26.69
C THR E 69 -15.27 -0.50 -27.46
N GLY E 70 -14.68 0.68 -27.73
CA GLY E 70 -15.32 1.71 -28.51
C GLY E 70 -16.11 2.72 -27.70
N VAL E 71 -16.65 2.31 -26.56
CA VAL E 71 -17.49 3.19 -25.75
C VAL E 71 -16.73 4.47 -25.39
N PRO E 72 -17.32 5.65 -25.55
CA PRO E 72 -16.59 6.89 -25.27
C PRO E 72 -16.23 7.02 -23.80
N SER E 73 -15.21 7.85 -23.54
CA SER E 73 -14.72 8.07 -22.18
C SER E 73 -15.70 8.86 -21.32
N ARG E 74 -16.74 9.46 -21.91
CA ARG E 74 -17.74 10.17 -21.11
C ARG E 74 -18.45 9.24 -20.15
N PHE E 75 -18.46 7.94 -20.43
CA PHE E 75 -19.12 6.96 -19.58
C PHE E 75 -18.13 6.42 -18.55
N SER E 76 -18.64 6.15 -17.35
CA SER E 76 -17.83 5.56 -16.29
C SER E 76 -18.76 4.83 -15.33
N GLY E 77 -18.16 3.97 -14.52
CA GLY E 77 -18.91 3.21 -13.54
C GLY E 77 -18.04 2.92 -12.33
N GLY E 78 -18.72 2.66 -11.21
CA GLY E 78 -18.03 2.42 -9.96
C GLY E 78 -18.91 1.70 -8.97
N GLY E 79 -18.27 1.02 -8.02
CA GLY E 79 -18.97 0.35 -6.96
C GLY E 79 -18.58 -1.10 -6.80
N SER E 80 -18.89 -1.68 -5.64
CA SER E 80 -18.62 -3.08 -5.37
C SER E 80 -19.45 -3.50 -4.17
N GLY E 81 -19.96 -4.73 -4.21
CA GLY E 81 -20.77 -5.23 -3.12
C GLY E 81 -22.25 -5.12 -3.38
N THR E 82 -22.88 -4.05 -2.91
CA THR E 82 -24.33 -3.88 -3.03
C THR E 82 -24.75 -2.58 -3.69
N ASP E 83 -23.93 -1.53 -3.66
CA ASP E 83 -24.29 -0.22 -4.20
C ASP E 83 -23.36 0.12 -5.34
N PHE E 84 -23.93 0.39 -6.52
CA PHE E 84 -23.18 0.69 -7.72
C PHE E 84 -23.74 1.95 -8.37
N THR E 85 -22.89 2.63 -9.14
CA THR E 85 -23.26 3.87 -9.81
C THR E 85 -22.82 3.87 -11.27
N PHE E 86 -23.60 4.56 -12.09
CA PHE E 86 -23.28 4.79 -13.50
C PHE E 86 -23.31 6.29 -13.76
N THR E 87 -22.23 6.80 -14.37
CA THR E 87 -22.04 8.24 -14.50
C THR E 87 -21.73 8.61 -15.94
N ILE E 88 -22.47 9.60 -16.45
CA ILE E 88 -22.15 10.29 -17.69
C ILE E 88 -21.61 11.66 -17.31
N THR E 89 -20.33 11.91 -17.59
CA THR E 89 -19.73 13.18 -17.19
C THR E 89 -20.33 14.35 -17.95
N SER E 90 -20.52 14.20 -19.27
CA SER E 90 -21.09 15.26 -20.11
C SER E 90 -22.18 14.64 -20.98
N LEU E 91 -23.44 14.86 -20.61
CA LEU E 91 -24.56 14.26 -21.33
C LEU E 91 -24.68 14.84 -22.73
N GLN E 92 -24.86 13.97 -23.71
CA GLN E 92 -24.95 14.35 -25.12
C GLN E 92 -26.31 13.96 -25.68
N PRO E 93 -26.73 14.59 -26.79
CA PRO E 93 -28.05 14.25 -27.35
C PRO E 93 -28.17 12.80 -27.80
N GLU E 94 -27.07 12.16 -28.17
CA GLU E 94 -27.12 10.76 -28.58
C GLU E 94 -27.09 9.80 -27.41
N ASP E 95 -27.21 10.30 -26.17
CA ASP E 95 -27.30 9.45 -25.00
C ASP E 95 -28.74 9.20 -24.55
N ILE E 96 -29.71 9.60 -25.36
CA ILE E 96 -31.12 9.36 -25.04
C ILE E 96 -31.39 7.86 -25.19
N ALA E 97 -31.53 7.16 -24.06
CA ALA E 97 -31.80 5.73 -24.04
C ALA E 97 -32.25 5.36 -22.64
N THR E 98 -32.53 4.08 -22.45
CA THR E 98 -32.75 3.51 -21.13
C THR E 98 -31.51 2.70 -20.74
N TYR E 99 -30.98 2.96 -19.56
CA TYR E 99 -29.76 2.33 -19.09
C TYR E 99 -30.12 1.29 -18.03
N TYR E 100 -29.71 0.04 -18.28
CA TYR E 100 -29.98 -1.07 -17.38
C TYR E 100 -28.70 -1.51 -16.69
N CYS E 101 -28.84 -1.94 -15.44
CA CYS E 101 -27.77 -2.64 -14.74
C CYS E 101 -28.13 -4.12 -14.64
N GLN E 102 -27.12 -4.98 -14.75
CA GLN E 102 -27.32 -6.43 -14.77
C GLN E 102 -26.21 -7.10 -14.00
N GLN E 103 -26.58 -7.92 -13.02
CA GLN E 103 -25.61 -8.67 -12.24
C GLN E 103 -25.38 -10.04 -12.87
N TYR E 104 -24.19 -10.58 -12.65
CA TYR E 104 -23.86 -11.93 -13.09
C TYR E 104 -23.07 -12.66 -12.01
N ASP E 105 -23.48 -12.46 -10.75
CA ASP E 105 -22.88 -13.19 -9.64
C ASP E 105 -23.45 -14.60 -9.52
N ASN E 106 -24.71 -14.81 -9.93
CA ASN E 106 -25.34 -16.11 -9.78
C ASN E 106 -26.48 -16.21 -10.79
N LEU E 107 -27.00 -17.42 -10.94
CA LEU E 107 -28.20 -17.62 -11.74
C LEU E 107 -29.44 -17.52 -10.86
N PRO E 108 -30.55 -16.95 -11.35
CA PRO E 108 -30.69 -16.38 -12.70
C PRO E 108 -30.04 -15.02 -12.87
N LEU E 109 -29.52 -14.75 -14.06
CA LEU E 109 -29.03 -13.41 -14.37
C LEU E 109 -30.20 -12.43 -14.31
N THR E 110 -30.02 -11.34 -13.58
CA THR E 110 -31.11 -10.40 -13.33
C THR E 110 -30.68 -8.99 -13.72
N PHE E 111 -31.64 -8.22 -14.22
CA PHE E 111 -31.43 -6.87 -14.69
C PHE E 111 -32.11 -5.86 -13.75
N GLY E 112 -31.69 -4.61 -13.87
CA GLY E 112 -32.35 -3.55 -13.14
C GLY E 112 -33.61 -3.07 -13.85
N GLY E 113 -34.35 -2.21 -13.14
CA GLY E 113 -35.57 -1.67 -13.70
C GLY E 113 -35.36 -0.73 -14.87
N GLY E 114 -34.15 -0.21 -15.03
CA GLY E 114 -33.87 0.70 -16.12
C GLY E 114 -34.01 2.15 -15.71
N THR E 115 -33.24 3.02 -16.37
CA THR E 115 -33.30 4.46 -16.14
C THR E 115 -33.41 5.15 -17.50
N LYS E 116 -34.60 5.70 -17.77
CA LYS E 116 -34.79 6.49 -18.98
C LYS E 116 -34.16 7.86 -18.83
N VAL E 117 -33.45 8.32 -19.85
CA VAL E 117 -32.73 9.58 -19.81
C VAL E 117 -33.31 10.50 -20.86
N ASP E 118 -33.71 11.69 -20.43
CA ASP E 118 -34.25 12.75 -21.27
C ASP E 118 -33.19 13.83 -21.44
N ILE E 119 -33.50 14.83 -22.27
CA ILE E 119 -32.62 15.96 -22.51
C ILE E 119 -33.41 17.22 -22.20
N LYS E 120 -33.11 17.85 -21.07
CA LYS E 120 -33.79 19.07 -20.67
C LYS E 120 -33.77 20.11 -21.77
N ARG E 121 -34.96 20.60 -22.13
CA ARG E 121 -35.13 21.56 -23.21
C ARG E 121 -36.12 22.62 -22.78
N THR E 122 -36.03 23.79 -23.42
CA THR E 122 -36.98 24.87 -23.15
C THR E 122 -38.38 24.43 -23.57
N VAL E 123 -39.35 24.69 -22.69
CA VAL E 123 -40.71 24.22 -22.89
C VAL E 123 -41.20 24.64 -24.27
N ALA E 124 -41.74 23.67 -25.01
CA ALA E 124 -42.32 23.90 -26.33
C ALA E 124 -43.71 23.31 -26.36
N ALA E 125 -44.67 24.10 -26.82
CA ALA E 125 -46.05 23.64 -26.89
C ALA E 125 -46.27 22.79 -28.15
N PRO E 126 -47.19 21.83 -28.10
CA PRO E 126 -47.45 21.01 -29.29
C PRO E 126 -48.16 21.79 -30.38
N SER E 127 -47.93 21.39 -31.62
CA SER E 127 -48.69 21.86 -32.77
C SER E 127 -49.75 20.80 -33.08
N VAL E 128 -51.01 21.16 -32.91
CA VAL E 128 -52.11 20.20 -32.94
C VAL E 128 -52.78 20.24 -34.30
N PHE E 129 -52.90 19.06 -34.92
CA PHE E 129 -53.59 18.89 -36.19
C PHE E 129 -54.61 17.76 -36.03
N ILE E 130 -55.78 17.93 -36.64
CA ILE E 130 -56.81 16.90 -36.62
C ILE E 130 -57.03 16.40 -38.04
N PHE E 131 -57.29 15.10 -38.17
CA PHE E 131 -57.42 14.45 -39.47
C PHE E 131 -58.75 13.70 -39.51
N PRO E 132 -59.63 13.99 -40.46
CA PRO E 132 -60.84 13.18 -40.62
C PRO E 132 -60.49 11.83 -41.21
N PRO E 133 -61.39 10.84 -41.10
CA PRO E 133 -61.13 9.55 -41.75
C PRO E 133 -61.24 9.68 -43.26
N SER E 134 -60.38 8.94 -43.96
CA SER E 134 -60.37 9.01 -45.41
C SER E 134 -61.63 8.37 -45.98
N ASP E 135 -62.08 8.91 -47.12
CA ASP E 135 -63.23 8.34 -47.81
C ASP E 135 -63.01 6.89 -48.20
N GLU E 136 -61.75 6.51 -48.46
CA GLU E 136 -61.45 5.10 -48.71
C GLU E 136 -61.76 4.23 -47.50
N GLN E 137 -61.42 4.71 -46.30
CA GLN E 137 -61.64 3.91 -45.09
C GLN E 137 -63.13 3.82 -44.76
N LEU E 138 -63.87 4.91 -44.93
CA LEU E 138 -65.31 4.88 -44.64
C LEU E 138 -66.05 3.92 -45.56
N LYS E 139 -65.46 3.56 -46.71
CA LYS E 139 -66.08 2.55 -47.55
C LYS E 139 -66.06 1.17 -46.90
N SER E 140 -65.06 0.90 -46.06
CA SER E 140 -64.87 -0.42 -45.45
C SER E 140 -65.68 -0.60 -44.18
N GLY E 141 -66.37 0.43 -43.69
CA GLY E 141 -67.16 0.30 -42.48
C GLY E 141 -66.47 0.67 -41.20
N THR E 142 -65.36 1.39 -41.27
CA THR E 142 -64.62 1.80 -40.09
C THR E 142 -64.20 3.26 -40.26
N ALA E 143 -64.22 4.00 -39.15
CA ALA E 143 -63.81 5.40 -39.13
C ALA E 143 -62.71 5.58 -38.10
N SER E 144 -61.61 6.23 -38.52
CA SER E 144 -60.49 6.53 -37.63
C SER E 144 -60.19 8.01 -37.69
N VAL E 145 -60.35 8.69 -36.55
CA VAL E 145 -59.96 10.09 -36.40
C VAL E 145 -58.62 10.13 -35.69
N VAL E 146 -57.71 10.98 -36.18
CA VAL E 146 -56.35 11.05 -35.69
C VAL E 146 -56.05 12.48 -35.25
N CYS E 147 -55.46 12.62 -34.06
CA CYS E 147 -55.07 13.90 -33.48
C CYS E 147 -53.55 13.88 -33.32
N LEU E 148 -52.87 14.85 -33.92
CA LEU E 148 -51.42 14.90 -33.93
C LEU E 148 -50.92 16.03 -33.03
N LEU E 149 -49.96 15.71 -32.17
CA LEU E 149 -49.27 16.69 -31.32
C LEU E 149 -47.81 16.69 -31.75
N ASN E 150 -47.40 17.72 -32.47
CA ASN E 150 -46.10 17.74 -33.14
C ASN E 150 -45.10 18.58 -32.36
N ASN E 151 -43.94 17.99 -32.06
CA ASN E 151 -42.79 18.68 -31.50
C ASN E 151 -43.13 19.46 -30.23
N PHE E 152 -43.10 18.79 -29.08
CA PHE E 152 -43.38 19.44 -27.81
C PHE E 152 -42.47 18.89 -26.72
N TYR E 153 -42.38 19.63 -25.62
CA TYR E 153 -41.56 19.26 -24.48
C TYR E 153 -42.09 20.02 -23.27
N PRO E 154 -42.15 19.40 -22.08
CA PRO E 154 -41.81 18.01 -21.78
C PRO E 154 -42.81 17.00 -22.33
N ARG E 155 -42.53 15.71 -22.11
CA ARG E 155 -43.30 14.64 -22.72
C ARG E 155 -44.73 14.56 -22.19
N GLU E 156 -45.01 15.07 -21.00
CA GLU E 156 -46.35 15.00 -20.44
C GLU E 156 -47.34 15.78 -21.28
N ALA E 157 -48.40 15.12 -21.71
CA ALA E 157 -49.45 15.73 -22.51
C ALA E 157 -50.73 14.93 -22.33
N LYS E 158 -51.86 15.62 -22.44
CA LYS E 158 -53.17 15.01 -22.20
C LYS E 158 -54.07 15.31 -23.38
N VAL E 159 -54.75 14.28 -23.89
CA VAL E 159 -55.66 14.41 -25.02
C VAL E 159 -57.01 13.83 -24.63
N GLN E 160 -58.07 14.62 -24.83
CA GLN E 160 -59.43 14.19 -24.59
C GLN E 160 -60.24 14.33 -25.87
N TRP E 161 -61.02 13.31 -26.20
CA TRP E 161 -61.86 13.31 -27.39
C TRP E 161 -63.29 13.71 -27.03
N LYS E 162 -63.93 14.46 -27.93
CA LYS E 162 -65.30 14.91 -27.74
C LYS E 162 -66.09 14.63 -29.01
N VAL E 163 -67.21 13.93 -28.85
CA VAL E 163 -68.10 13.60 -29.95
C VAL E 163 -69.48 14.14 -29.59
N ASP E 164 -69.85 15.27 -30.20
CA ASP E 164 -71.06 16.00 -29.87
C ASP E 164 -71.12 16.34 -28.38
N ASN E 165 -70.07 17.05 -27.92
CA ASN E 165 -69.95 17.51 -26.54
C ASN E 165 -69.97 16.38 -25.53
N ALA E 166 -69.71 15.15 -25.96
CA ALA E 166 -69.68 13.99 -25.08
C ALA E 166 -68.23 13.52 -24.96
N LEU E 167 -67.71 13.51 -23.74
CA LEU E 167 -66.32 13.11 -23.52
C LEU E 167 -66.18 11.61 -23.75
N GLN E 168 -65.17 11.24 -24.54
CA GLN E 168 -64.97 9.86 -24.94
C GLN E 168 -63.91 9.18 -24.08
N SER E 169 -64.10 7.89 -23.84
CA SER E 169 -63.16 7.10 -23.05
C SER E 169 -63.33 5.63 -23.41
N GLY E 170 -62.22 4.91 -23.49
CA GLY E 170 -62.23 3.51 -23.83
C GLY E 170 -62.33 3.20 -25.31
N ASN E 171 -62.30 4.22 -26.18
CA ASN E 171 -62.41 4.03 -27.61
C ASN E 171 -61.28 4.75 -28.36
N SER E 172 -60.16 4.96 -27.68
CA SER E 172 -59.01 5.63 -28.28
C SER E 172 -57.72 4.98 -27.80
N GLN E 173 -56.69 5.07 -28.64
CA GLN E 173 -55.35 4.60 -28.31
C GLN E 173 -54.34 5.65 -28.73
N GLU E 174 -53.22 5.70 -28.01
CA GLU E 174 -52.22 6.72 -28.23
C GLU E 174 -50.83 6.10 -28.32
N SER E 175 -49.91 6.84 -28.95
CA SER E 175 -48.53 6.42 -29.12
C SER E 175 -47.65 7.65 -29.18
N VAL E 176 -46.42 7.52 -28.67
CA VAL E 176 -45.50 8.63 -28.56
CA VAL E 176 -45.50 8.64 -28.56
C VAL E 176 -44.20 8.30 -29.29
N THR E 177 -43.64 9.28 -29.99
CA THR E 177 -42.35 9.12 -30.62
C THR E 177 -41.24 9.18 -29.58
N GLU E 178 -40.06 8.72 -29.99
CA GLU E 178 -38.88 8.87 -29.16
C GLU E 178 -38.46 10.33 -29.14
N GLN E 179 -37.68 10.72 -28.14
CA GLN E 179 -37.20 12.10 -28.08
C GLN E 179 -36.25 12.35 -29.24
N ASP E 180 -36.56 13.36 -30.05
CA ASP E 180 -35.73 13.69 -31.20
C ASP E 180 -34.34 14.11 -30.75
N SER E 181 -33.32 13.50 -31.36
CA SER E 181 -31.94 13.79 -30.98
C SER E 181 -31.47 15.16 -31.43
N LYS E 182 -32.23 15.87 -32.27
CA LYS E 182 -31.81 17.16 -32.80
C LYS E 182 -32.51 18.34 -32.16
N ASP E 183 -33.82 18.26 -31.93
CA ASP E 183 -34.56 19.35 -31.29
C ASP E 183 -35.12 18.96 -29.92
N SER E 184 -34.84 17.75 -29.43
CA SER E 184 -35.16 17.33 -28.07
C SER E 184 -36.66 17.36 -27.77
N THR E 185 -37.51 17.31 -28.79
CA THR E 185 -38.96 17.35 -28.60
C THR E 185 -39.58 15.99 -28.87
N TYR E 186 -40.82 15.82 -28.41
CA TYR E 186 -41.61 14.61 -28.61
C TYR E 186 -42.77 14.89 -29.56
N SER E 187 -43.36 13.81 -30.07
CA SER E 187 -44.58 13.90 -30.85
C SER E 187 -45.49 12.74 -30.48
N LEU E 188 -46.79 13.00 -30.41
CA LEU E 188 -47.78 12.05 -29.96
C LEU E 188 -48.87 11.89 -31.01
N SER E 189 -49.40 10.66 -31.11
CA SER E 189 -50.47 10.35 -32.05
C SER E 189 -51.61 9.71 -31.28
N SER E 190 -52.79 10.33 -31.34
CA SER E 190 -53.99 9.82 -30.69
C SER E 190 -55.02 9.46 -31.74
N THR E 191 -55.52 8.23 -31.68
CA THR E 191 -56.45 7.70 -32.66
C THR E 191 -57.76 7.31 -31.98
N LEU E 192 -58.85 7.94 -32.38
CA LEU E 192 -60.20 7.56 -31.96
C LEU E 192 -60.79 6.68 -33.05
N THR E 193 -61.22 5.48 -32.69
CA THR E 193 -61.71 4.49 -33.64
C THR E 193 -63.19 4.22 -33.35
N LEU E 194 -64.05 4.60 -34.29
CA LEU E 194 -65.48 4.32 -34.21
C LEU E 194 -65.89 3.41 -35.35
N SER E 195 -67.06 2.81 -35.19
CA SER E 195 -67.71 2.17 -36.34
C SER E 195 -68.24 3.26 -37.26
N LYS E 196 -68.35 2.94 -38.55
CA LYS E 196 -68.85 3.92 -39.51
C LYS E 196 -70.25 4.38 -39.14
N ALA E 197 -71.09 3.48 -38.63
CA ALA E 197 -72.45 3.84 -38.26
C ALA E 197 -72.46 4.94 -37.20
N ASP E 198 -71.71 4.74 -36.11
CA ASP E 198 -71.64 5.76 -35.07
C ASP E 198 -70.96 7.03 -35.57
N TYR E 199 -70.07 6.91 -36.54
CA TYR E 199 -69.44 8.09 -37.12
C TYR E 199 -70.45 8.96 -37.85
N GLU E 200 -71.44 8.34 -38.48
CA GLU E 200 -72.46 9.06 -39.23
C GLU E 200 -73.61 9.56 -38.36
N LYS E 201 -73.67 9.15 -37.09
CA LYS E 201 -74.71 9.63 -36.19
C LYS E 201 -74.36 10.97 -35.55
N HIS E 202 -73.09 11.36 -35.55
CA HIS E 202 -72.63 12.55 -34.85
C HIS E 202 -71.88 13.45 -35.82
N LYS E 203 -71.79 14.73 -35.46
CA LYS E 203 -71.27 15.75 -36.36
C LYS E 203 -69.96 16.37 -35.89
N VAL E 204 -69.86 16.75 -34.62
CA VAL E 204 -68.72 17.50 -34.11
C VAL E 204 -67.71 16.52 -33.51
N TYR E 205 -66.48 16.54 -34.02
CA TYR E 205 -65.40 15.71 -33.54
C TYR E 205 -64.21 16.60 -33.22
N ALA E 206 -63.71 16.54 -31.99
CA ALA E 206 -62.64 17.43 -31.58
C ALA E 206 -61.79 16.77 -30.50
N CYS E 207 -60.48 16.99 -30.57
CA CYS E 207 -59.55 16.58 -29.53
CA CYS E 207 -59.55 16.58 -29.53
C CYS E 207 -59.04 17.81 -28.80
N GLU E 208 -59.01 17.73 -27.47
CA GLU E 208 -58.58 18.84 -26.63
C GLU E 208 -57.22 18.49 -26.03
N VAL E 209 -56.23 19.35 -26.28
CA VAL E 209 -54.86 19.11 -25.87
C VAL E 209 -54.51 20.08 -24.75
N THR E 210 -54.18 19.54 -23.58
CA THR E 210 -53.62 20.30 -22.48
C THR E 210 -52.14 19.98 -22.35
N HIS E 211 -51.32 21.01 -22.23
CA HIS E 211 -49.87 20.84 -22.17
C HIS E 211 -49.28 21.99 -21.37
N GLN E 212 -48.12 21.74 -20.78
CA GLN E 212 -47.45 22.75 -19.97
C GLN E 212 -47.16 24.01 -20.78
N GLY E 213 -46.82 23.84 -22.06
CA GLY E 213 -46.50 24.97 -22.91
C GLY E 213 -47.69 25.82 -23.28
N LEU E 214 -48.90 25.25 -23.22
CA LEU E 214 -50.12 25.99 -23.52
C LEU E 214 -50.73 26.52 -22.22
N SER E 215 -50.96 27.82 -22.17
CA SER E 215 -51.60 28.42 -21.00
C SER E 215 -53.08 28.10 -20.91
N SER E 216 -53.63 27.38 -21.89
CA SER E 216 -55.02 26.95 -21.91
C SER E 216 -55.17 25.87 -22.97
N PRO E 217 -56.13 24.95 -22.82
CA PRO E 217 -56.23 23.82 -23.75
C PRO E 217 -56.52 24.26 -25.18
N VAL E 218 -55.90 23.56 -26.13
CA VAL E 218 -56.07 23.83 -27.55
C VAL E 218 -57.01 22.77 -28.13
N THR E 219 -58.04 23.21 -28.84
CA THR E 219 -59.01 22.33 -29.45
C THR E 219 -58.93 22.45 -30.97
N LYS E 220 -58.80 21.31 -31.64
CA LYS E 220 -58.87 21.21 -33.10
C LYS E 220 -60.09 20.37 -33.43
N SER E 221 -60.97 20.89 -34.28
CA SER E 221 -62.24 20.25 -34.57
C SER E 221 -62.49 20.28 -36.07
N PHE E 222 -63.51 19.52 -36.48
CA PHE E 222 -64.02 19.55 -37.83
C PHE E 222 -65.49 19.14 -37.79
N ASN E 223 -66.23 19.61 -38.78
CA ASN E 223 -67.62 19.21 -38.94
C ASN E 223 -67.67 18.17 -40.06
N ARG E 224 -68.18 16.98 -39.73
CA ARG E 224 -68.25 15.88 -40.68
C ARG E 224 -69.04 16.28 -41.91
N GLY E 225 -68.34 16.52 -43.02
CA GLY E 225 -69.00 16.92 -44.25
C GLY E 225 -68.24 17.90 -45.12
N GLU E 226 -67.78 19.02 -44.55
CA GLU E 226 -67.09 20.03 -45.35
C GLU E 226 -65.66 19.62 -45.64
N ASN F 11 -3.82 18.36 2.64
CA ASN F 11 -5.02 18.37 3.47
C ASN F 11 -4.94 17.27 4.52
N LEU F 12 -4.80 16.02 4.07
CA LEU F 12 -4.70 14.88 4.95
C LEU F 12 -3.23 14.54 5.15
N CYS F 13 -2.85 14.29 6.41
CA CYS F 13 -1.44 14.15 6.75
C CYS F 13 -0.88 12.86 6.15
N PRO F 14 0.33 12.89 5.60
CA PRO F 14 0.90 11.73 4.90
C PRO F 14 1.48 10.69 5.85
N PHE F 15 0.64 10.16 6.74
CA PHE F 15 1.10 9.12 7.66
C PHE F 15 1.43 7.82 6.94
N GLY F 16 0.84 7.60 5.76
CA GLY F 16 1.19 6.41 4.99
C GLY F 16 2.65 6.37 4.59
N GLU F 17 3.20 7.53 4.21
CA GLU F 17 4.59 7.57 3.77
C GLU F 17 5.56 7.25 4.90
N VAL F 18 5.15 7.44 6.14
CA VAL F 18 6.00 7.13 7.29
C VAL F 18 5.84 5.69 7.74
N PHE F 19 4.59 5.27 7.98
CA PHE F 19 4.34 3.94 8.53
C PHE F 19 4.56 2.86 7.48
N ASN F 20 4.05 3.07 6.27
CA ASN F 20 4.08 2.07 5.21
C ASN F 20 5.30 2.19 4.29
N ALA F 21 6.29 2.98 4.66
CA ALA F 21 7.49 3.12 3.84
C ALA F 21 8.08 1.75 3.53
N THR F 22 8.65 1.63 2.34
CA THR F 22 9.26 0.36 1.93
C THR F 22 10.54 0.11 2.71
N ARG F 23 11.31 1.17 2.97
CA ARG F 23 12.56 1.08 3.69
C ARG F 23 12.51 1.92 4.95
N PHE F 24 12.93 1.34 6.06
CA PHE F 24 13.20 2.08 7.28
C PHE F 24 14.70 2.24 7.43
N ALA F 25 15.10 3.12 8.36
CA ALA F 25 16.50 3.43 8.54
C ALA F 25 17.05 2.67 9.75
N SER F 26 18.38 2.54 9.77
CA SER F 26 19.03 2.00 10.96
C SER F 26 18.89 2.99 12.11
N VAL F 27 18.85 2.46 13.33
CA VAL F 27 18.52 3.29 14.48
C VAL F 27 19.62 4.33 14.73
N TYR F 28 20.88 4.01 14.41
CA TYR F 28 21.94 4.98 14.60
C TYR F 28 21.82 6.15 13.65
N ALA F 29 21.14 5.97 12.51
CA ALA F 29 20.88 7.05 11.58
C ALA F 29 19.38 7.18 11.38
N TRP F 30 18.64 7.29 12.48
CA TRP F 30 17.18 7.34 12.43
C TRP F 30 16.70 8.50 11.58
N ASN F 31 15.53 8.34 10.98
CA ASN F 31 14.99 9.28 10.01
C ASN F 31 13.88 10.10 10.65
N ARG F 32 13.94 11.42 10.48
CA ARG F 32 12.91 12.34 10.92
C ARG F 32 12.19 12.93 9.71
N LYS F 33 10.86 12.89 9.73
CA LYS F 33 10.03 13.59 8.76
C LYS F 33 9.22 14.66 9.47
N ARG F 34 9.11 15.84 8.85
CA ARG F 34 8.43 16.98 9.45
C ARG F 34 7.02 17.06 8.88
N ILE F 35 6.02 16.96 9.75
CA ILE F 35 4.61 16.96 9.37
C ILE F 35 4.00 18.30 9.78
N SER F 36 3.58 19.09 8.80
CA SER F 36 2.99 20.40 9.04
C SER F 36 1.89 20.67 8.03
N ASN F 37 0.87 21.42 8.47
CA ASN F 37 -0.17 21.95 7.60
C ASN F 37 -0.99 20.84 6.93
N CYS F 38 -1.62 20.02 7.78
CA CYS F 38 -2.47 18.94 7.29
C CYS F 38 -3.37 18.46 8.42
N VAL F 39 -4.53 17.93 8.04
CA VAL F 39 -5.44 17.31 8.99
C VAL F 39 -4.88 15.94 9.37
N ALA F 40 -4.56 15.76 10.65
CA ALA F 40 -3.98 14.51 11.14
C ALA F 40 -5.09 13.65 11.72
N ASP F 41 -5.49 12.63 10.97
CA ASP F 41 -6.47 11.67 11.44
C ASP F 41 -5.73 10.53 12.12
N TYR F 42 -5.77 10.50 13.46
CA TYR F 42 -5.08 9.47 14.22
C TYR F 42 -5.94 8.24 14.46
N SER F 43 -7.19 8.22 13.98
CA SER F 43 -8.03 7.06 14.17
C SER F 43 -7.45 5.83 13.48
N VAL F 44 -6.81 6.03 12.33
CA VAL F 44 -6.17 4.93 11.61
C VAL F 44 -5.18 4.22 12.51
N LEU F 45 -4.20 4.96 13.03
CA LEU F 45 -3.24 4.38 13.98
C LEU F 45 -3.95 3.76 15.17
N TYR F 46 -4.96 4.47 15.70
CA TYR F 46 -5.73 3.95 16.83
C TYR F 46 -6.45 2.67 16.47
N ASN F 47 -7.09 2.62 15.30
CA ASN F 47 -7.87 1.45 14.91
C ASN F 47 -6.99 0.24 14.62
N SER F 48 -5.79 0.46 14.08
CA SER F 48 -4.91 -0.63 13.68
C SER F 48 -4.65 -1.58 14.83
N ALA F 49 -4.95 -2.87 14.61
CA ALA F 49 -4.70 -3.92 15.59
C ALA F 49 -3.37 -4.63 15.35
N SER F 50 -2.49 -4.03 14.55
CA SER F 50 -1.19 -4.60 14.22
C SER F 50 -0.05 -4.06 15.09
N PHE F 51 -0.36 -3.33 16.16
CA PHE F 51 0.64 -2.66 16.97
C PHE F 51 0.87 -3.38 18.28
N SER F 52 2.15 -3.61 18.61
CA SER F 52 2.54 -4.17 19.89
C SER F 52 2.78 -3.08 20.93
N THR F 53 3.15 -1.88 20.51
CA THR F 53 3.42 -0.76 21.40
C THR F 53 2.72 0.48 20.85
N PHE F 54 1.88 1.10 21.69
CA PHE F 54 1.22 2.37 21.36
C PHE F 54 1.17 3.20 22.65
N LYS F 55 2.34 3.60 23.14
CA LYS F 55 2.46 4.32 24.40
C LYS F 55 2.61 5.81 24.14
N CYS F 56 1.69 6.60 24.68
CA CYS F 56 1.69 8.04 24.55
C CYS F 56 2.06 8.70 25.87
N TYR F 57 2.83 9.78 25.79
CA TYR F 57 3.27 10.53 26.96
C TYR F 57 2.74 11.95 26.88
N GLY F 58 2.08 12.40 27.95
CA GLY F 58 1.49 13.72 28.00
C GLY F 58 0.14 13.85 27.34
N VAL F 59 -0.34 12.81 26.65
CA VAL F 59 -1.57 12.88 25.88
C VAL F 59 -2.25 11.52 25.95
N SER F 60 -3.57 11.52 25.78
CA SER F 60 -4.20 10.20 25.81
C SER F 60 -4.39 9.67 24.40
N PRO F 61 -4.18 8.36 24.20
CA PRO F 61 -4.31 7.82 22.83
C PRO F 61 -5.74 7.75 22.33
N THR F 62 -6.71 7.48 23.21
CA THR F 62 -8.11 7.44 22.79
C THR F 62 -8.56 8.81 22.29
N LYS F 63 -8.41 9.82 23.13
CA LYS F 63 -8.84 11.19 22.83
C LYS F 63 -7.73 11.97 22.12
N LEU F 64 -7.27 11.42 21.00
CA LEU F 64 -6.14 11.99 20.27
C LEU F 64 -6.53 12.72 18.99
N ASN F 65 -7.72 12.49 18.45
CA ASN F 65 -8.20 13.17 17.24
C ASN F 65 -8.96 14.46 17.53
N ASP F 66 -8.56 15.22 18.56
CA ASP F 66 -9.20 16.50 18.82
C ASP F 66 -8.22 17.48 19.46
N LEU F 67 -6.94 17.39 19.11
CA LEU F 67 -5.88 18.23 19.65
C LEU F 67 -5.08 18.82 18.50
N CYS F 68 -5.04 20.14 18.41
CA CYS F 68 -4.25 20.82 17.39
C CYS F 68 -2.82 21.01 17.90
N PHE F 69 -1.87 20.88 16.98
CA PHE F 69 -0.46 21.05 17.29
C PHE F 69 0.19 21.96 16.26
N THR F 70 1.20 22.71 16.71
CA THR F 70 1.90 23.60 15.78
C THR F 70 2.77 22.83 14.81
N ASN F 71 3.35 21.71 15.24
CA ASN F 71 4.18 20.88 14.38
C ASN F 71 4.20 19.47 14.95
N VAL F 72 4.26 18.49 14.06
CA VAL F 72 4.41 17.09 14.42
C VAL F 72 5.63 16.54 13.70
N TYR F 73 6.42 15.74 14.40
CA TYR F 73 7.59 15.11 13.84
C TYR F 73 7.50 13.60 14.04
N ALA F 74 7.93 12.86 13.02
CA ALA F 74 7.82 11.39 13.01
C ALA F 74 9.21 10.80 12.82
N ASP F 75 9.72 10.14 13.86
CA ASP F 75 11.00 9.46 13.81
C ASP F 75 10.76 7.97 13.64
N SER F 76 11.47 7.35 12.69
CA SER F 76 11.27 5.95 12.38
C SER F 76 12.61 5.26 12.24
N PHE F 77 12.69 4.03 12.72
CA PHE F 77 13.90 3.22 12.66
C PHE F 77 13.53 1.77 12.91
N VAL F 78 14.54 0.90 13.01
CA VAL F 78 14.36 -0.53 13.22
C VAL F 78 15.30 -0.97 14.33
N ILE F 79 14.75 -1.65 15.33
CA ILE F 79 15.50 -2.25 16.43
C ILE F 79 14.92 -3.63 16.71
N ARG F 80 15.51 -4.33 17.67
CA ARG F 80 15.01 -5.64 18.03
C ARG F 80 14.03 -5.52 19.20
N GLY F 81 13.19 -6.56 19.35
CA GLY F 81 12.14 -6.52 20.35
C GLY F 81 12.62 -6.14 21.73
N ASP F 82 13.67 -6.80 22.22
CA ASP F 82 14.15 -6.56 23.57
C ASP F 82 14.68 -5.14 23.78
N GLU F 83 14.68 -4.31 22.73
CA GLU F 83 15.11 -2.93 22.83
C GLU F 83 13.97 -1.92 22.72
N VAL F 84 12.76 -2.37 22.34
CA VAL F 84 11.63 -1.45 22.21
C VAL F 84 11.32 -0.78 23.54
N ARG F 85 11.58 -1.47 24.66
CA ARG F 85 11.33 -0.87 25.97
C ARG F 85 12.21 0.34 26.21
N GLN F 86 13.30 0.49 25.45
CA GLN F 86 14.22 1.60 25.63
C GLN F 86 13.74 2.87 24.96
N ILE F 87 12.77 2.77 24.04
CA ILE F 87 12.22 3.96 23.41
C ILE F 87 11.19 4.56 24.37
N ALA F 88 11.70 5.14 25.46
CA ALA F 88 10.88 5.77 26.48
C ALA F 88 11.76 6.68 27.30
N PRO F 89 11.20 7.74 27.90
CA PRO F 89 12.03 8.60 28.76
C PRO F 89 12.54 7.87 29.98
N GLY F 90 13.75 8.21 30.39
CA GLY F 90 14.34 7.63 31.59
C GLY F 90 14.82 6.20 31.45
N GLN F 91 15.07 5.74 30.22
CA GLN F 91 15.57 4.40 29.98
C GLN F 91 17.05 4.44 29.62
N THR F 92 17.70 3.31 29.82
CA THR F 92 19.11 3.14 29.46
C THR F 92 19.28 1.86 28.66
N GLY F 93 20.44 1.74 28.03
CA GLY F 93 20.76 0.63 27.18
C GLY F 93 21.56 1.11 26.00
N LYS F 94 21.84 0.20 25.06
CA LYS F 94 22.65 0.58 23.90
C LYS F 94 21.88 1.53 22.98
N ILE F 95 20.58 1.29 22.80
CA ILE F 95 19.80 2.15 21.91
C ILE F 95 19.54 3.50 22.55
N ALA F 96 19.16 3.51 23.83
CA ALA F 96 18.83 4.77 24.49
C ALA F 96 20.05 5.63 24.73
N ASP F 97 21.21 5.03 24.99
CA ASP F 97 22.41 5.81 25.28
C ASP F 97 23.18 6.22 24.04
N TYR F 98 23.14 5.43 22.97
CA TYR F 98 23.98 5.65 21.80
C TYR F 98 23.23 5.84 20.48
N ASN F 99 21.92 5.60 20.44
CA ASN F 99 21.20 5.62 19.17
C ASN F 99 20.03 6.61 19.17
N TYR F 100 19.09 6.49 20.10
CA TYR F 100 17.89 7.32 20.08
C TYR F 100 17.46 7.57 21.51
N LYS F 101 17.56 8.83 21.96
CA LYS F 101 17.22 9.22 23.31
C LYS F 101 16.02 10.16 23.31
N LEU F 102 15.02 9.83 24.13
CA LEU F 102 13.85 10.64 24.40
C LEU F 102 14.05 11.45 25.67
N PRO F 103 13.63 12.72 25.70
CA PRO F 103 13.81 13.52 26.93
C PRO F 103 12.84 13.08 28.01
N ASP F 104 13.17 13.46 29.26
CA ASP F 104 12.31 13.09 30.38
C ASP F 104 10.94 13.73 30.28
N ASP F 105 10.87 14.94 29.72
CA ASP F 105 9.61 15.65 29.52
C ASP F 105 9.06 15.46 28.11
N PHE F 106 9.36 14.32 27.49
CA PHE F 106 8.88 14.03 26.14
C PHE F 106 7.35 14.00 26.11
N THR F 107 6.77 14.64 25.10
CA THR F 107 5.33 14.66 24.87
C THR F 107 5.05 14.09 23.49
N GLY F 108 4.51 12.87 23.45
CA GLY F 108 4.21 12.22 22.20
C GLY F 108 3.94 10.74 22.43
N CYS F 109 3.89 10.01 21.32
CA CYS F 109 3.59 8.59 21.33
C CYS F 109 4.71 7.78 20.71
N VAL F 110 4.93 6.59 21.24
CA VAL F 110 5.88 5.62 20.70
C VAL F 110 5.09 4.45 20.16
N ILE F 111 5.22 4.19 18.86
CA ILE F 111 4.44 3.17 18.17
C ILE F 111 5.42 2.19 17.53
N ALA F 112 5.15 0.89 17.69
CA ALA F 112 6.06 -0.14 17.20
C ALA F 112 5.26 -1.36 16.79
N TRP F 113 5.82 -2.13 15.85
CA TRP F 113 5.19 -3.36 15.38
C TRP F 113 6.28 -4.32 14.90
N ASN F 114 6.00 -5.61 15.02
CA ASN F 114 6.93 -6.64 14.60
C ASN F 114 7.04 -6.67 13.08
N SER F 115 8.26 -6.54 12.56
CA SER F 115 8.48 -6.56 11.13
C SER F 115 9.36 -7.74 10.73
N ASN F 116 9.05 -8.92 11.25
CA ASN F 116 9.87 -10.10 10.95
C ASN F 116 9.68 -10.55 9.51
N ASN F 117 8.48 -10.37 8.96
CA ASN F 117 8.23 -10.79 7.58
C ASN F 117 8.92 -9.89 6.56
N LEU F 118 9.31 -8.68 6.95
CA LEU F 118 9.92 -7.71 6.05
C LEU F 118 11.43 -7.55 6.25
N ASP F 119 11.89 -7.49 7.49
CA ASP F 119 13.27 -7.15 7.79
C ASP F 119 14.12 -8.36 8.18
N SER F 120 13.75 -9.56 7.71
CA SER F 120 14.53 -10.76 7.98
C SER F 120 14.71 -11.55 6.70
N LYS F 121 15.95 -11.90 6.39
CA LYS F 121 16.27 -12.89 5.37
C LYS F 121 16.72 -14.18 6.05
N VAL F 122 16.55 -15.29 5.31
CA VAL F 122 16.86 -16.61 5.86
C VAL F 122 18.34 -16.71 6.19
N GLY F 123 19.19 -16.07 5.40
CA GLY F 123 20.61 -15.99 5.71
C GLY F 123 20.99 -14.87 6.65
N GLY F 124 20.02 -14.17 7.22
CA GLY F 124 20.28 -13.05 8.09
C GLY F 124 20.34 -11.72 7.37
N ASN F 125 19.53 -10.76 7.83
CA ASN F 125 19.54 -9.40 7.29
C ASN F 125 20.58 -8.59 8.05
N TYR F 126 21.58 -8.07 7.32
CA TYR F 126 22.66 -7.32 7.94
C TYR F 126 22.66 -5.84 7.55
N ASN F 127 21.61 -5.36 6.89
CA ASN F 127 21.57 -3.97 6.44
C ASN F 127 21.31 -2.98 7.58
N TYR F 128 20.59 -3.41 8.62
CA TYR F 128 20.30 -2.54 9.75
C TYR F 128 21.46 -2.55 10.74
N LEU F 129 21.95 -1.36 11.10
CA LEU F 129 23.06 -1.21 12.01
C LEU F 129 22.61 -0.53 13.30
N TYR F 130 23.50 -0.54 14.29
CA TYR F 130 23.29 0.20 15.53
C TYR F 130 24.65 0.52 16.14
N ARG F 131 24.68 1.62 16.91
CA ARG F 131 25.92 2.09 17.51
C ARG F 131 26.22 1.32 18.79
N LEU F 132 27.47 0.90 18.95
CA LEU F 132 27.88 0.04 20.04
C LEU F 132 28.75 0.72 21.07
N PHE F 133 29.65 1.61 20.65
CA PHE F 133 30.56 2.30 21.56
C PHE F 133 30.44 3.80 21.35
N ARG F 134 30.55 4.55 22.43
CA ARG F 134 30.56 6.00 22.35
C ARG F 134 31.13 6.56 23.66
N LYS F 135 31.91 7.64 23.54
CA LYS F 135 32.50 8.26 24.71
C LYS F 135 31.46 8.87 25.65
N SER F 136 30.23 9.09 25.17
CA SER F 136 29.22 9.71 26.00
C SER F 136 27.85 9.23 25.55
N ASN F 137 26.86 9.41 26.43
CA ASN F 137 25.47 9.15 26.08
C ASN F 137 24.95 10.25 25.16
N LEU F 138 23.95 9.91 24.37
CA LEU F 138 23.29 10.90 23.53
C LEU F 138 22.40 11.79 24.38
N LYS F 139 22.45 13.09 24.10
CA LYS F 139 21.44 13.99 24.63
C LYS F 139 20.13 13.74 23.89
N PRO F 140 19.00 14.23 24.43
CA PRO F 140 17.72 13.97 23.77
C PRO F 140 17.70 14.44 22.32
N PHE F 141 17.19 13.57 21.45
CA PHE F 141 17.03 13.85 20.03
C PHE F 141 18.35 14.22 19.36
N GLU F 142 19.42 13.53 19.75
CA GLU F 142 20.72 13.67 19.11
C GLU F 142 20.91 12.51 18.12
N ARG F 143 21.53 12.81 16.99
CA ARG F 143 21.87 11.80 15.99
C ARG F 143 23.38 11.77 15.80
N ASP F 144 23.96 10.57 15.91
CA ASP F 144 25.37 10.34 15.61
C ASP F 144 25.45 9.36 14.44
N ILE F 145 26.06 9.80 13.34
CA ILE F 145 26.30 8.93 12.19
C ILE F 145 27.78 8.82 11.87
N SER F 146 28.65 9.31 12.76
CA SER F 146 30.08 9.21 12.53
C SER F 146 30.54 7.77 12.67
N THR F 147 31.57 7.43 11.89
CA THR F 147 32.16 6.10 11.90
C THR F 147 33.60 6.15 12.43
N GLU F 148 33.83 7.01 13.42
CA GLU F 148 35.15 7.13 14.02
C GLU F 148 35.49 5.89 14.83
N ILE F 149 36.77 5.49 14.78
CA ILE F 149 37.22 4.32 15.53
C ILE F 149 37.22 4.66 17.01
N TYR F 150 36.41 3.95 17.79
CA TYR F 150 36.32 4.22 19.22
C TYR F 150 37.60 3.81 19.92
N GLN F 151 38.30 4.78 20.51
CA GLN F 151 39.52 4.51 21.27
C GLN F 151 39.14 4.25 22.72
N ALA F 152 39.38 3.02 23.19
CA ALA F 152 39.03 2.62 24.54
C ALA F 152 40.21 2.65 25.50
N GLY F 153 41.41 2.95 25.03
CA GLY F 153 42.57 2.83 25.90
C GLY F 153 43.65 3.87 25.73
N SER F 154 44.83 3.58 26.26
CA SER F 154 45.96 4.49 26.25
C SER F 154 46.44 4.78 24.83
N THR F 155 47.11 3.81 24.21
CA THR F 155 47.68 4.00 22.90
C THR F 155 46.56 4.35 21.90
N PRO F 156 46.77 5.35 21.05
CA PRO F 156 45.68 5.78 20.15
C PRO F 156 45.49 4.79 19.00
N CYS F 157 44.41 5.02 18.27
CA CYS F 157 44.12 4.29 17.05
C CYS F 157 44.37 5.21 15.86
N ASN F 158 44.87 4.64 14.76
CA ASN F 158 45.23 5.39 13.57
C ASN F 158 44.25 5.12 12.44
N GLY F 159 42.97 5.08 12.77
CA GLY F 159 41.93 4.76 11.81
C GLY F 159 41.71 3.28 11.59
N VAL F 160 42.52 2.42 12.20
CA VAL F 160 42.40 0.98 12.05
C VAL F 160 42.06 0.37 13.40
N GLU F 161 41.28 -0.71 13.36
CA GLU F 161 40.94 -1.44 14.56
C GLU F 161 42.16 -2.21 15.08
N GLY F 162 42.16 -2.49 16.38
CA GLY F 162 43.29 -3.15 17.00
C GLY F 162 43.07 -3.33 18.49
N PHE F 163 44.16 -3.28 19.28
CA PHE F 163 44.05 -3.41 20.72
C PHE F 163 43.36 -2.18 21.30
N ASN F 164 42.25 -2.41 22.02
CA ASN F 164 41.43 -1.33 22.58
C ASN F 164 41.02 -0.32 21.51
N CYS F 165 40.79 -0.81 20.29
CA CYS F 165 40.39 0.03 19.16
C CYS F 165 39.26 -0.70 18.44
N TYR F 166 38.04 -0.24 18.66
CA TYR F 166 36.84 -0.91 18.16
C TYR F 166 36.23 -0.11 17.02
N PHE F 167 35.25 -0.74 16.36
CA PHE F 167 34.43 -0.08 15.37
C PHE F 167 33.05 0.17 15.95
N PRO F 168 32.58 1.42 15.94
CA PRO F 168 31.40 1.77 16.76
C PRO F 168 30.11 1.12 16.31
N LEU F 169 29.99 0.78 15.02
CA LEU F 169 28.73 0.27 14.47
C LEU F 169 28.73 -1.25 14.44
N GLN F 170 27.59 -1.82 14.80
CA GLN F 170 27.37 -3.26 14.79
C GLN F 170 26.06 -3.52 14.06
N SER F 171 25.95 -4.70 13.45
CA SER F 171 24.76 -5.05 12.69
C SER F 171 23.90 -6.05 13.46
N TYR F 172 22.60 -6.02 13.19
CA TYR F 172 21.70 -7.01 13.76
C TYR F 172 21.73 -8.30 12.94
N GLY F 173 21.29 -9.38 13.56
CA GLY F 173 21.18 -10.64 12.85
C GLY F 173 19.95 -10.67 11.97
N PHE F 174 18.78 -10.63 12.60
CA PHE F 174 17.48 -10.62 11.92
C PHE F 174 17.35 -11.82 10.97
N GLN F 175 17.17 -12.98 11.60
CA GLN F 175 16.84 -14.25 10.98
C GLN F 175 15.42 -14.64 11.37
N PRO F 176 14.61 -15.12 10.42
CA PRO F 176 13.21 -15.46 10.76
C PRO F 176 13.09 -16.42 11.93
N THR F 177 14.12 -17.23 12.16
CA THR F 177 14.10 -18.23 13.23
C THR F 177 14.33 -17.64 14.62
N ASN F 178 14.76 -16.38 14.71
CA ASN F 178 15.03 -15.76 15.99
C ASN F 178 13.78 -15.73 16.87
N GLY F 179 14.00 -15.66 18.17
CA GLY F 179 12.91 -15.45 19.10
C GLY F 179 12.36 -14.05 19.01
N VAL F 180 11.18 -13.86 19.61
CA VAL F 180 10.48 -12.58 19.53
C VAL F 180 11.38 -11.43 19.97
N GLY F 181 12.15 -11.63 21.04
CA GLY F 181 13.01 -10.59 21.56
C GLY F 181 14.16 -10.23 20.64
N TYR F 182 14.47 -11.08 19.66
CA TYR F 182 15.53 -10.80 18.71
C TYR F 182 15.02 -10.51 17.31
N GLN F 183 13.70 -10.49 17.12
CA GLN F 183 13.12 -10.21 15.82
C GLN F 183 13.07 -8.71 15.57
N PRO F 184 13.15 -8.28 14.30
CA PRO F 184 13.13 -6.85 14.01
C PRO F 184 11.78 -6.22 14.29
N TYR F 185 11.81 -4.98 14.74
CA TYR F 185 10.62 -4.19 15.02
C TYR F 185 10.78 -2.82 14.39
N ARG F 186 9.72 -2.32 13.78
CA ARG F 186 9.71 -0.99 13.18
C ARG F 186 9.02 -0.04 14.14
N VAL F 187 9.71 1.07 14.44
CA VAL F 187 9.28 2.01 15.46
C VAL F 187 8.95 3.35 14.80
N VAL F 188 7.85 3.95 15.22
CA VAL F 188 7.48 5.31 14.81
C VAL F 188 7.25 6.14 16.07
N VAL F 189 8.05 7.17 16.26
CA VAL F 189 7.97 8.03 17.43
C VAL F 189 7.39 9.36 16.97
N LEU F 190 6.11 9.60 17.29
CA LEU F 190 5.47 10.87 17.01
C LEU F 190 5.68 11.81 18.18
N SER F 191 6.38 12.91 17.95
CA SER F 191 6.60 13.93 18.97
C SER F 191 5.88 15.21 18.57
N PHE F 192 5.22 15.84 19.54
CA PHE F 192 4.38 17.01 19.29
C PHE F 192 4.98 18.23 19.96
N GLU F 193 5.06 19.33 19.21
CA GLU F 193 5.43 20.62 19.78
C GLU F 193 4.27 21.59 19.64
N LEU F 194 4.05 22.38 20.69
CA LEU F 194 3.01 23.40 20.71
C LEU F 194 3.66 24.69 21.17
N LEU F 195 3.86 25.63 20.24
CA LEU F 195 4.45 26.91 20.56
C LEU F 195 3.37 27.97 20.70
N HIS F 196 3.82 29.20 20.99
CA HIS F 196 2.97 30.38 20.88
C HIS F 196 2.84 30.76 19.40
N ALA F 197 2.22 29.86 18.65
CA ALA F 197 2.22 29.94 17.20
C ALA F 197 0.95 29.33 16.66
N PRO F 198 0.55 29.67 15.44
CA PRO F 198 -0.60 29.00 14.83
C PRO F 198 -0.37 27.50 14.71
N ALA F 199 -1.42 26.73 14.95
CA ALA F 199 -1.35 25.27 14.92
C ALA F 199 -1.66 24.80 13.51
N THR F 200 -0.70 24.12 12.89
CA THR F 200 -0.84 23.66 11.51
C THR F 200 -1.31 22.23 11.38
N VAL F 201 -1.12 21.39 12.40
CA VAL F 201 -1.53 20.00 12.37
C VAL F 201 -2.65 19.83 13.39
N CYS F 202 -3.88 19.64 12.89
CA CYS F 202 -5.04 19.43 13.74
C CYS F 202 -5.65 18.07 13.47
N GLY F 203 -6.34 17.53 14.48
CA GLY F 203 -7.02 16.26 14.38
C GLY F 203 -8.50 16.43 14.08
N LYS F 204 -9.06 15.44 13.40
CA LYS F 204 -10.49 15.43 13.07
C LYS F 204 -10.90 14.07 12.53
N GLN G 1 4.05 33.73 18.51
CA GLN G 1 4.99 34.79 18.18
C GLN G 1 6.40 34.45 18.65
N VAL G 2 7.06 33.51 17.98
CA VAL G 2 8.46 33.23 18.28
C VAL G 2 9.28 34.45 17.89
N GLN G 3 10.08 34.97 18.83
CA GLN G 3 10.84 36.19 18.62
C GLN G 3 12.32 35.93 18.83
N LEU G 4 13.14 36.46 17.92
CA LEU G 4 14.60 36.38 18.01
C LEU G 4 15.14 37.78 17.75
N VAL G 5 15.71 38.41 18.79
CA VAL G 5 16.18 39.79 18.70
C VAL G 5 17.70 39.80 18.87
N GLU G 6 18.41 40.15 17.79
CA GLU G 6 19.86 40.27 17.84
C GLU G 6 20.27 41.67 18.31
N SER G 7 21.47 41.75 18.85
CA SER G 7 22.04 43.02 19.30
C SER G 7 23.55 42.82 19.48
N GLY G 8 24.24 43.92 19.81
CA GLY G 8 25.68 43.88 20.00
C GLY G 8 26.51 44.10 18.76
N GLY G 9 25.90 44.43 17.62
CA GLY G 9 26.62 44.63 16.38
C GLY G 9 27.06 46.07 16.21
N GLY G 10 28.26 46.25 15.66
CA GLY G 10 28.78 47.58 15.41
C GLY G 10 30.15 47.58 14.74
N VAL G 11 30.95 48.60 15.01
CA VAL G 11 32.29 48.72 14.46
C VAL G 11 33.27 47.97 15.36
N VAL G 12 34.32 47.44 14.75
CA VAL G 12 35.40 46.76 15.48
C VAL G 12 36.64 46.73 14.60
N GLN G 13 37.79 47.04 15.19
CA GLN G 13 39.03 47.05 14.44
C GLN G 13 39.60 45.63 14.33
N PRO G 14 40.44 45.37 13.32
CA PRO G 14 40.97 44.02 13.15
C PRO G 14 41.74 43.54 14.38
N GLY G 15 41.60 42.25 14.68
CA GLY G 15 42.25 41.64 15.83
C GLY G 15 41.52 41.77 17.15
N ARG G 16 40.56 42.69 17.25
CA ARG G 16 39.82 42.89 18.48
C ARG G 16 38.68 41.89 18.59
N SER G 17 37.88 42.02 19.65
CA SER G 17 36.78 41.10 19.91
C SER G 17 35.46 41.86 20.05
N LEU G 18 34.37 41.14 19.84
CA LEU G 18 33.02 41.68 19.94
C LEU G 18 32.10 40.55 20.37
N ARG G 19 31.02 40.90 21.07
CA ARG G 19 30.12 39.90 21.63
C ARG G 19 28.69 40.23 21.21
N LEU G 20 28.10 39.37 20.38
CA LEU G 20 26.73 39.49 19.94
C LEU G 20 25.78 38.83 20.92
N SER G 21 24.51 39.20 20.83
CA SER G 21 23.48 38.66 21.72
C SER G 21 22.18 38.47 20.96
N CYS G 22 21.52 37.35 21.22
CA CYS G 22 20.22 37.03 20.65
C CYS G 22 19.24 36.83 21.80
N ALA G 23 18.14 37.56 21.78
CA ALA G 23 17.19 37.58 22.90
C ALA G 23 15.89 36.92 22.47
N ALA G 24 15.73 35.65 22.84
CA ALA G 24 14.60 34.85 22.40
C ALA G 24 13.41 35.03 23.34
N SER G 25 12.21 34.99 22.76
CA SER G 25 10.97 35.11 23.51
C SER G 25 9.86 34.41 22.74
N GLY G 26 8.85 33.96 23.48
CA GLY G 26 7.71 33.28 22.87
C GLY G 26 7.90 31.81 22.59
N PHE G 27 8.82 31.14 23.29
CA PHE G 27 8.97 29.69 23.23
C PHE G 27 9.97 29.26 24.30
N THR G 28 9.83 28.02 24.76
CA THR G 28 10.70 27.50 25.81
C THR G 28 12.15 27.43 25.34
N PHE G 29 12.88 28.54 25.49
CA PHE G 29 14.24 28.65 24.99
C PHE G 29 15.17 27.60 25.59
N SER G 30 14.91 27.16 26.82
CA SER G 30 15.83 26.26 27.49
C SER G 30 15.90 24.90 26.81
N THR G 31 14.80 24.43 26.22
CA THR G 31 14.77 23.11 25.60
C THR G 31 15.38 23.14 24.20
N TYR G 32 15.19 24.21 23.44
CA TYR G 32 15.62 24.18 22.06
C TYR G 32 17.11 24.51 21.93
N ALA G 33 17.67 24.15 20.77
CA ALA G 33 19.05 24.44 20.42
C ALA G 33 19.09 25.69 19.54
N MET G 34 20.24 26.36 19.54
CA MET G 34 20.35 27.67 18.92
C MET G 34 21.48 27.72 17.91
N HIS G 35 21.27 28.50 16.86
CA HIS G 35 22.16 28.60 15.71
C HIS G 35 22.69 30.02 15.55
N TRP G 36 23.79 30.13 14.83
CA TRP G 36 24.31 31.41 14.35
C TRP G 36 24.62 31.28 12.86
N VAL G 37 24.09 32.20 12.06
CA VAL G 37 24.32 32.24 10.62
C VAL G 37 24.72 33.66 10.25
N ARG G 38 25.68 33.79 9.33
CA ARG G 38 26.11 35.10 8.87
C ARG G 38 26.03 35.17 7.35
N GLN G 39 26.13 36.39 6.83
CA GLN G 39 26.10 36.62 5.38
C GLN G 39 26.93 37.87 5.09
N ALA G 40 28.07 37.68 4.42
CA ALA G 40 28.92 38.80 4.07
C ALA G 40 28.28 39.61 2.95
N PRO G 41 28.67 40.89 2.79
CA PRO G 41 28.02 41.74 1.79
C PRO G 41 28.22 41.20 0.38
N GLY G 42 27.11 41.03 -0.33
CA GLY G 42 27.15 40.49 -1.67
C GLY G 42 27.43 39.00 -1.75
N LYS G 43 27.52 38.32 -0.62
CA LYS G 43 27.88 36.91 -0.54
C LYS G 43 26.67 36.09 -0.14
N GLY G 44 26.85 34.76 -0.09
CA GLY G 44 25.80 33.85 0.29
C GLY G 44 25.82 33.50 1.78
N LEU G 45 24.85 32.68 2.16
CA LEU G 45 24.67 32.33 3.56
C LEU G 45 25.74 31.35 4.04
N GLU G 46 26.16 31.50 5.30
CA GLU G 46 27.19 30.66 5.88
C GLU G 46 26.83 30.35 7.33
N TRP G 47 26.66 29.06 7.63
CA TRP G 47 26.37 28.63 8.99
C TRP G 47 27.61 28.80 9.87
N VAL G 48 27.42 29.38 11.05
CA VAL G 48 28.56 29.72 11.91
C VAL G 48 28.72 28.67 13.01
N ALA G 49 27.70 28.49 13.83
CA ALA G 49 27.83 27.62 14.99
C ALA G 49 26.46 27.18 15.47
N VAL G 50 26.47 26.13 16.31
CA VAL G 50 25.28 25.66 17.01
C VAL G 50 25.72 25.11 18.36
N LEU G 51 24.82 25.19 19.34
CA LEU G 51 25.06 24.62 20.65
C LEU G 51 23.79 23.89 21.08
N SER G 52 23.95 22.94 21.99
CA SER G 52 22.83 22.12 22.40
C SER G 52 21.92 22.89 23.37
N TYR G 53 20.88 22.22 23.84
CA TYR G 53 19.84 22.90 24.64
C TYR G 53 20.40 23.43 25.96
N ASP G 54 21.42 22.76 26.51
CA ASP G 54 21.97 23.09 27.81
C ASP G 54 23.28 23.85 27.71
N GLY G 55 23.78 24.08 26.49
CA GLY G 55 25.05 24.74 26.31
C GLY G 55 26.26 23.84 26.42
N SER G 56 26.05 22.53 26.58
CA SER G 56 27.16 21.62 26.85
C SER G 56 27.96 21.31 25.59
N ASN G 57 27.28 21.09 24.47
CA ASN G 57 27.93 20.70 23.21
C ASN G 57 27.78 21.81 22.19
N LYS G 58 28.90 22.25 21.63
CA LYS G 58 28.94 23.31 20.64
C LYS G 58 29.73 22.84 19.42
N TYR G 59 29.27 23.26 18.24
CA TYR G 59 29.92 22.93 16.98
C TYR G 59 30.02 24.19 16.13
N TYR G 60 31.19 24.41 15.53
CA TYR G 60 31.47 25.62 14.77
C TYR G 60 31.77 25.25 13.31
N ALA G 61 32.20 26.25 12.55
CA ALA G 61 32.66 26.06 11.18
C ALA G 61 34.15 26.36 11.12
N ASP G 62 34.86 25.67 10.20
CA ASP G 62 36.30 25.81 10.11
C ASP G 62 36.74 27.26 9.91
N SER G 63 35.88 28.08 9.30
CA SER G 63 36.22 29.48 9.12
C SER G 63 36.25 30.25 10.43
N VAL G 64 35.57 29.74 11.47
CA VAL G 64 35.48 30.42 12.75
C VAL G 64 35.93 29.55 13.92
N LYS G 65 36.34 28.31 13.67
CA LYS G 65 36.69 27.39 14.74
C LYS G 65 37.89 27.91 15.52
N GLY G 66 37.79 27.82 16.85
CA GLY G 66 38.86 28.29 17.72
C GLY G 66 39.01 29.80 17.76
N ARG G 67 38.09 30.53 17.13
CA ARG G 67 38.18 31.98 17.05
C ARG G 67 36.88 32.60 17.54
N PHE G 68 35.78 31.90 17.34
CA PHE G 68 34.47 32.26 17.86
C PHE G 68 34.06 31.29 18.97
N THR G 69 33.13 31.74 19.80
CA THR G 69 32.61 30.92 20.88
C THR G 69 31.11 31.17 21.00
N ILE G 70 30.33 30.10 21.08
CA ILE G 70 28.88 30.19 21.23
C ILE G 70 28.52 29.75 22.65
N SER G 71 27.65 30.51 23.29
CA SER G 71 27.24 30.24 24.66
C SER G 71 25.79 30.68 24.83
N ARG G 72 25.22 30.37 25.99
CA ARG G 72 23.82 30.70 26.23
C ARG G 72 23.57 30.88 27.72
N ASP G 73 22.48 31.58 28.03
CA ASP G 73 22.02 31.82 29.40
C ASP G 73 20.52 31.53 29.42
N ASN G 74 20.16 30.28 29.74
CA ASN G 74 18.75 29.88 29.69
C ASN G 74 17.89 30.64 30.69
N SER G 75 18.49 31.15 31.77
CA SER G 75 17.74 32.01 32.69
C SER G 75 17.38 33.34 32.04
N LYS G 76 18.33 33.95 31.33
CA LYS G 76 18.09 35.19 30.62
C LYS G 76 17.47 34.98 29.25
N ASN G 77 17.31 33.72 28.83
CA ASN G 77 16.73 33.41 27.52
C ASN G 77 17.47 34.13 26.40
N THR G 78 18.80 34.13 26.46
CA THR G 78 19.62 34.83 25.48
C THR G 78 20.75 33.95 25.00
N LEU G 79 21.10 34.12 23.73
CA LEU G 79 22.18 33.40 23.06
C LEU G 79 23.30 34.37 22.71
N TYR G 80 24.53 33.95 22.95
CA TYR G 80 25.70 34.80 22.78
C TYR G 80 26.63 34.22 21.72
N LEU G 81 27.48 35.09 21.16
CA LEU G 81 28.51 34.68 20.21
C LEU G 81 29.74 35.56 20.44
N GLN G 82 30.71 35.04 21.21
CA GLN G 82 31.95 35.74 21.45
C GLN G 82 32.89 35.57 20.25
N MET G 83 33.20 36.67 19.59
CA MET G 83 34.02 36.68 18.37
C MET G 83 35.38 37.28 18.69
N ASN G 84 36.41 36.44 18.77
CA ASN G 84 37.77 36.91 19.03
C ASN G 84 38.58 36.97 17.74
N SER G 85 39.50 37.92 17.70
CA SER G 85 40.44 38.10 16.58
C SER G 85 39.70 38.19 15.24
N LEU G 86 38.92 39.26 15.11
CA LEU G 86 38.07 39.45 13.95
C LEU G 86 38.87 40.01 12.77
N ARG G 87 38.70 39.40 11.60
CA ARG G 87 39.23 39.91 10.35
C ARG G 87 38.11 40.49 9.51
N ALA G 88 38.49 41.09 8.37
CA ALA G 88 37.50 41.70 7.48
C ALA G 88 36.57 40.69 6.85
N GLU G 89 37.01 39.42 6.73
CA GLU G 89 36.13 38.38 6.22
C GLU G 89 34.93 38.15 7.13
N ASP G 90 35.03 38.56 8.40
CA ASP G 90 33.96 38.40 9.36
C ASP G 90 32.89 39.47 9.24
N THR G 91 33.15 40.53 8.47
CA THR G 91 32.16 41.58 8.24
C THR G 91 30.93 40.99 7.56
N ALA G 92 29.82 40.91 8.30
CA ALA G 92 28.62 40.24 7.78
C ALA G 92 27.42 40.65 8.61
N VAL G 93 26.25 40.20 8.18
CA VAL G 93 25.01 40.34 8.92
C VAL G 93 24.75 39.01 9.61
N TYR G 94 24.84 38.99 10.93
CA TYR G 94 24.74 37.77 11.71
C TYR G 94 23.31 37.54 12.18
N TYR G 95 22.77 36.36 11.89
CA TYR G 95 21.45 35.96 12.35
C TYR G 95 21.57 34.82 13.35
N CYS G 96 20.67 34.81 14.33
CA CYS G 96 20.45 33.64 15.17
C CYS G 96 19.22 32.88 14.67
N ALA G 97 19.19 31.58 14.95
CA ALA G 97 18.12 30.74 14.43
C ALA G 97 17.73 29.69 15.47
N LYS G 98 16.42 29.49 15.61
CA LYS G 98 15.91 28.44 16.49
C LYS G 98 16.17 27.08 15.88
N GLY G 99 16.71 26.17 16.68
CA GLY G 99 17.02 24.82 16.23
C GLY G 99 15.94 23.82 16.54
N GLY G 100 16.36 22.56 16.75
CA GLY G 100 15.44 21.47 17.00
C GLY G 100 15.11 21.29 18.47
N SER G 101 14.40 20.19 18.73
CA SER G 101 13.81 19.94 20.03
C SER G 101 14.82 20.07 21.16
N TYR G 102 15.90 19.28 21.11
CA TYR G 102 16.88 19.28 22.20
C TYR G 102 18.31 19.33 21.70
N ALA G 103 18.83 18.19 21.24
CA ALA G 103 20.14 18.11 20.61
C ALA G 103 20.02 17.92 19.09
N TYR G 104 18.87 18.24 18.53
CA TYR G 104 18.62 18.09 17.08
C TYR G 104 19.03 19.38 16.38
N TYR G 105 20.34 19.49 16.13
CA TYR G 105 20.90 20.72 15.57
C TYR G 105 20.70 20.85 14.07
N TYR G 106 19.68 20.19 13.52
CA TYR G 106 19.49 20.15 12.07
C TYR G 106 18.34 21.01 11.57
N TYR G 107 17.66 21.74 12.46
CA TYR G 107 16.59 22.63 12.06
C TYR G 107 16.97 24.08 12.30
N MET G 108 16.38 24.97 11.50
CA MET G 108 16.55 26.42 11.64
C MET G 108 15.18 27.08 11.46
N ASP G 109 14.25 26.75 12.36
CA ASP G 109 12.84 27.07 12.17
C ASP G 109 12.62 28.57 11.98
N VAL G 110 13.28 29.41 12.78
CA VAL G 110 13.02 30.84 12.79
C VAL G 110 14.34 31.60 12.83
N TRP G 111 14.44 32.66 12.03
CA TRP G 111 15.62 33.51 11.97
C TRP G 111 15.31 34.87 12.57
N GLY G 112 16.31 35.47 13.21
CA GLY G 112 16.20 36.86 13.61
C GLY G 112 16.46 37.79 12.43
N LYS G 113 16.15 39.07 12.64
CA LYS G 113 16.42 40.06 11.59
C LYS G 113 17.91 40.33 11.42
N GLY G 114 18.72 40.04 12.44
CA GLY G 114 20.16 40.12 12.30
C GLY G 114 20.82 41.43 12.67
N THR G 115 21.98 41.34 13.31
CA THR G 115 22.83 42.50 13.58
C THR G 115 24.03 42.48 12.65
N THR G 116 24.57 43.66 12.37
CA THR G 116 25.66 43.82 11.42
C THR G 116 26.96 44.13 12.15
N VAL G 117 28.02 43.43 11.79
CA VAL G 117 29.35 43.62 12.36
C VAL G 117 30.27 44.10 11.25
N THR G 118 30.93 45.23 11.47
CA THR G 118 31.82 45.84 10.49
C THR G 118 33.23 45.88 11.05
N VAL G 119 34.14 45.13 10.42
CA VAL G 119 35.52 45.02 10.87
C VAL G 119 36.35 45.99 10.04
N SER G 120 36.63 47.17 10.62
CA SER G 120 37.38 48.19 9.90
C SER G 120 38.15 49.05 10.89
N SER G 121 39.24 49.63 10.40
CA SER G 121 40.04 50.58 11.17
C SER G 121 39.54 52.01 11.02
N ALA G 122 38.43 52.22 10.31
CA ALA G 122 37.86 53.54 10.17
C ALA G 122 37.12 53.93 11.44
N SER G 123 36.65 55.19 11.46
CA SER G 123 35.95 55.73 12.60
C SER G 123 34.56 56.20 12.19
N THR G 124 33.64 56.19 13.13
CA THR G 124 32.26 56.56 12.84
C THR G 124 32.18 58.02 12.43
N LYS G 125 31.67 58.26 11.23
CA LYS G 125 31.52 59.60 10.68
C LYS G 125 30.12 59.77 10.11
N GLY G 126 29.57 60.97 10.25
CA GLY G 126 28.35 61.32 9.58
C GLY G 126 28.64 61.61 8.12
N PRO G 127 27.61 61.59 7.28
CA PRO G 127 27.83 61.82 5.85
C PRO G 127 27.76 63.28 5.46
N SER G 128 28.60 63.66 4.52
CA SER G 128 28.46 64.94 3.84
C SER G 128 27.44 64.78 2.73
N VAL G 129 26.47 65.69 2.68
CA VAL G 129 25.33 65.58 1.76
C VAL G 129 25.44 66.73 0.76
N PHE G 130 25.70 66.39 -0.50
CA PHE G 130 25.86 67.37 -1.55
C PHE G 130 24.74 67.24 -2.57
N PRO G 131 24.31 68.35 -3.18
CA PRO G 131 23.21 68.29 -4.12
C PRO G 131 23.65 67.87 -5.52
N LEU G 132 22.87 66.98 -6.11
CA LEU G 132 22.97 66.68 -7.54
C LEU G 132 21.95 67.57 -8.24
N ALA G 133 22.44 68.67 -8.81
CA ALA G 133 21.51 69.69 -9.30
C ALA G 133 21.06 69.37 -10.73
N PRO G 134 19.79 69.65 -11.05
CA PRO G 134 19.25 69.50 -12.41
C PRO G 134 19.65 70.67 -13.30
N GLY G 141 15.53 67.55 -22.93
CA GLY G 141 14.72 66.45 -22.43
C GLY G 141 13.38 66.90 -21.89
N GLY G 142 12.45 65.94 -21.74
CA GLY G 142 11.13 66.24 -21.22
C GLY G 142 11.03 66.15 -19.72
N THR G 143 11.86 65.30 -19.12
CA THR G 143 11.92 65.14 -17.66
C THR G 143 13.36 65.30 -17.20
N ALA G 144 13.52 65.76 -15.97
CA ALA G 144 14.83 66.04 -15.40
C ALA G 144 15.09 65.11 -14.22
N ALA G 145 16.37 64.97 -13.89
CA ALA G 145 16.81 64.16 -12.77
C ALA G 145 17.60 65.03 -11.79
N LEU G 146 17.35 64.82 -10.50
CA LEU G 146 18.09 65.49 -9.45
C LEU G 146 18.34 64.48 -8.34
N GLY G 147 19.26 64.80 -7.46
CA GLY G 147 19.58 63.86 -6.40
C GLY G 147 20.43 64.47 -5.31
N CYS G 148 20.91 63.59 -4.43
CA CYS G 148 21.78 63.97 -3.32
C CYS G 148 22.94 63.00 -3.25
N LEU G 149 24.15 63.54 -3.16
CA LEU G 149 25.35 62.73 -2.99
C LEU G 149 25.63 62.59 -1.50
N VAL G 150 25.53 61.38 -0.99
CA VAL G 150 25.75 61.08 0.43
C VAL G 150 27.12 60.42 0.52
N LYS G 151 28.14 61.19 0.87
CA LYS G 151 29.53 60.78 0.74
C LYS G 151 30.23 60.74 2.08
N ASP G 152 31.11 59.73 2.24
CA ASP G 152 32.09 59.67 3.32
C ASP G 152 31.42 59.54 4.69
N TYR G 153 30.72 58.43 4.87
CA TYR G 153 30.17 58.07 6.16
C TYR G 153 30.60 56.66 6.52
N PHE G 154 30.50 56.33 7.80
CA PHE G 154 30.86 55.02 8.30
C PHE G 154 30.34 54.84 9.72
N PRO G 155 29.80 53.66 10.06
CA PRO G 155 29.58 52.59 9.10
C PRO G 155 28.23 52.71 8.44
N GLU G 156 27.81 51.66 7.74
CA GLU G 156 26.45 51.60 7.23
C GLU G 156 25.47 51.51 8.38
N PRO G 157 24.20 51.90 8.17
CA PRO G 157 23.65 52.49 6.95
C PRO G 157 23.18 53.94 7.12
N VAL G 158 22.89 54.58 5.99
CA VAL G 158 22.14 55.83 5.98
C VAL G 158 20.78 55.53 5.35
N THR G 159 19.81 56.39 5.66
CA THR G 159 18.48 56.30 5.08
C THR G 159 18.15 57.64 4.43
N VAL G 160 17.74 57.60 3.17
CA VAL G 160 17.41 58.79 2.41
C VAL G 160 15.94 58.73 2.00
N SER G 161 15.23 59.82 2.24
CA SER G 161 13.88 60.03 1.73
C SER G 161 13.82 61.42 1.11
N TRP G 162 12.77 61.66 0.33
CA TRP G 162 12.62 62.93 -0.36
C TRP G 162 11.30 63.58 0.05
N ASN G 163 11.37 64.87 0.40
CA ASN G 163 10.22 65.64 0.86
C ASN G 163 9.53 64.96 2.05
N SER G 164 10.33 64.47 2.99
CA SER G 164 9.84 63.88 4.24
C SER G 164 8.86 62.73 4.00
N GLY G 165 9.00 62.04 2.87
CA GLY G 165 8.18 60.90 2.56
C GLY G 165 7.06 61.16 1.56
N ALA G 166 6.86 62.41 1.16
CA ALA G 166 5.82 62.71 0.19
C ALA G 166 6.24 62.30 -1.22
N LEU G 167 7.48 62.58 -1.60
CA LEU G 167 7.99 62.24 -2.92
C LEU G 167 8.61 60.86 -2.85
N THR G 168 7.95 59.87 -3.46
CA THR G 168 8.44 58.50 -3.47
C THR G 168 8.52 57.96 -4.89
N SER G 169 7.64 58.45 -5.77
CA SER G 169 7.58 57.97 -7.14
C SER G 169 8.83 58.39 -7.92
N GLY G 170 9.46 57.41 -8.57
CA GLY G 170 10.63 57.66 -9.38
C GLY G 170 11.92 57.82 -8.60
N VAL G 171 11.93 57.49 -7.32
CA VAL G 171 13.11 57.62 -6.48
C VAL G 171 13.90 56.32 -6.54
N HIS G 172 15.21 56.44 -6.74
CA HIS G 172 16.11 55.29 -6.78
C HIS G 172 17.28 55.60 -5.86
N THR G 173 17.27 55.01 -4.66
CA THR G 173 18.38 55.13 -3.73
C THR G 173 19.31 53.95 -3.94
N PHE G 174 20.50 54.22 -4.45
CA PHE G 174 21.40 53.16 -4.85
C PHE G 174 22.09 52.55 -3.64
N PRO G 175 22.39 51.25 -3.69
CA PRO G 175 23.23 50.66 -2.63
C PRO G 175 24.58 51.35 -2.56
N ALA G 176 25.17 51.31 -1.37
CA ALA G 176 26.40 52.04 -1.12
C ALA G 176 27.61 51.30 -1.69
N VAL G 177 28.59 52.07 -2.12
CA VAL G 177 29.89 51.55 -2.52
C VAL G 177 30.88 51.88 -1.41
N LEU G 178 31.83 50.97 -1.18
CA LEU G 178 32.86 51.18 -0.18
C LEU G 178 34.08 51.80 -0.86
N GLN G 179 34.40 53.03 -0.52
CA GLN G 179 35.51 53.73 -1.13
C GLN G 179 36.84 53.20 -0.62
N SER G 180 37.91 53.51 -1.36
CA SER G 180 39.23 53.05 -0.97
C SER G 180 39.67 53.64 0.36
N SER G 181 39.11 54.78 0.76
CA SER G 181 39.43 55.39 2.04
C SER G 181 38.81 54.66 3.23
N GLY G 182 37.90 53.71 2.98
CA GLY G 182 37.22 53.01 4.04
C GLY G 182 35.85 53.56 4.39
N LEU G 183 35.46 54.68 3.80
CA LEU G 183 34.16 55.29 4.01
C LEU G 183 33.21 54.93 2.87
N TYR G 184 31.91 55.02 3.16
CA TYR G 184 30.88 54.66 2.19
C TYR G 184 30.38 55.90 1.46
N SER G 185 29.96 55.68 0.21
CA SER G 185 29.32 56.71 -0.60
C SER G 185 28.04 56.15 -1.19
N LEU G 186 27.03 57.01 -1.30
CA LEU G 186 25.71 56.58 -1.74
C LEU G 186 25.01 57.77 -2.37
N SER G 187 24.15 57.49 -3.34
CA SER G 187 23.38 58.53 -4.03
CA SER G 187 23.39 58.52 -4.05
C SER G 187 21.93 58.10 -4.16
N SER G 188 21.04 59.09 -4.09
CA SER G 188 19.61 58.89 -4.24
C SER G 188 19.10 59.90 -5.26
N VAL G 189 18.45 59.40 -6.32
CA VAL G 189 18.01 60.25 -7.41
C VAL G 189 16.51 60.10 -7.57
N VAL G 190 15.91 61.12 -8.19
CA VAL G 190 14.48 61.11 -8.51
C VAL G 190 14.28 61.84 -9.83
N THR G 191 13.42 61.29 -10.68
CA THR G 191 13.05 61.93 -11.94
C THR G 191 11.78 62.74 -11.73
N VAL G 192 11.80 63.98 -12.20
CA VAL G 192 10.67 64.91 -12.02
C VAL G 192 10.36 65.59 -13.35
N PRO G 193 9.13 66.04 -13.56
CA PRO G 193 8.83 66.81 -14.78
C PRO G 193 9.56 68.15 -14.76
N SER G 194 10.03 68.57 -15.94
CA SER G 194 10.82 69.79 -16.04
C SER G 194 10.04 71.02 -15.60
N SER G 195 8.72 71.00 -15.76
CA SER G 195 7.91 72.20 -15.51
C SER G 195 7.95 72.61 -14.04
N SER G 196 8.02 71.64 -13.13
CA SER G 196 7.96 71.94 -11.70
C SER G 196 9.30 72.32 -11.10
N LEU G 197 10.36 72.41 -11.90
CA LEU G 197 11.69 72.62 -11.34
C LEU G 197 11.82 73.98 -10.65
N GLY G 198 11.09 75.00 -11.12
CA GLY G 198 11.24 76.33 -10.56
C GLY G 198 10.20 76.76 -9.57
N THR G 199 9.16 75.95 -9.35
CA THR G 199 8.11 76.28 -8.40
C THR G 199 7.74 75.09 -7.53
N GLN G 200 8.70 74.20 -7.28
CA GLN G 200 8.49 73.05 -6.41
C GLN G 200 9.85 72.66 -5.85
N THR G 201 10.01 72.78 -4.54
CA THR G 201 11.28 72.52 -3.88
C THR G 201 11.42 71.04 -3.52
N TYR G 202 12.64 70.52 -3.67
CA TYR G 202 12.95 69.13 -3.38
C TYR G 202 14.05 69.07 -2.34
N ILE G 203 13.80 68.34 -1.25
CA ILE G 203 14.75 68.21 -0.15
C ILE G 203 14.89 66.74 0.19
N CYS G 204 16.13 66.27 0.28
CA CYS G 204 16.44 64.90 0.67
C CYS G 204 16.76 64.84 2.16
N ASN G 205 16.18 63.87 2.85
CA ASN G 205 16.33 63.72 4.30
C ASN G 205 17.27 62.56 4.58
N VAL G 206 18.54 62.86 4.80
CA VAL G 206 19.55 61.86 5.10
C VAL G 206 19.65 61.70 6.62
N ASN G 207 19.48 60.48 7.11
CA ASN G 207 19.57 60.18 8.54
C ASN G 207 20.57 59.07 8.76
N HIS G 208 21.55 59.32 9.64
CA HIS G 208 22.62 58.36 9.94
C HIS G 208 22.69 58.19 11.47
N LYS G 209 21.94 57.22 11.98
CA LYS G 209 21.92 56.97 13.42
C LYS G 209 23.29 56.68 14.04
N PRO G 210 24.17 55.86 13.43
CA PRO G 210 25.45 55.56 14.11
C PRO G 210 26.21 56.78 14.58
N SER G 211 26.09 57.91 13.88
CA SER G 211 26.66 59.17 14.32
C SER G 211 25.61 60.16 14.81
N ASN G 212 24.33 59.77 14.81
CA ASN G 212 23.22 60.63 15.24
C ASN G 212 23.16 61.90 14.40
N THR G 213 23.26 61.73 13.09
CA THR G 213 23.24 62.83 12.13
C THR G 213 21.93 62.83 11.34
N LYS G 214 21.33 64.01 11.21
CA LYS G 214 20.19 64.22 10.33
C LYS G 214 20.45 65.47 9.52
N VAL G 215 20.57 65.31 8.20
CA VAL G 215 20.88 66.40 7.29
C VAL G 215 19.76 66.53 6.27
N ASP G 216 19.23 67.74 6.12
CA ASP G 216 18.27 68.07 5.08
C ASP G 216 18.89 69.06 4.10
N LYS G 217 19.05 68.63 2.85
CA LYS G 217 19.66 69.45 1.82
C LYS G 217 18.65 69.82 0.74
N LYS G 218 18.63 71.09 0.36
CA LYS G 218 17.74 71.62 -0.66
C LYS G 218 18.44 71.54 -2.01
N VAL G 219 17.84 70.81 -2.94
CA VAL G 219 18.38 70.64 -4.29
C VAL G 219 17.71 71.67 -5.20
N GLU G 220 18.52 72.50 -5.83
CA GLU G 220 18.07 73.63 -6.63
C GLU G 220 18.70 73.57 -8.01
N PRO G 221 18.11 74.22 -9.00
CA PRO G 221 18.75 74.35 -10.31
C PRO G 221 19.75 75.49 -10.31
N LYS G 222 20.60 75.49 -11.35
CA LYS G 222 21.66 76.48 -11.46
C LYS G 222 21.48 77.35 -12.70
N GLN H 14 38.35 -23.94 14.87
CA GLN H 14 39.23 -24.91 15.51
C GLN H 14 40.25 -24.17 16.39
N LEU H 15 39.77 -23.21 17.16
CA LEU H 15 40.61 -22.48 18.12
C LEU H 15 40.50 -23.19 19.46
N GLN H 16 41.58 -23.90 19.83
CA GLN H 16 41.56 -24.73 21.02
C GLN H 16 42.81 -24.48 21.86
N LEU H 17 42.62 -24.49 23.18
CA LEU H 17 43.70 -24.26 24.14
C LEU H 17 43.89 -25.51 24.97
N GLN H 18 45.14 -25.92 25.15
CA GLN H 18 45.48 -27.20 25.79
C GLN H 18 46.31 -26.93 27.04
N GLU H 19 45.77 -27.31 28.20
CA GLU H 19 46.42 -27.10 29.48
C GLU H 19 47.16 -28.35 29.93
N SER H 20 48.34 -28.14 30.51
CA SER H 20 49.15 -29.21 31.06
C SER H 20 49.86 -28.70 32.31
N GLY H 21 49.98 -29.56 33.31
CA GLY H 21 50.70 -29.23 34.52
C GLY H 21 50.73 -30.36 35.52
N PRO H 22 51.60 -30.26 36.52
CA PRO H 22 51.65 -31.30 37.56
C PRO H 22 50.45 -31.20 38.49
N GLY H 23 49.81 -32.34 38.72
CA GLY H 23 48.63 -32.36 39.56
C GLY H 23 48.93 -32.10 41.03
N LEU H 24 50.15 -32.43 41.46
CA LEU H 24 50.56 -32.29 42.85
C LEU H 24 51.73 -31.32 42.94
N VAL H 25 51.64 -30.35 43.84
CA VAL H 25 52.74 -29.46 44.17
C VAL H 25 52.96 -29.48 45.67
N LYS H 26 54.21 -29.49 46.08
CA LYS H 26 54.50 -29.47 47.51
C LYS H 26 54.43 -28.04 48.02
N PRO H 27 53.99 -27.86 49.27
CA PRO H 27 53.83 -26.49 49.80
C PRO H 27 55.13 -25.70 49.74
N SER H 28 54.98 -24.38 49.58
CA SER H 28 56.06 -23.39 49.55
C SER H 28 56.85 -23.40 48.25
N GLN H 29 56.69 -24.43 47.42
CA GLN H 29 57.39 -24.46 46.14
C GLN H 29 56.50 -23.84 45.06
N THR H 30 57.04 -23.76 43.84
CA THR H 30 56.38 -23.05 42.76
C THR H 30 55.51 -23.98 41.94
N LEU H 31 54.29 -23.52 41.63
CA LEU H 31 53.39 -24.22 40.74
C LEU H 31 53.57 -23.68 39.32
N SER H 32 53.56 -24.59 38.34
CA SER H 32 53.83 -24.22 36.96
C SER H 32 52.85 -24.94 36.05
N LEU H 33 52.13 -24.18 35.23
CA LEU H 33 51.19 -24.72 34.27
C LEU H 33 51.54 -24.22 32.87
N THR H 34 50.94 -24.86 31.86
CA THR H 34 51.09 -24.46 30.47
C THR H 34 49.73 -24.47 29.81
N CYS H 35 49.55 -23.59 28.83
CA CYS H 35 48.31 -23.48 28.06
C CYS H 35 48.72 -23.28 26.61
N THR H 36 48.85 -24.38 25.88
CA THR H 36 49.31 -24.35 24.50
C THR H 36 48.14 -24.13 23.55
N VAL H 37 48.30 -23.20 22.64
CA VAL H 37 47.25 -22.84 21.69
C VAL H 37 47.43 -23.63 20.42
N SER H 38 46.36 -24.28 19.96
CA SER H 38 46.34 -24.99 18.70
C SER H 38 45.28 -24.38 17.79
N GLY H 39 45.44 -24.62 16.49
CA GLY H 39 44.51 -24.10 15.50
C GLY H 39 44.49 -22.58 15.45
N GLY H 40 45.61 -21.98 15.10
CA GLY H 40 45.78 -20.54 15.03
C GLY H 40 47.06 -20.12 15.70
N SER H 41 47.21 -18.81 15.88
CA SER H 41 48.37 -18.23 16.54
C SER H 41 47.94 -17.49 17.79
N ILE H 42 48.77 -17.54 18.82
CA ILE H 42 48.42 -16.90 20.09
C ILE H 42 48.59 -15.38 20.00
N SER H 43 49.53 -14.89 19.19
CA SER H 43 49.82 -13.47 19.08
C SER H 43 49.27 -12.94 17.76
N SER H 44 47.94 -12.84 17.67
CA SER H 44 47.30 -12.41 16.45
C SER H 44 46.27 -11.31 16.72
N GLY H 45 45.14 -11.67 17.33
CA GLY H 45 44.04 -10.74 17.52
C GLY H 45 44.27 -9.78 18.67
N SER H 46 43.18 -9.18 19.14
CA SER H 46 43.21 -8.23 20.24
C SER H 46 42.69 -8.91 21.50
N TYR H 47 43.53 -9.75 22.10
CA TYR H 47 43.09 -10.58 23.21
C TYR H 47 43.93 -10.34 24.46
N ASN H 48 43.26 -10.45 25.61
CA ASN H 48 43.91 -10.45 26.92
C ASN H 48 43.92 -11.91 27.37
N TRP H 49 45.11 -12.52 27.40
CA TRP H 49 45.24 -13.93 27.77
C TRP H 49 45.34 -14.01 29.29
N THR H 50 44.28 -14.52 29.92
CA THR H 50 44.15 -14.52 31.37
C THR H 50 44.24 -15.93 31.94
N TRP H 51 44.41 -15.99 33.25
CA TRP H 51 44.37 -17.22 34.02
C TRP H 51 43.29 -17.06 35.08
N ILE H 52 42.51 -18.12 35.30
CA ILE H 52 41.42 -18.10 36.27
C ILE H 52 41.41 -19.42 37.01
N ARG H 53 41.33 -19.36 38.33
CA ARG H 53 41.27 -20.56 39.16
C ARG H 53 39.96 -20.62 39.92
N GLN H 54 39.52 -21.83 40.23
CA GLN H 54 38.25 -22.05 40.89
C GLN H 54 38.36 -23.18 41.89
N PRO H 55 38.38 -22.88 43.19
CA PRO H 55 38.37 -23.95 44.19
C PRO H 55 37.09 -24.76 44.09
N ALA H 56 37.23 -26.08 44.20
CA ALA H 56 36.09 -26.99 44.08
C ALA H 56 35.01 -26.61 45.10
N GLY H 57 33.86 -26.19 44.59
CA GLY H 57 32.75 -25.77 45.41
C GLY H 57 32.64 -24.27 45.63
N LYS H 58 33.67 -23.51 45.30
CA LYS H 58 33.63 -22.05 45.42
C LYS H 58 33.64 -21.43 44.03
N GLY H 59 33.82 -20.10 43.98
CA GLY H 59 33.66 -19.36 42.75
C GLY H 59 34.97 -19.14 42.01
N LEU H 60 34.85 -18.48 40.86
CA LEU H 60 35.99 -18.21 40.00
C LEU H 60 36.79 -17.02 40.52
N GLU H 61 38.10 -17.08 40.34
CA GLU H 61 39.01 -16.05 40.80
C GLU H 61 39.93 -15.64 39.67
N TRP H 62 39.91 -14.36 39.32
CA TRP H 62 40.75 -13.84 38.24
C TRP H 62 42.17 -13.66 38.77
N ILE H 63 43.11 -14.36 38.15
CA ILE H 63 44.50 -14.37 38.64
C ILE H 63 45.29 -13.21 38.05
N GLY H 64 45.27 -13.07 36.74
CA GLY H 64 46.00 -12.02 36.09
C GLY H 64 45.72 -12.01 34.60
N ARG H 65 46.65 -11.43 33.84
CA ARG H 65 46.50 -11.38 32.40
C ARG H 65 47.84 -11.01 31.78
N ILE H 66 47.91 -11.16 30.46
CA ILE H 66 49.06 -10.74 29.66
C ILE H 66 48.53 -10.31 28.30
N TYR H 67 49.10 -9.23 27.76
CA TYR H 67 48.64 -8.65 26.51
C TYR H 67 49.80 -8.03 25.78
N ASN H 68 49.51 -7.49 24.59
CA ASN H 68 50.51 -6.87 23.73
C ASN H 68 51.71 -7.79 23.52
N SER H 69 52.86 -7.42 24.09
CA SER H 69 54.10 -8.17 23.91
C SER H 69 54.84 -8.33 25.24
N GLY H 70 54.11 -8.75 26.27
CA GLY H 70 54.75 -9.03 27.55
C GLY H 70 54.06 -8.40 28.75
N SER H 71 53.49 -7.21 28.56
CA SER H 71 52.85 -6.47 29.63
C SER H 71 51.82 -7.33 30.37
N THR H 72 51.74 -7.15 31.68
CA THR H 72 50.90 -7.98 32.53
C THR H 72 50.16 -7.12 33.56
N ASN H 73 49.02 -7.65 34.00
CA ASN H 73 48.26 -7.07 35.11
C ASN H 73 47.74 -8.23 35.95
N TYR H 74 48.05 -8.21 37.25
CA TYR H 74 47.71 -9.32 38.14
C TYR H 74 46.66 -8.89 39.16
N ASN H 75 46.13 -9.89 39.85
CA ASN H 75 45.29 -9.64 41.01
C ASN H 75 46.16 -9.09 42.13
N PRO H 76 45.80 -7.96 42.74
CA PRO H 76 46.66 -7.38 43.78
C PRO H 76 46.88 -8.30 44.97
N SER H 77 45.89 -9.12 45.34
CA SER H 77 46.06 -10.07 46.42
C SER H 77 47.08 -11.16 46.09
N LEU H 78 47.46 -11.30 44.83
CA LEU H 78 48.42 -12.31 44.41
C LEU H 78 49.57 -11.73 43.60
N LYS H 79 49.74 -10.40 43.60
CA LYS H 79 50.63 -9.77 42.61
C LYS H 79 52.08 -10.19 42.80
N SER H 80 52.53 -10.34 44.04
CA SER H 80 53.94 -10.62 44.28
C SER H 80 54.32 -12.08 44.03
N ARG H 81 53.36 -13.00 44.04
CA ARG H 81 53.67 -14.42 43.95
C ARG H 81 53.43 -15.02 42.56
N VAL H 82 52.83 -14.28 41.64
CA VAL H 82 52.39 -14.83 40.36
C VAL H 82 53.29 -14.29 39.25
N THR H 83 53.49 -15.12 38.23
CA THR H 83 54.17 -14.71 37.01
C THR H 83 53.45 -15.34 35.82
N ILE H 84 53.13 -14.53 34.82
CA ILE H 84 52.41 -14.98 33.62
C ILE H 84 53.24 -14.58 32.42
N SER H 85 53.76 -15.56 31.69
CA SER H 85 54.62 -15.32 30.53
C SER H 85 53.99 -15.93 29.28
N VAL H 86 54.59 -15.60 28.14
CA VAL H 86 54.15 -16.13 26.84
C VAL H 86 55.39 -16.54 26.05
N ASP H 87 55.40 -17.79 25.58
CA ASP H 87 56.42 -18.33 24.69
C ASP H 87 55.80 -18.46 23.31
N THR H 88 56.08 -17.49 22.43
CA THR H 88 55.45 -17.46 21.12
C THR H 88 55.92 -18.62 20.25
N SER H 89 57.19 -19.01 20.36
CA SER H 89 57.71 -20.09 19.55
C SER H 89 56.99 -21.40 19.86
N LYS H 90 56.85 -21.73 21.14
CA LYS H 90 56.05 -22.88 21.52
C LYS H 90 54.55 -22.59 21.49
N ASN H 91 54.16 -21.35 21.19
CA ASN H 91 52.76 -20.97 20.99
C ASN H 91 51.92 -21.29 22.23
N GLN H 92 52.45 -20.91 23.39
CA GLN H 92 51.80 -21.23 24.65
C GLN H 92 52.09 -20.13 25.67
N LEU H 93 51.20 -20.01 26.64
CA LEU H 93 51.39 -19.15 27.80
C LEU H 93 51.48 -20.02 29.05
N SER H 94 52.32 -19.60 29.99
CA SER H 94 52.56 -20.37 31.21
C SER H 94 52.23 -19.53 32.43
N LEU H 95 51.98 -20.21 33.54
CA LEU H 95 51.68 -19.60 34.82
C LEU H 95 52.66 -20.09 35.87
N LYS H 96 53.21 -19.18 36.65
CA LYS H 96 54.10 -19.52 37.75
C LYS H 96 53.55 -18.90 39.04
N VAL H 97 53.24 -19.75 40.02
CA VAL H 97 52.76 -19.31 41.33
C VAL H 97 53.73 -19.86 42.37
N ARG H 98 54.46 -18.96 43.03
CA ARG H 98 55.50 -19.34 43.96
C ARG H 98 54.98 -19.35 45.40
N SER H 99 55.60 -20.19 46.23
CA SER H 99 55.28 -20.30 47.66
C SER H 99 53.79 -20.59 47.86
N VAL H 100 53.37 -21.74 47.34
CA VAL H 100 51.96 -22.10 47.37
C VAL H 100 51.56 -22.55 48.77
N THR H 101 50.26 -22.46 49.05
CA THR H 101 49.68 -22.92 50.30
C THR H 101 48.47 -23.81 49.99
N ALA H 102 47.85 -24.33 51.04
CA ALA H 102 46.66 -25.16 50.85
C ALA H 102 45.52 -24.37 50.21
N ALA H 103 45.50 -23.05 50.42
CA ALA H 103 44.47 -22.21 49.82
C ALA H 103 44.61 -22.07 48.32
N ASP H 104 45.73 -22.49 47.74
CA ASP H 104 45.95 -22.40 46.30
C ASP H 104 45.47 -23.64 45.55
N THR H 105 44.85 -24.59 46.23
CA THR H 105 44.31 -25.78 45.58
C THR H 105 43.00 -25.42 44.86
N ALA H 106 43.00 -25.55 43.54
CA ALA H 106 41.84 -25.17 42.75
C ALA H 106 41.94 -25.78 41.36
N VAL H 107 40.84 -25.69 40.61
CA VAL H 107 40.84 -26.03 39.19
C VAL H 107 41.21 -24.77 38.41
N TYR H 108 42.34 -24.82 37.71
CA TYR H 108 42.89 -23.66 37.03
C TYR H 108 42.53 -23.72 35.55
N TYR H 109 42.03 -22.60 35.03
CA TYR H 109 41.70 -22.46 33.61
C TYR H 109 42.57 -21.41 32.95
N CYS H 110 42.73 -21.53 31.65
CA CYS H 110 43.22 -20.45 30.80
C CYS H 110 42.15 -20.09 29.78
N ALA H 111 42.00 -18.80 29.51
CA ALA H 111 41.03 -18.34 28.54
C ALA H 111 41.61 -17.12 27.83
N ARG H 112 40.93 -16.69 26.77
CA ARG H 112 41.31 -15.49 26.04
C ARG H 112 40.18 -14.48 26.15
N HIS H 113 40.55 -13.23 26.44
CA HIS H 113 39.61 -12.13 26.65
C HIS H 113 39.78 -11.15 25.50
N CYS H 114 38.71 -10.90 24.76
CA CYS H 114 38.78 -10.01 23.60
C CYS H 114 38.59 -8.56 24.03
N SER H 115 39.49 -7.70 23.56
CA SER H 115 39.44 -6.26 23.82
C SER H 115 39.95 -5.52 22.59
N GLY H 116 39.19 -5.57 21.51
CA GLY H 116 39.57 -4.84 20.32
C GLY H 116 38.66 -5.17 19.15
N GLY H 117 39.06 -4.67 17.98
CA GLY H 117 38.28 -4.84 16.78
C GLY H 117 38.84 -5.88 15.82
N THR H 118 40.03 -6.39 16.13
CA THR H 118 40.65 -7.45 15.34
C THR H 118 40.50 -8.81 16.01
N CYS H 119 39.35 -9.03 16.65
CA CYS H 119 39.03 -10.29 17.31
C CYS H 119 38.09 -11.08 16.40
N TYR H 120 38.38 -12.36 16.20
CA TYR H 120 37.40 -13.18 15.52
C TYR H 120 37.02 -14.39 16.37
N PRO H 121 35.72 -14.59 16.65
CA PRO H 121 34.65 -13.63 16.33
C PRO H 121 34.67 -12.40 17.25
N LYS H 122 33.98 -11.34 16.85
CA LYS H 122 33.97 -10.07 17.59
C LYS H 122 33.01 -10.17 18.78
N TYR H 123 33.43 -10.95 19.77
CA TYR H 123 32.70 -11.06 21.04
C TYR H 123 33.40 -10.12 22.01
N TYR H 124 32.98 -8.86 21.98
CA TYR H 124 33.65 -7.83 22.76
C TYR H 124 33.48 -8.07 24.26
N TYR H 125 34.57 -7.89 25.00
CA TYR H 125 34.66 -8.03 26.45
C TYR H 125 34.44 -9.46 26.94
N GLY H 126 34.25 -10.42 26.04
CA GLY H 126 33.91 -11.78 26.42
C GLY H 126 35.13 -12.69 26.44
N MET H 127 35.13 -13.63 27.38
CA MET H 127 36.18 -14.64 27.46
C MET H 127 35.80 -15.75 26.47
N ASP H 128 36.36 -15.63 25.26
CA ASP H 128 35.92 -16.38 24.09
C ASP H 128 36.11 -17.89 24.25
N VAL H 129 37.36 -18.34 24.24
CA VAL H 129 37.70 -19.76 24.23
C VAL H 129 38.40 -20.09 25.54
N TRP H 130 37.93 -21.14 26.21
CA TRP H 130 38.48 -21.58 27.48
C TRP H 130 39.29 -22.86 27.30
N GLY H 131 40.12 -23.15 28.30
CA GLY H 131 40.77 -24.44 28.39
C GLY H 131 39.91 -25.43 29.18
N GLN H 132 40.31 -26.71 29.09
CA GLN H 132 39.55 -27.75 29.77
C GLN H 132 39.66 -27.63 31.29
N GLY H 133 40.78 -27.13 31.78
CA GLY H 133 40.97 -27.00 33.21
C GLY H 133 41.80 -28.11 33.82
N THR H 134 42.93 -27.75 34.42
CA THR H 134 43.78 -28.69 35.13
C THR H 134 43.61 -28.52 36.63
N THR H 135 43.53 -29.63 37.35
CA THR H 135 43.32 -29.62 38.79
C THR H 135 44.67 -29.63 39.49
N VAL H 136 44.93 -28.61 40.31
CA VAL H 136 46.17 -28.49 41.08
C VAL H 136 45.85 -28.76 42.54
N THR H 137 46.59 -29.68 43.15
CA THR H 137 46.43 -30.03 44.56
C THR H 137 47.71 -29.70 45.29
N VAL H 138 47.64 -28.72 46.19
CA VAL H 138 48.78 -28.31 47.00
C VAL H 138 48.74 -29.19 48.25
N SER H 139 49.63 -30.18 48.31
CA SER H 139 49.66 -31.13 49.41
C SER H 139 51.03 -31.79 49.46
N SER H 140 51.38 -32.27 50.66
CA SER H 140 52.72 -32.81 50.87
C SER H 140 52.92 -34.15 50.18
N ALA H 141 51.85 -34.90 49.95
CA ALA H 141 51.95 -36.20 49.30
C ALA H 141 52.39 -36.05 47.84
N GLN I 14 37.93 -9.16 45.17
CA GLN I 14 36.91 -9.75 46.02
C GLN I 14 35.64 -10.10 45.23
N SER I 15 34.64 -10.63 45.91
CA SER I 15 33.36 -11.01 45.30
C SER I 15 32.36 -9.87 45.39
N ALA I 16 32.72 -8.75 44.73
CA ALA I 16 31.85 -7.58 44.70
C ALA I 16 30.46 -7.93 44.17
N LEU I 17 30.40 -8.75 43.13
CA LEU I 17 29.12 -9.15 42.55
C LEU I 17 28.45 -10.20 43.42
N THR I 18 27.17 -9.99 43.72
CA THR I 18 26.39 -10.89 44.54
C THR I 18 25.21 -11.42 43.73
N GLN I 19 25.09 -12.74 43.66
CA GLN I 19 24.01 -13.45 42.99
C GLN I 19 23.31 -14.36 43.99
N PRO I 20 22.03 -14.67 43.77
CA PRO I 20 21.38 -15.71 44.58
C PRO I 20 22.07 -17.04 44.40
N PRO I 21 22.23 -17.82 45.47
CA PRO I 21 22.96 -19.09 45.33
C PRO I 21 22.24 -20.10 44.46
N SER I 22 20.90 -20.13 44.52
CA SER I 22 20.12 -21.05 43.71
C SER I 22 18.81 -20.39 43.34
N VAL I 23 18.32 -20.71 42.15
CA VAL I 23 17.00 -20.31 41.68
C VAL I 23 16.36 -21.48 40.96
N SER I 24 15.10 -21.76 41.27
CA SER I 24 14.37 -22.87 40.68
C SER I 24 13.04 -22.37 40.14
N GLU I 25 12.65 -22.87 38.98
CA GLU I 25 11.38 -22.51 38.36
C GLU I 25 10.80 -23.72 37.64
N ALA I 26 9.53 -23.63 37.28
CA ALA I 26 8.84 -24.72 36.63
C ALA I 26 9.26 -24.83 35.17
N PRO I 27 9.10 -26.01 34.57
CA PRO I 27 9.43 -26.16 33.14
C PRO I 27 8.59 -25.26 32.26
N ARG I 28 9.19 -24.77 31.18
CA ARG I 28 8.54 -23.89 30.21
C ARG I 28 8.06 -22.59 30.85
N GLN I 29 8.73 -22.16 31.92
CA GLN I 29 8.47 -20.87 32.55
C GLN I 29 9.64 -19.93 32.25
N ARG I 30 9.63 -18.76 32.89
CA ARG I 30 10.62 -17.73 32.66
C ARG I 30 11.35 -17.46 33.97
N VAL I 31 12.65 -17.76 34.00
CA VAL I 31 13.46 -17.61 35.19
CA VAL I 31 13.46 -17.61 35.19
C VAL I 31 14.37 -16.39 35.02
N THR I 32 14.64 -15.71 36.13
CA THR I 32 15.49 -14.52 36.15
C THR I 32 16.59 -14.70 37.18
N ILE I 33 17.83 -14.59 36.74
CA ILE I 33 19.00 -14.67 37.62
C ILE I 33 19.61 -13.27 37.70
N SER I 34 19.47 -12.65 38.87
CA SER I 34 19.95 -11.28 39.08
C SER I 34 21.41 -11.28 39.52
N CYS I 35 22.08 -10.16 39.23
CA CYS I 35 23.50 -9.98 39.55
C CYS I 35 23.68 -8.56 40.08
N SER I 36 23.92 -8.45 41.38
CA SER I 36 23.99 -7.16 42.06
C SER I 36 25.45 -6.73 42.22
N GLY I 37 25.73 -5.48 41.84
CA GLY I 37 27.06 -4.92 42.03
C GLY I 37 27.02 -3.47 42.48
N SER I 38 28.12 -2.74 42.24
CA SER I 38 28.21 -1.33 42.57
C SER I 38 28.66 -0.56 41.33
N SER I 39 28.83 0.75 41.50
CA SER I 39 29.22 1.59 40.37
C SER I 39 30.65 1.36 39.93
N SER I 40 31.48 0.73 40.75
CA SER I 40 32.86 0.45 40.37
C SER I 40 32.99 -0.74 39.44
N ASN I 41 32.01 -1.64 39.42
CA ASN I 41 32.02 -2.76 38.49
C ASN I 41 30.86 -2.59 37.53
N ILE I 42 29.67 -3.11 37.84
CA ILE I 42 28.57 -3.11 36.89
C ILE I 42 28.17 -1.70 36.48
N GLY I 43 28.37 -0.72 37.36
CA GLY I 43 27.93 0.64 37.07
C GLY I 43 28.65 1.27 35.91
N ASN I 44 29.93 0.93 35.70
CA ASN I 44 30.75 1.56 34.68
C ASN I 44 31.50 0.55 33.81
N ASN I 45 31.08 -0.72 33.81
CA ASN I 45 31.77 -1.73 33.03
C ASN I 45 30.77 -2.74 32.49
N ALA I 46 31.14 -3.37 31.38
CA ALA I 46 30.29 -4.37 30.75
C ALA I 46 30.17 -5.61 31.63
N VAL I 47 29.02 -6.27 31.53
CA VAL I 47 28.72 -7.48 32.29
C VAL I 47 28.64 -8.64 31.30
N ASN I 48 29.43 -9.68 31.55
CA ASN I 48 29.41 -10.91 30.77
C ASN I 48 28.86 -12.04 31.61
N TRP I 49 28.13 -12.95 30.97
CA TRP I 49 27.56 -14.12 31.61
C TRP I 49 28.20 -15.38 31.06
N TYR I 50 28.45 -16.36 31.94
CA TYR I 50 29.04 -17.62 31.56
C TYR I 50 28.21 -18.76 32.14
N GLN I 51 28.11 -19.85 31.40
CA GLN I 51 27.41 -21.05 31.82
C GLN I 51 28.42 -22.17 32.04
N GLN I 52 28.31 -22.85 33.18
CA GLN I 52 29.24 -23.91 33.54
C GLN I 52 28.47 -25.14 33.98
N PHE I 53 28.59 -26.21 33.21
CA PHE I 53 28.02 -27.51 33.56
C PHE I 53 29.00 -28.28 34.46
N PRO I 54 28.50 -29.28 35.19
CA PRO I 54 29.37 -30.01 36.11
C PRO I 54 30.56 -30.64 35.39
N GLY I 55 31.76 -30.39 35.93
CA GLY I 55 32.96 -30.99 35.43
C GLY I 55 33.50 -30.41 34.14
N LYS I 56 33.06 -29.23 33.75
CA LYS I 56 33.50 -28.62 32.50
C LYS I 56 33.80 -27.15 32.73
N ALA I 57 34.41 -26.53 31.73
CA ALA I 57 34.78 -25.12 31.80
C ALA I 57 33.57 -24.23 31.56
N PRO I 58 33.62 -22.98 32.04
CA PRO I 58 32.53 -22.04 31.76
C PRO I 58 32.44 -21.74 30.27
N LYS I 59 31.21 -21.50 29.81
CA LYS I 59 30.93 -21.21 28.41
C LYS I 59 30.35 -19.81 28.31
N LEU I 60 30.90 -19.01 27.38
CA LEU I 60 30.41 -17.65 27.19
C LEU I 60 28.95 -17.67 26.75
N LEU I 61 28.08 -17.08 27.56
CA LEU I 61 26.65 -17.08 27.32
C LEU I 61 26.13 -15.73 26.86
N ILE I 62 26.51 -14.65 27.55
CA ILE I 62 26.14 -13.29 27.16
C ILE I 62 27.39 -12.44 27.25
N TYR I 63 27.68 -11.69 26.18
CA TYR I 63 28.83 -10.80 26.16
C TYR I 63 28.34 -9.37 25.95
N TYR I 64 29.02 -8.42 26.60
CA TYR I 64 28.68 -7.01 26.53
C TYR I 64 27.21 -6.78 26.88
N ASP I 65 26.90 -7.05 28.14
CA ASP I 65 25.59 -6.77 28.73
C ASP I 65 24.49 -7.62 28.14
N ASP I 66 24.26 -7.52 26.83
CA ASP I 66 23.07 -8.11 26.23
C ASP I 66 23.29 -8.71 24.84
N LEU I 67 24.52 -8.91 24.41
CA LEU I 67 24.78 -9.50 23.10
C LEU I 67 24.93 -11.01 23.24
N LEU I 68 24.44 -11.73 22.22
CA LEU I 68 24.37 -13.18 22.23
C LEU I 68 25.35 -13.76 21.24
N PRO I 69 26.23 -14.67 21.66
CA PRO I 69 27.11 -15.32 20.69
C PRO I 69 26.35 -16.33 19.86
N SER I 70 26.91 -16.65 18.69
CA SER I 70 26.33 -17.68 17.85
C SER I 70 26.51 -19.04 18.52
N GLY I 71 25.46 -19.84 18.51
CA GLY I 71 25.45 -21.12 19.16
C GLY I 71 24.74 -21.15 20.50
N VAL I 72 24.49 -19.98 21.09
CA VAL I 72 23.72 -19.89 22.32
C VAL I 72 22.26 -19.68 21.96
N SER I 73 21.37 -20.44 22.59
CA SER I 73 19.94 -20.32 22.30
C SER I 73 19.46 -18.91 22.60
N ASP I 74 18.65 -18.37 21.70
CA ASP I 74 18.11 -17.03 21.94
C ASP I 74 17.02 -17.01 23.01
N ARG I 75 16.74 -18.16 23.64
CA ARG I 75 15.94 -18.15 24.86
C ARG I 75 16.63 -17.40 25.98
N PHE I 76 17.95 -17.24 25.89
CA PHE I 76 18.73 -16.51 26.87
C PHE I 76 18.87 -15.05 26.45
N SER I 77 18.88 -14.16 27.44
CA SER I 77 19.04 -12.74 27.18
C SER I 77 19.61 -12.05 28.42
N GLY I 78 20.46 -11.06 28.20
CA GLY I 78 21.02 -10.29 29.28
C GLY I 78 20.52 -8.86 29.29
N SER I 79 20.58 -8.21 30.45
CA SER I 79 20.18 -6.81 30.56
C SER I 79 21.00 -6.16 31.67
N LYS I 80 21.08 -4.83 31.61
CA LYS I 80 21.86 -4.08 32.58
C LYS I 80 21.29 -2.67 32.72
N SER I 81 21.00 -2.28 33.96
CA SER I 81 20.54 -0.92 34.26
C SER I 81 21.12 -0.52 35.60
N GLY I 82 21.99 0.50 35.59
CA GLY I 82 22.57 0.97 36.83
C GLY I 82 23.66 0.03 37.30
N THR I 83 23.58 -0.37 38.57
CA THR I 83 24.55 -1.28 39.17
C THR I 83 24.03 -2.71 39.26
N SER I 84 23.11 -3.10 38.37
CA SER I 84 22.53 -4.43 38.40
C SER I 84 22.39 -4.98 36.99
N ALA I 85 22.66 -6.27 36.84
CA ALA I 85 22.44 -6.99 35.59
C ALA I 85 21.56 -8.19 35.85
N SER I 86 20.94 -8.71 34.79
CA SER I 86 20.04 -9.84 34.91
C SER I 86 20.18 -10.75 33.69
N LEU I 87 20.04 -12.05 33.94
CA LEU I 87 20.02 -13.06 32.91
C LEU I 87 18.65 -13.72 32.88
N ALA I 88 18.02 -13.73 31.71
CA ALA I 88 16.68 -14.27 31.54
C ALA I 88 16.73 -15.49 30.65
N ILE I 89 16.08 -16.57 31.08
CA ILE I 89 16.01 -17.82 30.32
C ILE I 89 14.53 -18.11 30.09
N SER I 90 13.98 -17.59 29.00
CA SER I 90 12.59 -17.82 28.67
C SER I 90 12.42 -19.23 28.11
N GLY I 91 11.63 -20.05 28.80
CA GLY I 91 11.43 -21.43 28.38
C GLY I 91 12.47 -22.35 28.99
N VAL I 92 12.42 -22.49 30.32
CA VAL I 92 13.42 -23.30 31.02
C VAL I 92 13.31 -24.74 30.58
N GLN I 93 14.46 -25.39 30.41
CA GLN I 93 14.56 -26.73 29.86
C GLN I 93 15.46 -27.58 30.75
N SER I 94 15.34 -28.91 30.59
CA SER I 94 16.24 -29.82 31.29
C SER I 94 17.69 -29.57 30.89
N GLU I 95 17.90 -29.07 29.67
CA GLU I 95 19.22 -28.73 29.16
C GLU I 95 19.87 -27.59 29.92
N ASP I 96 19.11 -26.84 30.71
CA ASP I 96 19.57 -25.58 31.29
C ASP I 96 20.08 -25.69 32.72
N GLU I 97 20.04 -26.87 33.33
CA GLU I 97 20.55 -27.01 34.70
C GLU I 97 22.06 -26.85 34.70
N ALA I 98 22.54 -25.75 35.28
CA ALA I 98 23.96 -25.45 35.34
C ALA I 98 24.18 -24.30 36.32
N ASP I 99 25.43 -23.89 36.46
CA ASP I 99 25.79 -22.70 37.22
C ASP I 99 26.02 -21.54 36.26
N TYR I 100 25.46 -20.39 36.60
CA TYR I 100 25.57 -19.19 35.77
C TYR I 100 26.31 -18.13 36.57
N TYR I 101 27.40 -17.62 36.02
CA TYR I 101 28.22 -16.59 36.65
C TYR I 101 28.13 -15.31 35.85
N CYS I 102 28.01 -14.18 36.55
CA CYS I 102 28.18 -12.88 35.93
C CYS I 102 29.60 -12.39 36.21
N ALA I 103 30.16 -11.67 35.24
CA ALA I 103 31.52 -11.18 35.33
C ALA I 103 31.57 -9.72 34.91
N ALA I 104 32.50 -8.99 35.52
CA ALA I 104 32.68 -7.57 35.24
C ALA I 104 34.00 -7.13 35.84
N TRP I 105 34.59 -6.10 35.24
CA TRP I 105 35.86 -5.54 35.71
C TRP I 105 35.57 -4.45 36.72
N ASP I 106 36.12 -4.60 37.92
CA ASP I 106 35.97 -3.61 38.99
C ASP I 106 37.10 -2.59 38.92
N ASP I 107 36.74 -1.31 38.86
CA ASP I 107 37.74 -0.25 38.80
C ASP I 107 38.47 -0.09 40.14
N SER I 108 37.81 -0.42 41.25
CA SER I 108 38.46 -0.31 42.55
C SER I 108 39.50 -1.41 42.76
N LEU I 109 39.10 -2.67 42.51
CA LEU I 109 39.97 -3.81 42.79
C LEU I 109 41.01 -4.04 41.71
N ASN I 110 40.81 -3.48 40.50
CA ASN I 110 41.63 -3.79 39.34
C ASN I 110 41.67 -5.30 39.10
N VAL I 111 40.49 -5.85 38.85
CA VAL I 111 40.28 -7.30 38.87
C VAL I 111 38.96 -7.59 38.16
N VAL I 112 38.94 -8.69 37.42
CA VAL I 112 37.70 -9.19 36.83
C VAL I 112 36.96 -9.97 37.93
N VAL I 113 35.81 -9.46 38.33
CA VAL I 113 35.05 -10.01 39.45
C VAL I 113 34.00 -10.97 38.93
N PHE I 114 33.92 -12.14 39.55
CA PHE I 114 32.91 -13.14 39.24
C PHE I 114 31.92 -13.25 40.40
N GLY I 115 30.66 -13.49 40.07
CA GLY I 115 29.66 -13.71 41.09
C GLY I 115 29.82 -15.04 41.78
N GLY I 116 29.04 -15.22 42.85
CA GLY I 116 29.06 -16.48 43.58
C GLY I 116 28.52 -17.65 42.79
N GLY I 117 27.82 -17.40 41.70
CA GLY I 117 27.23 -18.46 40.91
C GLY I 117 25.81 -18.77 41.34
N THR I 118 25.00 -19.16 40.36
CA THR I 118 23.60 -19.49 40.59
C THR I 118 23.32 -20.86 39.99
N LYS I 119 22.83 -21.78 40.82
CA LYS I 119 22.51 -23.13 40.36
C LYS I 119 21.04 -23.14 39.95
N LEU I 120 20.77 -23.32 38.66
CA LEU I 120 19.41 -23.37 38.15
C LEU I 120 18.95 -24.83 38.14
N THR I 121 17.92 -25.13 38.92
CA THR I 121 17.31 -26.45 38.93
C THR I 121 15.88 -26.29 38.45
N VAL I 122 15.61 -26.72 37.21
CA VAL I 122 14.23 -26.73 36.72
C VAL I 122 13.43 -27.73 37.54
N LEU I 123 12.19 -27.38 37.86
CA LEU I 123 11.49 -28.06 38.94
C LEU I 123 10.86 -29.37 38.49
N GLY I 124 10.45 -29.48 37.23
CA GLY I 124 9.79 -30.68 36.78
C GLY I 124 10.70 -31.88 36.62
N GLN I 125 11.93 -31.78 37.11
CA GLN I 125 12.85 -32.90 37.05
C GLN I 125 12.38 -34.01 38.00
N PRO I 126 12.43 -35.28 37.57
CA PRO I 126 12.06 -36.39 38.46
C PRO I 126 13.09 -36.64 39.56
N ASP J 14 33.08 17.90 4.04
CA ASP J 14 31.80 18.59 4.13
C ASP J 14 30.97 18.34 2.86
N ILE J 15 29.68 18.63 2.92
CA ILE J 15 28.77 18.44 1.79
C ILE J 15 28.67 19.74 1.00
N GLN J 16 28.92 19.66 -0.30
CA GLN J 16 28.87 20.81 -1.18
C GLN J 16 27.60 20.73 -2.03
N LEU J 17 26.91 21.85 -2.14
CA LEU J 17 25.70 21.95 -2.95
C LEU J 17 25.97 22.86 -4.14
N THR J 18 25.50 22.44 -5.32
CA THR J 18 25.70 23.19 -6.55
C THR J 18 24.36 23.52 -7.16
N GLN J 19 24.10 24.81 -7.34
CA GLN J 19 22.86 25.29 -7.93
C GLN J 19 23.08 25.62 -9.39
N SER J 20 22.03 25.39 -10.20
CA SER J 20 22.08 25.61 -11.63
C SER J 20 20.69 26.05 -12.06
N PRO J 21 20.56 27.16 -12.79
CA PRO J 21 21.72 28.00 -13.14
C PRO J 21 22.09 29.00 -12.05
N SER J 22 23.20 29.72 -12.24
CA SER J 22 23.59 30.75 -11.29
C SER J 22 22.60 31.91 -11.29
N SER J 23 22.09 32.27 -12.46
CA SER J 23 21.09 33.31 -12.59
C SER J 23 20.27 33.06 -13.85
N LEU J 24 19.03 33.53 -13.84
CA LEU J 24 18.14 33.35 -14.98
C LEU J 24 17.15 34.50 -15.06
N SER J 25 16.65 34.74 -16.26
CA SER J 25 15.61 35.73 -16.50
C SER J 25 14.46 35.06 -17.22
N ALA J 26 13.23 35.33 -16.78
CA ALA J 26 12.06 34.68 -17.35
C ALA J 26 10.90 35.65 -17.37
N SER J 27 9.96 35.41 -18.28
CA SER J 27 8.80 36.27 -18.41
C SER J 27 7.75 35.92 -17.36
N VAL J 28 6.90 36.90 -17.06
CA VAL J 28 5.82 36.68 -16.12
C VAL J 28 4.90 35.58 -16.65
N GLY J 29 4.54 34.65 -15.78
CA GLY J 29 3.73 33.51 -16.15
C GLY J 29 4.52 32.29 -16.58
N ASP J 30 5.80 32.46 -16.91
CA ASP J 30 6.62 31.33 -17.31
C ASP J 30 6.88 30.40 -16.13
N ARG J 31 7.26 29.16 -16.46
CA ARG J 31 7.64 28.16 -15.47
C ARG J 31 9.15 28.24 -15.25
N VAL J 32 9.56 28.44 -14.00
CA VAL J 32 10.97 28.51 -13.62
C VAL J 32 11.28 27.27 -12.80
N THR J 33 12.37 26.58 -13.16
CA THR J 33 12.81 25.38 -12.45
C THR J 33 14.32 25.41 -12.33
N ILE J 34 14.81 25.49 -11.08
CA ILE J 34 16.24 25.49 -10.79
C ILE J 34 16.58 24.22 -10.03
N THR J 35 17.83 23.77 -10.17
CA THR J 35 18.26 22.49 -9.62
C THR J 35 19.31 22.68 -8.53
N CYS J 36 19.38 21.69 -7.64
CA CYS J 36 20.37 21.66 -6.58
C CYS J 36 20.90 20.24 -6.48
N GLN J 37 22.20 20.08 -6.70
CA GLN J 37 22.85 18.77 -6.69
C GLN J 37 23.75 18.67 -5.47
N ALA J 38 23.68 17.54 -4.77
CA ALA J 38 24.46 17.32 -3.56
C ALA J 38 25.70 16.50 -3.86
N SER J 39 26.76 16.73 -3.09
CA SER J 39 27.98 15.96 -3.24
C SER J 39 27.84 14.54 -2.70
N GLN J 40 26.81 14.29 -1.88
CA GLN J 40 26.52 12.95 -1.40
C GLN J 40 25.05 12.89 -1.00
N ASP J 41 24.58 11.67 -0.70
CA ASP J 41 23.19 11.46 -0.36
C ASP J 41 22.82 12.22 0.92
N ILE J 42 21.73 12.97 0.86
CA ILE J 42 21.23 13.71 2.01
C ILE J 42 19.74 13.40 2.19
N SER J 43 19.33 12.21 1.76
CA SER J 43 17.94 11.78 1.82
C SER J 43 17.01 12.82 1.21
N ASN J 44 16.20 13.48 2.05
CA ASN J 44 15.34 14.56 1.60
C ASN J 44 15.46 15.77 2.52
N TYR J 45 16.62 15.92 3.16
CA TYR J 45 16.88 17.03 4.06
C TYR J 45 17.35 18.25 3.27
N LEU J 46 16.47 18.75 2.39
CA LEU J 46 16.76 19.88 1.53
C LEU J 46 15.79 21.02 1.83
N ASN J 47 16.33 22.23 1.95
CA ASN J 47 15.52 23.43 2.12
C ASN J 47 15.71 24.36 0.92
N TRP J 48 14.63 25.05 0.56
CA TRP J 48 14.68 26.08 -0.47
C TRP J 48 14.31 27.42 0.15
N TYR J 49 15.21 28.40 0.04
CA TYR J 49 14.98 29.73 0.58
C TYR J 49 14.79 30.75 -0.52
N GLN J 50 13.93 31.73 -0.25
CA GLN J 50 13.83 32.95 -1.04
C GLN J 50 14.37 34.11 -0.22
N GLN J 51 15.18 34.96 -0.86
CA GLN J 51 15.79 36.08 -0.16
C GLN J 51 15.71 37.32 -1.04
N LYS J 52 14.85 38.26 -0.65
CA LYS J 52 14.86 39.57 -1.27
C LYS J 52 15.93 40.46 -0.64
N PRO J 53 16.53 41.36 -1.41
CA PRO J 53 17.65 42.15 -0.91
C PRO J 53 17.25 43.01 0.28
N GLY J 54 18.11 43.05 1.29
CA GLY J 54 17.86 43.79 2.50
C GLY J 54 17.24 42.93 3.58
N LYS J 55 16.29 42.09 3.21
CA LYS J 55 15.64 41.20 4.16
C LYS J 55 16.50 39.97 4.40
N ALA J 56 16.06 39.15 5.36
CA ALA J 56 16.67 37.88 5.72
C ALA J 56 16.03 36.76 4.92
N PRO J 57 16.73 35.63 4.77
CA PRO J 57 16.19 34.52 3.96
C PRO J 57 14.85 34.04 4.49
N LYS J 58 13.95 33.72 3.55
CA LYS J 58 12.64 33.19 3.87
C LYS J 58 12.51 31.76 3.35
N LEU J 59 12.15 30.84 4.24
CA LEU J 59 12.03 29.43 3.89
C LEU J 59 10.72 29.17 3.17
N LEU J 60 10.78 28.55 1.99
CA LEU J 60 9.59 28.19 1.23
C LEU J 60 9.32 26.70 1.17
N ILE J 61 10.35 25.87 1.01
CA ILE J 61 10.19 24.43 0.83
C ILE J 61 11.03 23.70 1.86
N TYR J 62 10.40 22.81 2.63
CA TYR J 62 11.09 21.97 3.59
C TYR J 62 10.90 20.50 3.25
N ASP J 63 11.88 19.69 3.65
CA ASP J 63 11.89 18.24 3.37
C ASP J 63 11.67 17.97 1.89
N ALA J 64 12.41 18.71 1.05
CA ALA J 64 12.49 18.52 -0.39
C ALA J 64 11.19 18.81 -1.12
N SER J 65 10.05 18.42 -0.56
CA SER J 65 8.78 18.46 -1.27
C SER J 65 7.72 19.36 -0.66
N ASN J 66 7.77 19.64 0.64
CA ASN J 66 6.64 20.21 1.34
C ASN J 66 6.69 21.73 1.36
N LEU J 67 5.51 22.34 1.42
CA LEU J 67 5.34 23.78 1.34
C LEU J 67 5.24 24.38 2.74
N GLU J 68 6.01 25.44 2.98
CA GLU J 68 5.98 26.10 4.27
C GLU J 68 4.65 26.85 4.46
N THR J 69 4.35 27.17 5.72
CA THR J 69 3.10 27.82 6.07
C THR J 69 2.96 29.18 5.38
N GLY J 70 1.84 29.38 4.69
CA GLY J 70 1.52 30.65 4.07
C GLY J 70 2.00 30.80 2.64
N VAL J 71 3.10 30.14 2.28
CA VAL J 71 3.72 30.27 0.96
C VAL J 71 2.71 29.94 -0.13
N PRO J 72 2.62 30.75 -1.19
CA PRO J 72 1.62 30.49 -2.24
C PRO J 72 1.85 29.17 -2.94
N SER J 73 0.77 28.67 -3.56
CA SER J 73 0.79 27.39 -4.24
C SER J 73 1.65 27.37 -5.50
N ARG J 74 2.09 28.54 -5.98
CA ARG J 74 2.95 28.60 -7.16
C ARG J 74 4.27 27.88 -6.95
N PHE J 75 4.73 27.74 -5.71
CA PHE J 75 6.01 27.11 -5.42
C PHE J 75 5.85 25.63 -5.12
N SER J 76 6.83 24.85 -5.56
CA SER J 76 6.84 23.41 -5.31
C SER J 76 8.28 22.92 -5.40
N GLY J 77 8.50 21.72 -4.88
CA GLY J 77 9.83 21.13 -4.88
C GLY J 77 9.73 19.62 -4.95
N GLY J 78 10.83 19.01 -5.39
CA GLY J 78 10.86 17.56 -5.53
C GLY J 78 12.26 17.03 -5.55
N GLY J 79 12.39 15.75 -5.21
CA GLY J 79 13.67 15.08 -5.24
C GLY J 79 14.01 14.36 -3.96
N SER J 80 15.00 13.46 -4.04
CA SER J 80 15.48 12.72 -2.89
C SER J 80 16.83 12.13 -3.25
N GLY J 81 17.75 12.14 -2.29
CA GLY J 81 19.08 11.61 -2.52
C GLY J 81 20.12 12.67 -2.85
N THR J 82 20.37 12.89 -4.14
CA THR J 82 21.41 13.81 -4.58
C THR J 82 20.95 14.91 -5.50
N ASP J 83 19.86 14.72 -6.26
CA ASP J 83 19.39 15.70 -7.22
C ASP J 83 18.00 16.18 -6.82
N PHE J 84 17.85 17.51 -6.69
CA PHE J 84 16.61 18.13 -6.25
C PHE J 84 16.25 19.26 -7.20
N THR J 85 14.96 19.59 -7.25
CA THR J 85 14.46 20.65 -8.11
C THR J 85 13.53 21.56 -7.34
N PHE J 86 13.56 22.85 -7.71
CA PHE J 86 12.67 23.87 -7.18
C PHE J 86 11.96 24.56 -8.34
N THR J 87 10.64 24.66 -8.25
CA THR J 87 9.83 25.11 -9.38
C THR J 87 8.88 26.22 -8.96
N ILE J 88 8.89 27.31 -9.73
CA ILE J 88 7.85 28.34 -9.68
C ILE J 88 6.99 28.11 -10.91
N THR J 89 5.74 27.69 -10.70
CA THR J 89 4.87 27.34 -11.82
C THR J 89 4.54 28.56 -12.67
N SER J 90 4.22 29.69 -12.05
CA SER J 90 3.89 30.93 -12.76
C SER J 90 4.70 32.06 -12.13
N LEU J 91 5.78 32.45 -12.80
CA LEU J 91 6.66 33.48 -12.25
C LEU J 91 5.92 34.81 -12.18
N GLN J 92 6.03 35.48 -11.04
CA GLN J 92 5.36 36.74 -10.77
C GLN J 92 6.37 37.84 -10.50
N PRO J 93 5.98 39.11 -10.65
CA PRO J 93 6.94 40.20 -10.43
C PRO J 93 7.52 40.26 -9.02
N GLU J 94 6.79 39.80 -8.00
CA GLU J 94 7.33 39.83 -6.65
C GLU J 94 8.22 38.63 -6.36
N ASP J 95 8.56 37.83 -7.36
CA ASP J 95 9.48 36.70 -7.19
C ASP J 95 10.92 37.06 -7.52
N ILE J 96 11.21 38.34 -7.73
CA ILE J 96 12.58 38.78 -7.99
C ILE J 96 13.37 38.65 -6.70
N ALA J 97 14.23 37.63 -6.64
CA ALA J 97 15.04 37.38 -5.45
C ALA J 97 16.15 36.41 -5.83
N THR J 98 16.98 36.07 -4.85
CA THR J 98 17.96 35.01 -4.98
C THR J 98 17.49 33.81 -4.18
N TYR J 99 17.47 32.64 -4.82
CA TYR J 99 16.97 31.42 -4.21
C TYR J 99 18.15 30.52 -3.87
N TYR J 100 18.24 30.15 -2.59
CA TYR J 100 19.29 29.27 -2.08
C TYR J 100 18.69 27.92 -1.73
N CYS J 101 19.46 26.85 -1.95
CA CYS J 101 19.13 25.54 -1.42
C CYS J 101 20.07 25.24 -0.26
N GLN J 102 19.54 24.55 0.76
CA GLN J 102 20.29 24.29 1.98
C GLN J 102 20.00 22.89 2.46
N GLN J 103 21.07 22.11 2.67
CA GLN J 103 20.94 20.77 3.24
C GLN J 103 21.08 20.83 4.75
N TYR J 104 20.42 19.89 5.42
CA TYR J 104 20.56 19.74 6.87
C TYR J 104 20.65 18.26 7.22
N ASP J 105 21.39 17.51 6.40
CA ASP J 105 21.66 16.10 6.71
C ASP J 105 22.77 15.95 7.74
N ASN J 106 23.69 16.90 7.79
CA ASN J 106 24.83 16.80 8.69
C ASN J 106 25.38 18.20 8.96
N LEU J 107 26.26 18.29 9.96
CA LEU J 107 26.99 19.51 10.23
C LEU J 107 28.33 19.50 9.50
N PRO J 108 28.79 20.65 8.98
CA PRO J 108 28.14 21.96 9.06
C PRO J 108 26.96 22.09 8.10
N LEU J 109 25.93 22.85 8.49
CA LEU J 109 24.85 23.16 7.58
C LEU J 109 25.41 24.00 6.43
N THR J 110 25.11 23.57 5.20
CA THR J 110 25.72 24.19 4.02
C THR J 110 24.63 24.61 3.04
N PHE J 111 24.86 25.73 2.37
CA PHE J 111 23.94 26.31 1.41
C PHE J 111 24.50 26.19 -0.01
N GLY J 112 23.61 26.37 -0.98
CA GLY J 112 24.04 26.43 -2.36
C GLY J 112 24.54 27.81 -2.73
N GLY J 113 25.08 27.92 -3.94
CA GLY J 113 25.61 29.18 -4.42
C GLY J 113 24.56 30.25 -4.64
N GLY J 114 23.30 29.87 -4.76
CA GLY J 114 22.23 30.81 -4.96
C GLY J 114 21.88 30.98 -6.44
N THR J 115 20.62 31.30 -6.70
CA THR J 115 20.13 31.53 -8.05
C THR J 115 19.35 32.84 -8.08
N LYS J 116 19.93 33.85 -8.72
CA LYS J 116 19.24 35.12 -8.92
C LYS J 116 18.23 35.00 -10.06
N VAL J 117 17.03 35.53 -9.85
CA VAL J 117 15.94 35.41 -10.80
C VAL J 117 15.53 36.80 -11.26
N ASP J 118 15.52 37.00 -12.58
CA ASP J 118 15.13 38.25 -13.23
C ASP J 118 13.75 38.05 -13.85
N ILE J 119 13.21 39.13 -14.42
CA ILE J 119 11.90 39.11 -15.08
C ILE J 119 12.11 39.62 -16.50
N LYS J 120 12.03 38.70 -17.47
CA LYS J 120 12.20 39.05 -18.88
C LYS J 120 11.27 40.19 -19.28
N ARG J 121 11.86 41.25 -19.85
CA ARG J 121 11.13 42.44 -20.23
C ARG J 121 11.63 42.91 -21.58
N THR J 122 10.80 43.67 -22.29
CA THR J 122 11.22 44.25 -23.56
C THR J 122 12.36 45.23 -23.32
N VAL J 123 13.39 45.15 -24.17
CA VAL J 123 14.59 45.93 -23.99
C VAL J 123 14.24 47.40 -23.82
N ALA J 124 14.80 48.02 -22.79
CA ALA J 124 14.61 49.44 -22.52
C ALA J 124 15.97 50.10 -22.36
N ALA J 125 16.19 51.20 -23.08
CA ALA J 125 17.44 51.92 -23.01
C ALA J 125 17.47 52.83 -21.78
N PRO J 126 18.64 53.08 -21.23
CA PRO J 126 18.74 53.99 -20.08
C PRO J 126 18.52 55.43 -20.49
N SER J 127 18.01 56.21 -19.55
CA SER J 127 17.96 57.66 -19.67
C SER J 127 19.14 58.21 -18.87
N VAL J 128 20.08 58.82 -19.58
CA VAL J 128 21.38 59.17 -19.02
C VAL J 128 21.39 60.63 -18.62
N PHE J 129 21.78 60.91 -17.38
CA PHE J 129 21.95 62.26 -16.86
C PHE J 129 23.34 62.38 -16.25
N ILE J 130 23.96 63.54 -16.43
CA ILE J 130 25.26 63.82 -15.84
C ILE J 130 25.09 64.97 -14.84
N PHE J 131 25.83 64.91 -13.74
CA PHE J 131 25.70 65.88 -12.65
C PHE J 131 27.08 66.45 -12.35
N PRO J 132 27.26 67.77 -12.42
CA PRO J 132 28.53 68.37 -12.01
C PRO J 132 28.70 68.30 -10.50
N PRO J 133 29.93 68.40 -10.00
CA PRO J 133 30.13 68.48 -8.55
C PRO J 133 29.72 69.83 -8.01
N SER J 134 29.11 69.83 -6.83
CA SER J 134 28.67 71.06 -6.20
C SER J 134 29.85 71.84 -5.64
N ASP J 135 29.76 73.17 -5.68
CA ASP J 135 30.76 74.00 -5.03
C ASP J 135 30.81 73.74 -3.53
N GLU J 136 29.67 73.32 -2.95
CA GLU J 136 29.69 72.91 -1.55
C GLU J 136 30.66 71.76 -1.34
N GLN J 137 30.68 70.80 -2.26
CA GLN J 137 31.65 69.71 -2.18
C GLN J 137 33.04 70.21 -2.59
N LEU J 138 33.10 71.06 -3.62
CA LEU J 138 34.38 71.63 -4.05
C LEU J 138 35.02 72.47 -2.96
N LYS J 139 34.25 72.89 -1.96
CA LYS J 139 34.82 73.58 -0.81
C LYS J 139 35.74 72.67 -0.02
N SER J 140 35.46 71.36 -0.01
CA SER J 140 36.20 70.40 0.79
C SER J 140 37.46 69.86 0.10
N GLY J 141 37.68 70.19 -1.16
CA GLY J 141 38.86 69.72 -1.86
C GLY J 141 38.69 68.42 -2.63
N THR J 142 37.46 68.01 -2.92
CA THR J 142 37.20 66.78 -3.67
C THR J 142 36.10 67.05 -4.68
N ALA J 143 36.20 66.41 -5.84
CA ALA J 143 35.24 66.57 -6.92
C ALA J 143 34.64 65.22 -7.28
N SER J 144 33.31 65.15 -7.30
CA SER J 144 32.59 63.93 -7.66
C SER J 144 31.63 64.25 -8.80
N VAL J 145 31.84 63.61 -9.95
CA VAL J 145 30.93 63.66 -11.07
C VAL J 145 30.09 62.40 -11.05
N VAL J 146 28.79 62.53 -11.29
CA VAL J 146 27.85 61.42 -11.17
C VAL J 146 27.13 61.23 -12.50
N CYS J 147 27.06 59.98 -12.96
CA CYS J 147 26.40 59.59 -14.19
C CYS J 147 25.26 58.65 -13.82
N LEU J 148 24.03 59.01 -14.18
CA LEU J 148 22.85 58.24 -13.85
C LEU J 148 22.30 57.56 -15.10
N LEU J 149 22.03 56.26 -14.99
CA LEU J 149 21.37 55.47 -16.04
C LEU J 149 20.03 55.03 -15.46
N ASN J 150 18.95 55.66 -15.90
CA ASN J 150 17.65 55.50 -15.25
C ASN J 150 16.78 54.55 -16.04
N ASN J 151 16.25 53.53 -15.36
CA ASN J 151 15.24 52.62 -15.90
C ASN J 151 15.66 51.99 -17.23
N PHE J 152 16.41 50.88 -17.16
CA PHE J 152 16.85 50.18 -18.36
C PHE J 152 16.79 48.68 -18.14
N TYR J 153 16.83 47.95 -19.26
CA TYR J 153 16.81 46.49 -19.26
C TYR J 153 17.38 46.02 -20.58
N PRO J 154 18.20 44.95 -20.62
CA PRO J 154 18.65 44.15 -19.48
C PRO J 154 19.70 44.85 -18.60
N ARG J 155 20.12 44.17 -17.54
CA ARG J 155 21.00 44.78 -16.55
C ARG J 155 22.39 45.06 -17.10
N GLU J 156 22.82 44.36 -18.15
CA GLU J 156 24.15 44.59 -18.69
C GLU J 156 24.25 46.00 -19.26
N ALA J 157 25.21 46.76 -18.77
CA ALA J 157 25.43 48.12 -19.24
C ALA J 157 26.88 48.50 -18.95
N LYS J 158 27.41 49.38 -19.79
CA LYS J 158 28.81 49.78 -19.71
C LYS J 158 28.90 51.29 -19.69
N VAL J 159 29.66 51.83 -18.75
CA VAL J 159 29.87 53.27 -18.62
C VAL J 159 31.37 53.54 -18.60
N GLN J 160 31.81 54.44 -19.48
CA GLN J 160 33.21 54.87 -19.53
C GLN J 160 33.27 56.37 -19.33
N TRP J 161 34.18 56.83 -18.48
CA TRP J 161 34.34 58.24 -18.18
C TRP J 161 35.43 58.85 -19.06
N LYS J 162 35.18 60.08 -19.53
CA LYS J 162 36.12 60.79 -20.38
C LYS J 162 36.28 62.21 -19.86
N VAL J 163 37.52 62.63 -19.63
CA VAL J 163 37.86 63.95 -19.13
C VAL J 163 38.80 64.58 -20.15
N ASP J 164 38.27 65.52 -20.94
CA ASP J 164 38.99 66.10 -22.07
C ASP J 164 39.47 65.01 -23.03
N ASN J 165 38.51 64.22 -23.51
CA ASN J 165 38.76 63.14 -24.46
C ASN J 165 39.76 62.11 -23.95
N ALA J 166 39.97 62.05 -22.64
CA ALA J 166 40.87 61.08 -22.03
C ALA J 166 40.05 60.06 -21.28
N LEU J 167 40.18 58.79 -21.66
CA LEU J 167 39.40 57.73 -21.04
C LEU J 167 39.90 57.48 -19.62
N GLN J 168 38.96 57.41 -18.67
CA GLN J 168 39.28 57.26 -17.27
C GLN J 168 39.16 55.79 -16.86
N SER J 169 40.01 55.37 -15.94
CA SER J 169 40.01 54.00 -15.44
C SER J 169 40.71 53.96 -14.09
N GLY J 170 40.15 53.18 -13.17
CA GLY J 170 40.70 53.07 -11.84
C GLY J 170 40.32 54.18 -10.89
N ASN J 171 39.45 55.09 -11.30
CA ASN J 171 39.03 56.21 -10.47
C ASN J 171 37.51 56.35 -10.40
N SER J 172 36.78 55.25 -10.61
CA SER J 172 35.33 55.28 -10.57
C SER J 172 34.79 54.02 -9.92
N GLN J 173 33.60 54.13 -9.35
CA GLN J 173 32.89 52.99 -8.79
C GLN J 173 31.42 53.07 -9.21
N GLU J 174 30.76 51.92 -9.29
CA GLU J 174 29.39 51.85 -9.77
C GLU J 174 28.53 51.05 -8.80
N SER J 175 27.22 51.29 -8.90
CA SER J 175 26.24 50.63 -8.05
C SER J 175 24.94 50.49 -8.85
N VAL J 176 24.26 49.37 -8.67
CA VAL J 176 23.05 49.05 -9.43
CA VAL J 176 23.05 49.05 -9.43
C VAL J 176 21.91 48.79 -8.45
N THR J 177 20.76 49.39 -8.72
CA THR J 177 19.59 49.09 -7.94
C THR J 177 19.11 47.67 -8.24
N GLU J 178 18.30 47.14 -7.34
CA GLU J 178 17.64 45.87 -7.66
C GLU J 178 16.54 46.10 -8.70
N GLN J 179 16.12 45.02 -9.33
CA GLN J 179 15.12 45.11 -10.38
C GLN J 179 13.79 45.62 -9.79
N ASP J 180 13.29 46.70 -10.37
CA ASP J 180 12.04 47.29 -9.91
C ASP J 180 10.90 46.29 -10.10
N SER J 181 10.12 46.09 -9.04
CA SER J 181 9.04 45.12 -9.11
C SER J 181 7.85 45.60 -9.94
N LYS J 182 7.84 46.87 -10.36
CA LYS J 182 6.71 47.44 -11.08
C LYS J 182 6.97 47.62 -12.57
N ASP J 183 8.16 48.09 -12.96
CA ASP J 183 8.50 48.23 -14.37
C ASP J 183 9.63 47.31 -14.81
N SER J 184 10.14 46.45 -13.93
CA SER J 184 11.10 45.40 -14.27
C SER J 184 12.40 45.95 -14.85
N THR J 185 12.71 47.22 -14.62
CA THR J 185 13.92 47.83 -15.13
C THR J 185 14.93 48.05 -14.01
N TYR J 186 16.18 48.30 -14.41
CA TYR J 186 17.26 48.58 -13.49
C TYR J 186 17.70 50.04 -13.62
N SER J 187 18.43 50.51 -12.61
CA SER J 187 19.05 51.82 -12.67
C SER J 187 20.44 51.72 -12.04
N LEU J 188 21.40 52.42 -12.64
CA LEU J 188 22.80 52.34 -12.27
C LEU J 188 23.33 53.72 -11.94
N SER J 189 24.26 53.77 -10.99
CA SER J 189 24.89 55.02 -10.56
C SER J 189 26.39 54.86 -10.67
N SER J 190 27.03 55.71 -11.48
CA SER J 190 28.48 55.72 -11.65
C SER J 190 29.02 57.03 -11.12
N THR J 191 30.02 56.96 -10.25
CA THR J 191 30.60 58.13 -9.61
C THR J 191 32.08 58.21 -9.96
N LEU J 192 32.48 59.29 -10.62
CA LEU J 192 33.87 59.58 -10.90
C LEU J 192 34.40 60.51 -9.81
N THR J 193 35.49 60.09 -9.15
CA THR J 193 36.07 60.85 -8.04
C THR J 193 37.46 61.32 -8.43
N LEU J 194 37.61 62.64 -8.56
CA LEU J 194 38.89 63.27 -8.81
C LEU J 194 39.23 64.17 -7.62
N SER J 195 40.50 64.53 -7.52
CA SER J 195 40.86 65.60 -6.59
C SER J 195 40.38 66.94 -7.13
N LYS J 196 40.15 67.88 -6.21
CA LYS J 196 39.73 69.21 -6.61
C LYS J 196 40.74 69.84 -7.56
N ALA J 197 42.03 69.57 -7.34
CA ALA J 197 43.07 70.10 -8.21
C ALA J 197 42.89 69.62 -9.64
N ASP J 198 42.75 68.30 -9.81
CA ASP J 198 42.58 67.75 -11.16
C ASP J 198 41.27 68.18 -11.81
N TYR J 199 40.24 68.46 -11.00
CA TYR J 199 38.97 68.88 -11.58
C TYR J 199 39.08 70.25 -12.25
N GLU J 200 39.89 71.15 -11.69
CA GLU J 200 40.04 72.48 -12.25
C GLU J 200 41.08 72.55 -13.36
N LYS J 201 41.81 71.46 -13.62
CA LYS J 201 42.75 71.45 -14.73
C LYS J 201 42.08 71.14 -16.06
N HIS J 202 40.88 70.57 -16.04
CA HIS J 202 40.21 70.11 -17.24
C HIS J 202 38.80 70.70 -17.30
N LYS J 203 38.24 70.71 -18.52
CA LYS J 203 37.00 71.42 -18.79
C LYS J 203 35.84 70.50 -19.16
N VAL J 204 36.06 69.53 -20.04
CA VAL J 204 34.99 68.69 -20.57
C VAL J 204 34.92 67.40 -19.74
N TYR J 205 33.74 67.12 -19.19
CA TYR J 205 33.50 65.91 -18.41
C TYR J 205 32.27 65.21 -18.96
N ALA J 206 32.43 63.93 -19.32
CA ALA J 206 31.35 63.19 -19.97
C ALA J 206 31.45 61.71 -19.61
N CYS J 207 30.29 61.04 -19.66
CA CYS J 207 30.21 59.59 -19.51
CA CYS J 207 30.21 59.59 -19.51
C CYS J 207 29.50 59.00 -20.73
N GLU J 208 30.08 57.95 -21.30
CA GLU J 208 29.54 57.29 -22.47
C GLU J 208 28.90 55.97 -22.07
N VAL J 209 27.62 55.81 -22.39
CA VAL J 209 26.84 54.66 -21.99
C VAL J 209 26.60 53.78 -23.22
N THR J 210 27.08 52.54 -23.16
CA THR J 210 26.75 51.52 -24.16
C THR J 210 25.77 50.55 -23.54
N HIS J 211 24.69 50.24 -24.27
CA HIS J 211 23.65 49.37 -23.78
C HIS J 211 22.99 48.69 -24.96
N GLN J 212 22.39 47.52 -24.72
CA GLN J 212 21.73 46.78 -25.79
C GLN J 212 20.63 47.60 -26.43
N GLY J 213 19.92 48.41 -25.64
CA GLY J 213 18.83 49.22 -26.15
C GLY J 213 19.26 50.38 -27.03
N LEU J 214 20.50 50.82 -26.90
CA LEU J 214 21.02 51.90 -27.74
C LEU J 214 21.75 51.31 -28.93
N SER J 215 21.35 51.73 -30.14
CA SER J 215 22.02 51.27 -31.34
C SER J 215 23.39 51.91 -31.52
N SER J 216 23.79 52.80 -30.62
CA SER J 216 25.09 53.43 -30.58
C SER J 216 25.25 54.11 -29.23
N PRO J 217 26.47 54.25 -28.71
CA PRO J 217 26.65 54.78 -27.37
C PRO J 217 26.16 56.22 -27.25
N VAL J 218 25.54 56.52 -26.10
CA VAL J 218 25.00 57.84 -25.80
C VAL J 218 25.96 58.56 -24.87
N THR J 219 26.31 59.79 -25.21
CA THR J 219 27.23 60.59 -24.42
C THR J 219 26.51 61.78 -23.82
N LYS J 220 26.67 61.96 -22.50
CA LYS J 220 26.14 63.12 -21.78
C LYS J 220 27.32 63.89 -21.21
N SER J 221 27.41 65.18 -21.51
CA SER J 221 28.58 65.96 -21.15
C SER J 221 28.17 67.32 -20.59
N PHE J 222 29.15 68.00 -19.98
CA PHE J 222 29.00 69.39 -19.55
C PHE J 222 30.37 70.03 -19.53
N ASN J 223 30.38 71.36 -19.65
CA ASN J 223 31.62 72.14 -19.60
C ASN J 223 31.76 72.77 -18.22
N ARG J 224 32.88 72.47 -17.55
CA ARG J 224 33.16 72.99 -16.21
C ARG J 224 33.14 74.52 -16.20
N GLY J 225 32.06 75.10 -15.68
CA GLY J 225 31.95 76.54 -15.60
C GLY J 225 30.55 77.01 -15.93
N GLU J 226 30.03 76.53 -17.05
CA GLU J 226 28.73 76.94 -17.55
C GLU J 226 27.58 76.26 -16.80
C1 NAG K . -21.72 -46.09 8.20
C2 NAG K . -21.00 -45.75 6.91
C3 NAG K . -22.01 -45.29 5.87
C4 NAG K . -23.11 -46.32 5.69
C5 NAG K . -23.68 -46.78 7.04
C6 NAG K . -24.55 -48.01 6.89
C7 NAG K . -18.68 -45.07 7.33
C8 NAG K . -17.74 -43.92 7.51
N2 NAG K . -19.97 -44.75 7.12
O3 NAG K . -21.33 -45.07 4.63
O4 NAG K . -24.18 -45.72 4.97
O5 NAG K . -22.65 -47.12 7.97
O6 NAG K . -23.78 -49.16 6.61
O7 NAG K . -18.30 -46.24 7.37
C1 NAG K . -24.26 -46.14 3.61
C2 NAG K . -25.66 -45.81 3.11
C3 NAG K . -25.78 -46.05 1.60
C4 NAG K . -24.64 -45.42 0.84
C5 NAG K . -23.31 -45.85 1.45
C6 NAG K . -22.11 -45.21 0.80
C7 NAG K . -27.16 -46.21 5.02
C8 NAG K . -28.18 -47.14 5.61
N2 NAG K . -26.65 -46.58 3.83
O3 NAG K . -27.02 -45.51 1.14
O4 NAG K . -24.68 -45.84 -0.52
O5 NAG K . -23.30 -45.46 2.83
O6 NAG K . -21.76 -43.98 1.42
O7 NAG K . -26.80 -45.19 5.58
C1 BMA K . -24.95 -44.71 -1.37
C2 BMA K . -24.65 -45.18 -2.78
C3 BMA K . -24.87 -43.98 -3.68
C4 BMA K . -26.36 -43.66 -3.76
C5 BMA K . -27.04 -43.56 -2.36
C6 BMA K . -28.44 -44.15 -2.40
O2 BMA K . -25.57 -46.22 -3.12
O3 BMA K . -24.26 -44.05 -5.01
O4 BMA K . -26.56 -42.44 -4.45
O5 BMA K . -26.33 -44.23 -1.23
O6 BMA K . -29.35 -43.04 -2.51
C1 MAN K . -30.38 -43.35 -3.48
C2 MAN K . -30.01 -42.72 -4.84
C3 MAN K . -29.98 -41.19 -4.68
C4 MAN K . -31.34 -40.67 -4.16
C5 MAN K . -31.72 -41.42 -2.85
C6 MAN K . -33.12 -41.13 -2.37
O2 MAN K . -31.01 -43.02 -5.80
O3 MAN K . -29.44 -40.47 -5.84
O4 MAN K . -31.28 -39.28 -3.87
O5 MAN K . -31.63 -42.86 -3.05
O6 MAN K . -33.54 -42.21 -1.56
C1 MAN K . -30.40 -39.93 -6.78
C2 MAN K . -30.56 -40.92 -7.93
C3 MAN K . -29.19 -41.15 -8.57
C4 MAN K . -28.54 -39.81 -8.98
C5 MAN K . -28.59 -38.80 -7.81
C6 MAN K . -28.12 -37.41 -8.20
O2 MAN K . -31.38 -40.40 -8.97
O3 MAN K . -29.27 -42.04 -9.68
O4 MAN K . -27.19 -40.03 -9.37
O5 MAN K . -29.93 -38.72 -7.28
O6 MAN K . -29.13 -36.48 -7.83
C1 MAN K . -24.24 -45.37 -5.59
C2 MAN K . -22.76 -45.74 -5.89
C3 MAN K . -22.24 -45.06 -7.14
C4 MAN K . -23.18 -45.35 -8.29
C5 MAN K . -24.56 -44.78 -7.98
C6 MAN K . -25.58 -44.99 -9.10
O2 MAN K . -22.63 -47.13 -6.12
O3 MAN K . -20.93 -45.49 -7.47
O4 MAN K . -22.67 -44.76 -9.48
O5 MAN K . -25.08 -45.40 -6.77
O6 MAN K . -26.82 -44.40 -8.69
C1 NAG L . 42.82 -5.82 28.44
C2 NAG L . 41.60 -5.08 28.94
C3 NAG L . 41.78 -3.58 28.70
C4 NAG L . 43.08 -3.08 29.31
C5 NAG L . 44.26 -3.98 28.93
C6 NAG L . 45.50 -3.67 29.73
C7 NAG L . 39.70 -6.62 28.76
C8 NAG L . 38.45 -6.98 28.01
N2 NAG L . 40.37 -5.56 28.32
O3 NAG L . 40.66 -2.88 29.27
O4 NAG L . 43.39 -1.80 28.78
O5 NAG L . 43.97 -5.37 29.14
O6 NAG L . 45.30 -3.93 31.12
O7 NAG L . 40.07 -7.27 29.74
C1 NAG L . 43.06 -0.72 29.67
C2 NAG L . 43.99 0.44 29.33
C3 NAG L . 43.60 1.71 30.12
C4 NAG L . 42.11 2.00 29.99
C5 NAG L . 41.32 0.74 30.34
C6 NAG L . 39.82 0.91 30.17
C7 NAG L . 46.20 -0.40 28.67
C8 NAG L . 47.60 -0.71 29.13
N2 NAG L . 45.38 0.09 29.60
O3 NAG L . 44.36 2.80 29.62
O4 NAG L . 41.71 3.04 30.87
O5 NAG L . 41.72 -0.33 29.48
O6 NAG L . 39.14 -0.33 30.31
O7 NAG L . 45.85 -0.59 27.51
C1 BMA L . 41.04 4.08 30.14
C2 BMA L . 40.27 4.84 31.18
C3 BMA L . 39.61 5.99 30.51
C4 BMA L . 40.70 7.01 30.09
C5 BMA L . 41.88 6.32 29.31
C6 BMA L . 43.23 6.82 29.74
O2 BMA L . 41.14 5.41 32.16
O3 BMA L . 38.49 6.60 31.27
O4 BMA L . 40.08 8.02 29.26
O5 BMA L . 42.03 4.87 29.50
O6 BMA L . 43.73 7.76 28.86
C1 MAN L . 44.31 8.73 29.75
C2 MAN L . 43.29 9.84 29.78
C3 MAN L . 43.15 10.35 28.35
C4 MAN L . 44.53 10.84 27.80
C5 MAN L . 45.56 9.70 27.94
C6 MAN L . 46.98 10.13 27.60
O2 MAN L . 43.75 10.92 30.59
O3 MAN L . 42.05 11.29 28.18
O4 MAN L . 44.42 11.20 26.44
O5 MAN L . 45.56 9.19 29.27
O6 MAN L . 47.34 9.56 26.34
C1 MAN L . 42.42 12.66 28.38
C2 MAN L . 41.25 13.37 29.06
C3 MAN L . 40.03 13.26 28.15
C4 MAN L . 40.35 13.77 26.72
C5 MAN L . 41.63 13.10 26.18
C6 MAN L . 42.11 13.67 24.86
O2 MAN L . 41.51 14.75 29.23
O3 MAN L . 38.91 13.96 28.69
O4 MAN L . 39.28 13.49 25.84
O5 MAN L . 42.69 13.27 27.13
O6 MAN L . 41.00 13.71 23.97
C1 MAN L . 38.50 6.70 32.74
C2 MAN L . 38.00 5.33 33.34
C3 MAN L . 36.51 5.21 33.41
C4 MAN L . 35.94 6.38 34.17
C5 MAN L . 36.26 7.67 33.42
C6 MAN L . 35.71 8.89 34.13
O2 MAN L . 38.44 5.22 34.71
O3 MAN L . 36.11 4.01 34.06
O4 MAN L . 34.53 6.23 34.29
O5 MAN L . 37.71 7.81 33.29
O6 MAN L . 36.04 10.09 33.44
C ACT M . -12.77 -31.29 -20.89
O ACT M . -11.98 -31.47 -19.91
OXT ACT M . -12.70 -30.42 -21.79
CH3 ACT M . -13.94 -32.32 -20.99
C1 GOL N . -4.39 -2.56 -6.07
O1 GOL N . -3.03 -2.51 -6.37
C2 GOL N . -4.52 -2.97 -4.59
O2 GOL N . -3.76 -2.16 -3.77
C3 GOL N . -6.02 -2.82 -4.25
O3 GOL N . -6.51 -4.10 -3.96
C1 NAG O . 2.49 -5.33 -7.31
C2 NAG O . 2.69 -5.05 -8.80
C3 NAG O . 4.16 -5.22 -9.16
C4 NAG O . 5.05 -4.35 -8.26
C5 NAG O . 4.75 -4.71 -6.81
C6 NAG O . 5.54 -3.85 -5.84
C7 NAG O . 1.65 -5.74 -10.91
C8 NAG O . 0.80 -6.75 -11.60
N2 NAG O . 1.88 -5.94 -9.61
O3 NAG O . 4.37 -4.81 -10.53
O4 NAG O . 6.42 -4.61 -8.53
O5 NAG O . 3.37 -4.49 -6.53
O6 NAG O . 5.47 -4.37 -4.52
O7 NAG O . 2.12 -4.77 -11.51
C ACT P . 16.39 15.43 29.59
O ACT P . 16.47 16.69 29.64
OXT ACT P . 15.36 14.71 29.50
CH3 ACT P . 17.74 14.63 29.65
C ACT Q . 18.93 7.89 32.61
O ACT Q . 19.78 7.92 31.68
OXT ACT Q . 17.74 8.32 32.60
CH3 ACT Q . 19.39 7.24 33.95
C1 NAG R . -0.69 1.69 5.43
C2 NAG R . -1.67 2.80 5.77
C3 NAG R . -2.99 2.20 6.21
C4 NAG R . -3.52 1.23 5.16
C5 NAG R . -2.45 0.18 4.88
C6 NAG R . -2.85 -0.81 3.81
C7 NAG R . -1.61 4.85 7.13
C8 NAG R . -0.92 5.58 8.25
N2 NAG R . -1.12 3.65 6.82
O3 NAG R . -3.95 3.23 6.42
O4 NAG R . -4.68 0.57 5.64
O5 NAG R . -1.26 0.82 4.44
O6 NAG R . -1.84 -1.79 3.62
O7 NAG R . -2.57 5.33 6.54
#